data_8FDA
#
_entry.id   8FDA
#
_cell.length_a   86.130
_cell.length_b   152.275
_cell.length_c   171.587
_cell.angle_alpha   90.000
_cell.angle_beta   90.000
_cell.angle_gamma   90.000
#
_symmetry.space_group_name_H-M   'P 21 21 21'
#
loop_
_entity.id
_entity.type
_entity.pdbx_description
1 polymer 'Steroid 17-alpha-hydroxylase/17,20 lyase'
2 non-polymer 'PROTOPORPHYRIN IX CONTAINING FE'
3 non-polymer [(1~{R})-1-[(3~{S},5~{S},8~{R},9~{S},10~{S},13~{S},17~{R})-3-methanoyloxy-10,13-dimethyl-1,2,3,4,5,6,7,8,9,11,12,13,14,15,16,17-hexadecahydrocyclopenta[a]phenanthren-17-yl]ethyl]-methylidyne-azanium
4 water water
#
_entity_poly.entity_id   1
_entity_poly.type   'polypeptide(L)'
_entity_poly.pdbx_seq_one_letter_code
;MAKKTGAKYPKSLLSLPLVGSLPFLPRHGHMHNNFFKLQKKYGPIYSVRMGTKTTVIVGHHQLAKEVLIKKGKDFSGRPQ
MATLDIASNNRKGIAFADSGAHWQLHRRLAMATFALFKDGDQKLEKIICQEISTLCDMLATHNGQSIDISFPVFVAVTNV
ISLICFNTSYKNGDPELNVIQNYNEGIIDNLSKDSLVDLVPWLKIFPNKTLEKLKSHVKIRNDLLNKILENYKEKFRSDS
ITNMLDTLMQAKMNSDNGNAGPDQDSELLSDNHILTTIGDIFGAGVETTTSVVKWTLAFLLHNPQVKKKLYEEIDQNVGF
SRTPTISDRNRLLLLEATIREVLRLRPVAPMLIPHKANVDSSIGEFAVDKGTEVIINLWALHHNEKEWHQPDQFMPERFL
NPAGTQLISPSVSYLPFGAGPRSCIGEILARQELFLIMAWLLQRFDLEVPDDGQLPSLEGIPKVVFLIDSFKVKIKVRQA
WREAQAEGSTHHHH
;
_entity_poly.pdbx_strand_id   A,B,C,D
#
# COMPACT_ATOMS: atom_id res chain seq x y z
N PRO A 10 30.18 25.35 39.82
CA PRO A 10 28.74 25.08 39.69
C PRO A 10 28.45 23.64 39.29
N LYS A 11 27.86 22.85 40.18
CA LYS A 11 27.57 21.46 39.89
C LYS A 11 26.73 21.34 38.62
N SER A 12 26.71 20.14 38.06
CA SER A 12 25.99 19.89 36.82
C SER A 12 25.67 18.41 36.71
N LEU A 13 24.49 18.10 36.19
CA LEU A 13 24.15 16.73 35.88
C LEU A 13 25.23 16.11 35.00
N LEU A 14 25.36 14.79 35.09
CA LEU A 14 26.35 14.09 34.30
C LEU A 14 25.80 13.71 32.93
N SER A 15 26.71 13.57 31.97
CA SER A 15 26.35 13.06 30.66
C SER A 15 26.29 11.54 30.71
N LEU A 16 25.35 10.95 29.98
CA LEU A 16 25.18 9.51 30.04
C LEU A 16 26.34 8.79 29.34
N PRO A 17 26.70 7.61 29.84
CA PRO A 17 27.67 6.78 29.11
C PRO A 17 27.13 6.42 27.73
N LEU A 18 28.01 6.48 26.73
CA LEU A 18 27.66 6.24 25.33
C LEU A 18 28.34 4.97 24.86
N VAL A 19 27.56 3.91 24.67
CA VAL A 19 28.13 2.63 24.23
C VAL A 19 28.16 2.49 22.72
N GLY A 20 27.46 3.35 21.98
CA GLY A 20 27.44 3.28 20.54
C GLY A 20 26.86 4.54 19.93
N SER A 21 27.32 4.89 18.73
CA SER A 21 26.90 6.12 18.07
C SER A 21 27.01 5.96 16.57
N LEU A 22 25.91 6.27 15.87
CA LEU A 22 25.89 6.37 14.42
C LEU A 22 25.38 7.74 14.02
N PRO A 23 25.85 8.30 12.91
CA PRO A 23 25.47 9.67 12.53
C PRO A 23 24.15 9.79 11.78
N PHE A 24 23.47 8.69 11.47
CA PHE A 24 22.13 8.75 10.91
C PHE A 24 21.39 7.48 11.28
N LEU A 25 20.09 7.47 11.00
CA LEU A 25 19.23 6.37 11.44
C LEU A 25 19.30 5.23 10.43
N PRO A 26 19.52 3.99 10.89
CA PRO A 26 19.49 2.85 9.97
C PRO A 26 18.14 2.72 9.29
N ARG A 27 18.17 2.31 8.03
CA ARG A 27 16.98 2.01 7.23
C ARG A 27 16.10 3.22 6.99
N HIS A 28 16.60 4.43 7.25
CA HIS A 28 15.87 5.66 6.97
C HIS A 28 16.64 6.44 5.90
N GLY A 29 16.06 6.56 4.72
CA GLY A 29 16.73 7.19 3.60
C GLY A 29 17.59 6.20 2.84
N HIS A 30 18.08 6.66 1.69
CA HIS A 30 19.02 5.87 0.90
C HIS A 30 20.43 6.07 1.43
N MET A 31 21.12 4.96 1.68
CA MET A 31 22.43 5.05 2.31
C MET A 31 23.36 5.99 1.54
N HIS A 32 23.44 5.81 0.23
CA HIS A 32 24.35 6.64 -0.55
C HIS A 32 24.04 8.12 -0.35
N ASN A 33 22.76 8.48 -0.29
CA ASN A 33 22.42 9.88 -0.05
C ASN A 33 22.69 10.28 1.40
N ASN A 34 22.56 9.34 2.34
CA ASN A 34 22.86 9.67 3.74
C ASN A 34 24.35 9.92 3.93
N PHE A 35 25.20 9.09 3.31
CA PHE A 35 26.65 9.32 3.38
C PHE A 35 27.02 10.66 2.74
N PHE A 36 26.38 10.99 1.63
CA PHE A 36 26.68 12.22 0.91
C PHE A 36 26.31 13.45 1.73
N LYS A 37 25.15 13.41 2.39
CA LYS A 37 24.74 14.52 3.24
C LYS A 37 25.73 14.75 4.38
N LEU A 38 26.33 13.68 4.89
CA LEU A 38 27.29 13.81 5.99
C LEU A 38 28.55 14.56 5.58
N GLN A 39 28.80 14.71 4.28
CA GLN A 39 30.01 15.39 3.82
C GLN A 39 29.98 16.88 4.14
N LYS A 40 28.80 17.46 4.36
CA LYS A 40 28.74 18.84 4.82
C LYS A 40 29.40 18.99 6.19
N LYS A 41 29.30 17.96 7.03
CA LYS A 41 29.80 18.01 8.39
C LYS A 41 31.25 17.53 8.51
N TYR A 42 31.60 16.44 7.83
CA TYR A 42 32.84 15.73 8.11
C TYR A 42 33.85 15.73 6.98
N GLY A 43 33.50 16.26 5.81
CA GLY A 43 34.40 16.25 4.68
C GLY A 43 34.13 15.06 3.77
N PRO A 44 34.92 14.94 2.71
CA PRO A 44 34.65 13.91 1.69
C PRO A 44 35.15 12.52 2.03
N ILE A 45 35.76 12.31 3.19
CA ILE A 45 36.26 10.98 3.55
C ILE A 45 36.23 10.84 5.06
N TYR A 46 35.61 9.76 5.53
CA TYR A 46 35.48 9.49 6.96
C TYR A 46 35.32 7.99 7.12
N SER A 47 35.27 7.55 8.37
CA SER A 47 35.19 6.13 8.67
C SER A 47 34.12 5.86 9.72
N VAL A 48 33.67 4.61 9.74
CA VAL A 48 32.73 4.10 10.73
C VAL A 48 33.18 2.70 11.12
N ARG A 49 33.06 2.38 12.40
CA ARG A 49 33.47 1.10 12.95
C ARG A 49 32.23 0.31 13.37
N MET A 50 32.15 -0.94 12.94
CA MET A 50 31.06 -1.85 13.29
C MET A 50 31.69 -3.11 13.87
N GLY A 51 31.72 -3.19 15.21
CA GLY A 51 32.45 -4.25 15.86
C GLY A 51 33.93 -4.03 15.73
N THR A 52 34.61 -4.89 14.98
CA THR A 52 36.04 -4.74 14.73
C THR A 52 36.33 -4.24 13.32
N LYS A 53 35.34 -4.28 12.42
CA LYS A 53 35.54 -3.83 11.05
C LYS A 53 35.38 -2.33 10.96
N THR A 54 36.40 -1.66 10.41
CA THR A 54 36.32 -0.25 10.10
C THR A 54 36.10 -0.08 8.61
N THR A 55 35.17 0.80 8.25
CA THR A 55 34.84 1.08 6.86
C THR A 55 35.12 2.54 6.56
N VAL A 56 35.63 2.81 5.36
CA VAL A 56 35.93 4.16 4.92
C VAL A 56 35.07 4.50 3.72
N ILE A 57 34.45 5.67 3.74
CA ILE A 57 33.59 6.15 2.66
C ILE A 57 34.26 7.34 2.01
N VAL A 58 34.35 7.31 0.68
CA VAL A 58 35.07 8.30 -0.11
C VAL A 58 34.07 8.95 -1.07
N GLY A 59 34.00 10.28 -1.02
CA GLY A 59 32.95 10.97 -1.77
C GLY A 59 33.39 12.14 -2.62
N HIS A 60 34.66 12.18 -2.99
CA HIS A 60 35.18 13.16 -3.93
C HIS A 60 35.95 12.46 -5.04
N HIS A 61 35.87 13.00 -6.25
CA HIS A 61 36.48 12.31 -7.38
C HIS A 61 37.99 12.27 -7.27
N GLN A 62 38.60 13.29 -6.65
CA GLN A 62 40.04 13.24 -6.41
C GLN A 62 40.40 11.97 -5.63
N LEU A 63 39.80 11.80 -4.47
CA LEU A 63 40.13 10.64 -3.63
C LEU A 63 39.64 9.33 -4.24
N ALA A 64 38.53 9.37 -4.99
CA ALA A 64 38.04 8.16 -5.63
C ALA A 64 39.02 7.67 -6.68
N LYS A 65 39.67 8.58 -7.40
CA LYS A 65 40.63 8.19 -8.42
C LYS A 65 41.91 7.65 -7.78
N GLU A 66 42.26 8.12 -6.58
CA GLU A 66 43.40 7.55 -5.88
C GLU A 66 43.10 6.13 -5.44
N VAL A 67 41.85 5.85 -5.06
CA VAL A 67 41.49 4.51 -4.62
C VAL A 67 41.36 3.56 -5.80
N LEU A 68 40.79 4.04 -6.89
CA LEU A 68 40.48 3.15 -8.01
C LEU A 68 41.62 3.01 -9.00
N ILE A 69 42.46 4.04 -9.15
CA ILE A 69 43.46 4.05 -10.22
C ILE A 69 44.87 4.16 -9.65
N LYS A 70 45.23 5.37 -9.19
CA LYS A 70 46.58 5.60 -8.69
C LYS A 70 47.05 4.47 -7.77
N LYS A 71 46.18 4.00 -6.89
CA LYS A 71 46.47 2.89 -5.99
C LYS A 71 45.50 1.74 -6.21
N GLY A 72 45.12 1.50 -7.47
CA GLY A 72 44.08 0.51 -7.75
C GLY A 72 44.40 -0.86 -7.19
N LYS A 73 45.65 -1.29 -7.31
CA LYS A 73 46.01 -2.64 -6.86
C LYS A 73 45.98 -2.74 -5.35
N ASP A 74 46.27 -1.64 -4.64
CA ASP A 74 46.22 -1.66 -3.18
C ASP A 74 44.79 -1.86 -2.69
N PHE A 75 43.81 -1.30 -3.39
CA PHE A 75 42.42 -1.32 -2.96
C PHE A 75 41.54 -2.18 -3.87
N SER A 76 42.12 -3.22 -4.45
CA SER A 76 41.40 -4.07 -5.40
C SER A 76 40.69 -5.24 -4.73
N GLY A 77 40.87 -5.43 -3.44
CA GLY A 77 40.25 -6.54 -2.75
C GLY A 77 38.75 -6.34 -2.60
N ARG A 78 38.12 -7.40 -2.10
CA ARG A 78 36.71 -7.41 -1.79
C ARG A 78 36.52 -7.89 -0.35
N PRO A 79 35.67 -7.23 0.43
CA PRO A 79 35.38 -7.73 1.77
C PRO A 79 34.50 -8.97 1.68
N GLN A 80 34.69 -9.87 2.65
CA GLN A 80 33.89 -11.08 2.73
C GLN A 80 32.57 -10.77 3.44
N MET A 81 31.46 -11.14 2.81
CA MET A 81 30.13 -10.95 3.38
C MET A 81 29.39 -12.27 3.34
N ALA A 82 28.58 -12.52 4.38
CA ALA A 82 27.88 -13.79 4.45
C ALA A 82 26.93 -13.98 3.28
N THR A 83 26.33 -12.89 2.79
CA THR A 83 25.40 -12.97 1.68
C THR A 83 26.14 -13.23 0.36
N LEU A 84 27.21 -12.48 0.12
CA LEU A 84 27.94 -12.63 -1.12
C LEU A 84 28.64 -13.97 -1.19
N ASP A 85 28.99 -14.55 -0.04
CA ASP A 85 29.55 -15.89 -0.05
C ASP A 85 28.60 -16.87 -0.72
N ILE A 86 27.33 -16.83 -0.35
CA ILE A 86 26.35 -17.74 -0.93
C ILE A 86 26.23 -17.50 -2.42
N ALA A 87 26.10 -16.23 -2.82
CA ALA A 87 25.88 -15.92 -4.22
C ALA A 87 27.09 -16.27 -5.08
N SER A 88 28.29 -16.12 -4.54
CA SER A 88 29.52 -16.33 -5.29
C SER A 88 30.10 -17.72 -5.08
N ASN A 89 29.35 -18.63 -4.46
CA ASN A 89 29.85 -19.96 -4.18
C ASN A 89 31.20 -19.88 -3.48
N ASN A 90 31.25 -19.09 -2.41
CA ASN A 90 32.45 -18.90 -1.58
C ASN A 90 33.53 -18.10 -2.32
N ARG A 91 33.13 -16.94 -2.85
CA ARG A 91 34.05 -15.97 -3.44
C ARG A 91 34.73 -16.51 -4.69
N LYS A 92 33.98 -17.25 -5.49
CA LYS A 92 34.39 -17.56 -6.85
C LYS A 92 33.82 -16.49 -7.78
N GLY A 93 33.93 -16.70 -9.09
CA GLY A 93 33.46 -15.70 -10.03
C GLY A 93 34.42 -14.52 -10.12
N ILE A 94 33.86 -13.35 -10.43
CA ILE A 94 34.68 -12.17 -10.67
C ILE A 94 34.30 -11.04 -9.71
N ALA A 95 33.02 -10.65 -9.71
CA ALA A 95 32.63 -9.43 -9.02
C ALA A 95 32.87 -9.51 -7.52
N PHE A 96 32.61 -10.67 -6.91
CA PHE A 96 32.71 -10.81 -5.47
C PHE A 96 33.87 -11.68 -5.03
N ALA A 97 34.75 -12.06 -5.95
CA ALA A 97 35.98 -12.75 -5.59
C ALA A 97 37.02 -11.73 -5.14
N ASP A 98 37.78 -12.12 -4.12
CA ASP A 98 38.87 -11.28 -3.65
C ASP A 98 40.00 -11.23 -4.67
N SER A 99 40.71 -10.11 -4.71
CA SER A 99 41.91 -10.02 -5.52
C SER A 99 42.81 -11.22 -5.22
N GLY A 100 43.31 -11.84 -6.28
CA GLY A 100 44.02 -13.09 -6.14
C GLY A 100 44.12 -13.76 -7.49
N ALA A 101 44.79 -14.91 -7.50
CA ALA A 101 45.02 -15.59 -8.77
C ALA A 101 43.68 -16.05 -9.37
N HIS A 102 42.75 -16.50 -8.54
CA HIS A 102 41.43 -16.88 -9.02
C HIS A 102 40.81 -15.74 -9.82
N TRP A 103 40.71 -14.56 -9.19
CA TRP A 103 40.02 -13.44 -9.84
C TRP A 103 40.84 -12.90 -11.02
N GLN A 104 42.16 -12.83 -10.88
CA GLN A 104 42.99 -12.31 -11.95
C GLN A 104 42.82 -13.11 -13.24
N LEU A 105 42.75 -14.44 -13.12
CA LEU A 105 42.64 -15.25 -14.32
C LEU A 105 41.23 -15.16 -14.93
N HIS A 106 40.21 -15.48 -14.14
CA HIS A 106 38.86 -15.51 -14.68
C HIS A 106 38.45 -14.16 -15.24
N ARG A 107 38.86 -13.07 -14.59
CA ARG A 107 38.60 -11.74 -15.13
C ARG A 107 39.23 -11.57 -16.51
N ARG A 108 40.49 -11.97 -16.63
CA ARG A 108 41.20 -11.83 -17.91
C ARG A 108 40.58 -12.72 -18.98
N LEU A 109 40.31 -13.98 -18.66
CA LEU A 109 39.69 -14.86 -19.64
C LEU A 109 38.33 -14.31 -20.08
N ALA A 110 37.58 -13.73 -19.15
CA ALA A 110 36.28 -13.14 -19.50
C ALA A 110 36.47 -11.97 -20.46
N MET A 111 37.37 -11.04 -20.11
CA MET A 111 37.65 -9.93 -21.02
C MET A 111 38.11 -10.42 -22.38
N ALA A 112 38.85 -11.54 -22.41
CA ALA A 112 39.34 -12.07 -23.67
C ALA A 112 38.23 -12.66 -24.52
N THR A 113 37.12 -13.09 -23.91
CA THR A 113 36.03 -13.65 -24.70
C THR A 113 35.41 -12.59 -25.60
N PHE A 114 35.32 -11.34 -25.15
CA PHE A 114 34.67 -10.31 -25.94
C PHE A 114 35.41 -10.02 -27.25
N ALA A 115 36.64 -10.49 -27.39
CA ALA A 115 37.36 -10.39 -28.65
C ALA A 115 36.92 -11.47 -29.64
N LEU A 116 36.30 -12.56 -29.17
CA LEU A 116 35.70 -13.54 -30.06
C LEU A 116 34.51 -12.96 -30.80
N PHE A 117 33.95 -11.85 -30.30
CA PHE A 117 32.82 -11.17 -30.89
C PHE A 117 33.20 -9.76 -31.34
N LYS A 118 34.48 -9.54 -31.61
CA LYS A 118 34.93 -8.24 -32.10
C LYS A 118 34.28 -7.91 -33.43
N ASP A 119 34.49 -8.75 -34.44
CA ASP A 119 33.93 -8.54 -35.77
C ASP A 119 33.74 -9.89 -36.45
N GLY A 120 33.04 -9.86 -37.59
CA GLY A 120 32.71 -11.06 -38.35
C GLY A 120 31.21 -11.30 -38.37
N ASP A 121 30.83 -12.58 -38.29
CA ASP A 121 29.42 -12.92 -38.15
C ASP A 121 28.96 -12.81 -36.70
N GLN A 122 29.88 -13.00 -35.75
CA GLN A 122 29.57 -12.86 -34.34
C GLN A 122 29.70 -11.43 -33.84
N LYS A 123 29.87 -10.46 -34.75
CA LYS A 123 29.94 -9.07 -34.35
C LYS A 123 28.82 -8.77 -33.37
N LEU A 124 29.18 -8.26 -32.20
CA LEU A 124 28.19 -7.98 -31.17
C LEU A 124 26.99 -7.23 -31.72
N GLU A 125 27.24 -6.21 -32.54
CA GLU A 125 26.14 -5.43 -33.09
C GLU A 125 25.12 -6.32 -33.79
N LYS A 126 25.58 -7.39 -34.43
CA LYS A 126 24.67 -8.29 -35.13
C LYS A 126 23.90 -9.16 -34.15
N ILE A 127 24.58 -9.70 -33.15
CA ILE A 127 23.89 -10.47 -32.11
C ILE A 127 22.82 -9.63 -31.44
N ILE A 128 23.15 -8.36 -31.14
CA ILE A 128 22.22 -7.50 -30.43
C ILE A 128 21.03 -7.16 -31.33
N CYS A 129 21.31 -6.69 -32.54
CA CYS A 129 20.23 -6.26 -33.42
C CYS A 129 19.27 -7.40 -33.73
N GLN A 130 19.74 -8.65 -33.70
CA GLN A 130 18.86 -9.77 -33.96
C GLN A 130 17.82 -9.92 -32.85
N GLU A 131 18.28 -9.91 -31.60
CA GLU A 131 17.35 -9.99 -30.48
C GLU A 131 16.46 -8.75 -30.39
N ILE A 132 17.03 -7.58 -30.69
CA ILE A 132 16.22 -6.36 -30.66
C ILE A 132 15.10 -6.46 -31.68
N SER A 133 15.40 -7.01 -32.86
CA SER A 133 14.35 -7.24 -33.85
C SER A 133 13.26 -8.14 -33.29
N THR A 134 13.67 -9.24 -32.66
CA THR A 134 12.70 -10.13 -32.00
C THR A 134 11.87 -9.35 -30.98
N LEU A 135 12.53 -8.53 -30.16
CA LEU A 135 11.82 -7.80 -29.12
C LEU A 135 10.82 -6.81 -29.71
N CYS A 136 11.25 -6.05 -30.72
CA CYS A 136 10.35 -5.05 -31.29
C CYS A 136 9.14 -5.70 -31.93
N ASP A 137 9.31 -6.88 -32.52
CA ASP A 137 8.18 -7.59 -33.09
C ASP A 137 7.18 -7.98 -32.01
N MET A 138 7.64 -8.61 -30.94
CA MET A 138 6.74 -8.96 -29.84
C MET A 138 6.04 -7.72 -29.31
N LEU A 139 6.80 -6.64 -29.08
CA LEU A 139 6.18 -5.43 -28.55
C LEU A 139 5.07 -4.92 -29.46
N ALA A 140 5.25 -5.05 -30.77
CA ALA A 140 4.28 -4.50 -31.71
C ALA A 140 2.94 -5.20 -31.63
N THR A 141 2.90 -6.44 -31.17
CA THR A 141 1.61 -7.11 -31.00
C THR A 141 0.78 -6.45 -29.90
N HIS A 142 1.41 -5.71 -29.00
CA HIS A 142 0.72 -5.01 -27.93
C HIS A 142 0.31 -3.59 -28.32
N ASN A 143 0.22 -3.32 -29.62
CA ASN A 143 -0.19 -2.00 -30.10
C ASN A 143 -1.46 -1.54 -29.37
N GLY A 144 -1.40 -0.34 -28.81
CA GLY A 144 -2.54 0.26 -28.16
C GLY A 144 -2.75 -0.16 -26.72
N GLN A 145 -1.85 -0.95 -26.15
CA GLN A 145 -1.99 -1.46 -24.79
C GLN A 145 -0.88 -0.89 -23.91
N SER A 146 -1.16 -0.85 -22.61
CA SER A 146 -0.17 -0.47 -21.60
C SER A 146 0.41 -1.73 -20.98
N ILE A 147 1.75 -1.84 -21.01
CA ILE A 147 2.43 -3.07 -20.60
C ILE A 147 3.67 -2.72 -19.77
N ASP A 148 4.11 -3.70 -18.99
CA ASP A 148 5.40 -3.66 -18.31
C ASP A 148 6.42 -4.37 -19.20
N ILE A 149 7.42 -3.62 -19.66
CA ILE A 149 8.37 -4.15 -20.64
C ILE A 149 9.57 -4.80 -19.97
N SER A 150 9.49 -5.03 -18.66
CA SER A 150 10.62 -5.62 -17.95
C SER A 150 11.00 -6.99 -18.55
N PHE A 151 10.02 -7.89 -18.70
CA PHE A 151 10.36 -9.25 -19.11
C PHE A 151 10.81 -9.30 -20.57
N PRO A 152 10.11 -8.69 -21.54
CA PRO A 152 10.61 -8.70 -22.92
C PRO A 152 12.05 -8.26 -23.04
N VAL A 153 12.45 -7.21 -22.32
CA VAL A 153 13.85 -6.77 -22.36
C VAL A 153 14.75 -7.81 -21.70
N PHE A 154 14.36 -8.28 -20.51
CA PHE A 154 15.10 -9.34 -19.82
C PHE A 154 15.41 -10.50 -20.77
N VAL A 155 14.43 -10.90 -21.58
CA VAL A 155 14.64 -12.02 -22.49
C VAL A 155 15.63 -11.66 -23.58
N ALA A 156 15.53 -10.44 -24.12
CA ALA A 156 16.44 -10.04 -25.19
C ALA A 156 17.88 -10.07 -24.72
N VAL A 157 18.17 -9.37 -23.62
CA VAL A 157 19.55 -9.31 -23.14
C VAL A 157 20.02 -10.68 -22.65
N THR A 158 19.11 -11.50 -22.12
CA THR A 158 19.51 -12.84 -21.71
C THR A 158 19.95 -13.68 -22.90
N ASN A 159 19.32 -13.47 -24.06
CA ASN A 159 19.71 -14.22 -25.26
C ASN A 159 21.04 -13.74 -25.79
N VAL A 160 21.27 -12.43 -25.76
CA VAL A 160 22.56 -11.89 -26.20
C VAL A 160 23.67 -12.45 -25.34
N ILE A 161 23.43 -12.61 -24.04
CA ILE A 161 24.46 -13.08 -23.13
C ILE A 161 24.66 -14.58 -23.28
N SER A 162 23.58 -15.34 -23.46
CA SER A 162 23.72 -16.77 -23.67
C SER A 162 24.46 -17.07 -24.96
N LEU A 163 24.33 -16.20 -25.95
CA LEU A 163 25.08 -16.36 -27.19
C LEU A 163 26.56 -16.08 -26.97
N ILE A 164 26.88 -15.11 -26.11
CA ILE A 164 28.29 -14.83 -25.83
C ILE A 164 28.89 -15.95 -24.99
N CYS A 165 28.08 -16.62 -24.17
CA CYS A 165 28.62 -17.60 -23.24
C CYS A 165 28.62 -19.02 -23.80
N PHE A 166 27.56 -19.39 -24.54
CA PHE A 166 27.41 -20.75 -25.03
C PHE A 166 27.05 -20.84 -26.51
N ASN A 167 26.90 -19.71 -27.21
CA ASN A 167 26.40 -19.69 -28.58
C ASN A 167 25.00 -20.28 -28.69
N THR A 168 24.28 -20.35 -27.57
CA THR A 168 22.89 -20.80 -27.54
C THR A 168 21.98 -19.62 -27.24
N SER A 169 20.72 -19.75 -27.67
CA SER A 169 19.72 -18.73 -27.42
C SER A 169 18.40 -19.43 -27.10
N TYR A 170 17.53 -18.70 -26.42
CA TYR A 170 16.26 -19.27 -26.03
C TYR A 170 15.20 -19.04 -27.09
N LYS A 171 14.22 -19.92 -27.08
CA LYS A 171 13.08 -19.90 -27.98
C LYS A 171 11.90 -19.28 -27.26
N ASN A 172 11.09 -18.53 -28.00
CA ASN A 172 9.92 -17.89 -27.40
C ASN A 172 9.17 -18.88 -26.52
N GLY A 173 8.98 -18.50 -25.26
CA GLY A 173 8.20 -19.30 -24.34
C GLY A 173 8.96 -20.35 -23.57
N ASP A 174 10.26 -20.53 -23.84
CA ASP A 174 11.03 -21.52 -23.09
C ASP A 174 10.88 -21.23 -21.60
N PRO A 175 10.25 -22.12 -20.83
CA PRO A 175 10.00 -21.81 -19.41
C PRO A 175 11.27 -21.53 -18.62
N GLU A 176 12.43 -21.90 -19.15
CA GLU A 176 13.67 -21.60 -18.43
C GLU A 176 13.81 -20.12 -18.16
N LEU A 177 13.31 -19.27 -19.05
CA LEU A 177 13.46 -17.83 -18.88
C LEU A 177 12.70 -17.34 -17.66
N ASN A 178 11.55 -17.95 -17.38
CA ASN A 178 10.81 -17.62 -16.16
C ASN A 178 11.50 -18.17 -14.93
N VAL A 179 12.17 -19.32 -15.05
CA VAL A 179 12.90 -19.87 -13.91
C VAL A 179 14.07 -18.97 -13.53
N ILE A 180 14.79 -18.46 -14.53
CA ILE A 180 15.92 -17.58 -14.22
C ILE A 180 15.40 -16.27 -13.63
N GLN A 181 14.43 -15.65 -14.30
CA GLN A 181 13.76 -14.47 -13.78
C GLN A 181 13.42 -14.66 -12.31
N ASN A 182 12.95 -15.86 -11.95
CA ASN A 182 12.47 -16.08 -10.59
C ASN A 182 13.60 -16.12 -9.58
N TYR A 183 14.72 -16.76 -9.92
CA TYR A 183 15.81 -16.81 -8.95
C TYR A 183 16.72 -15.59 -9.02
N ASN A 184 16.72 -14.85 -10.13
CA ASN A 184 17.35 -13.53 -10.13
C ASN A 184 16.61 -12.59 -9.18
N GLU A 185 15.29 -12.48 -9.37
CA GLU A 185 14.43 -11.74 -8.44
C GLU A 185 14.74 -12.12 -7.00
N GLY A 186 14.73 -13.43 -6.71
CA GLY A 186 14.88 -13.87 -5.34
C GLY A 186 16.20 -13.45 -4.73
N ILE A 187 17.29 -13.61 -5.48
CA ILE A 187 18.61 -13.32 -4.91
C ILE A 187 18.80 -11.81 -4.74
N ILE A 188 18.29 -11.02 -5.69
CA ILE A 188 18.44 -9.58 -5.58
C ILE A 188 17.59 -9.03 -4.44
N ASP A 189 16.46 -9.67 -4.16
CA ASP A 189 15.60 -9.22 -3.08
C ASP A 189 16.20 -9.55 -1.71
N ASN A 190 17.01 -10.60 -1.62
CA ASN A 190 17.53 -11.08 -0.35
C ASN A 190 19.00 -10.75 -0.11
N LEU A 191 19.73 -10.26 -1.12
CA LEU A 191 21.15 -10.10 -0.91
C LEU A 191 21.49 -8.88 -0.05
N SER A 192 20.83 -7.76 -0.31
CA SER A 192 21.14 -6.53 0.40
C SER A 192 20.01 -5.54 0.20
N LYS A 193 19.82 -4.68 1.20
CA LYS A 193 18.81 -3.64 1.14
C LYS A 193 19.41 -2.26 0.98
N ASP A 194 20.71 -2.17 0.72
CA ASP A 194 21.35 -0.85 0.68
C ASP A 194 22.65 -0.82 -0.12
N SER A 195 22.59 -1.18 -1.39
CA SER A 195 23.71 -1.01 -2.31
C SER A 195 24.96 -1.74 -1.81
N LEU A 196 24.76 -2.90 -1.19
CA LEU A 196 25.82 -3.75 -0.66
C LEU A 196 26.57 -3.11 0.50
N VAL A 197 26.14 -1.94 0.98
CA VAL A 197 26.74 -1.30 2.13
C VAL A 197 25.74 -1.43 3.28
N ASP A 198 25.92 -2.47 4.09
CA ASP A 198 25.01 -2.79 5.19
C ASP A 198 25.78 -2.52 6.48
N LEU A 199 25.62 -1.30 7.00
CA LEU A 199 26.36 -0.90 8.20
C LEU A 199 26.12 -1.88 9.35
N VAL A 200 24.88 -1.93 9.84
CA VAL A 200 24.53 -2.80 10.96
C VAL A 200 24.30 -4.22 10.45
N PRO A 201 24.82 -5.25 11.13
CA PRO A 201 24.64 -6.64 10.66
C PRO A 201 23.39 -7.30 11.26
N TRP A 202 22.22 -6.77 10.90
CA TRP A 202 20.98 -7.29 11.45
C TRP A 202 20.86 -8.80 11.22
N LEU A 203 21.48 -9.30 10.15
CA LEU A 203 21.36 -10.71 9.83
C LEU A 203 21.89 -11.61 10.94
N LYS A 204 22.83 -11.11 11.73
CA LYS A 204 23.49 -11.90 12.76
C LYS A 204 22.99 -11.59 14.16
N ILE A 205 22.10 -10.61 14.31
CA ILE A 205 21.62 -10.19 15.62
C ILE A 205 20.29 -10.84 15.96
N PHE A 206 19.37 -10.87 15.01
CA PHE A 206 18.03 -11.41 15.21
C PHE A 206 17.82 -12.66 14.38
N PRO A 207 16.85 -13.50 14.75
CA PRO A 207 16.60 -14.71 13.95
C PRO A 207 15.88 -14.39 12.65
N ASN A 208 16.44 -14.88 11.55
CA ASN A 208 15.91 -14.60 10.22
C ASN A 208 16.22 -15.78 9.31
N LYS A 209 15.68 -15.71 8.08
CA LYS A 209 15.88 -16.76 7.10
C LYS A 209 16.51 -16.21 5.81
N THR A 210 17.16 -15.05 5.90
CA THR A 210 17.73 -14.44 4.70
C THR A 210 18.73 -15.37 4.03
N LEU A 211 19.66 -15.93 4.79
CA LEU A 211 20.66 -16.81 4.21
C LEU A 211 20.04 -18.11 3.72
N GLU A 212 18.99 -18.59 4.39
CA GLU A 212 18.34 -19.82 3.96
C GLU A 212 17.56 -19.60 2.66
N LYS A 213 16.94 -18.44 2.50
CA LYS A 213 16.30 -18.11 1.22
C LYS A 213 17.34 -17.99 0.11
N LEU A 214 18.46 -17.32 0.41
CA LEU A 214 19.48 -17.12 -0.61
C LEU A 214 20.04 -18.43 -1.11
N LYS A 215 20.20 -19.41 -0.22
CA LYS A 215 20.68 -20.72 -0.64
C LYS A 215 19.68 -21.42 -1.56
N SER A 216 18.39 -21.33 -1.24
CA SER A 216 17.38 -21.97 -2.07
C SER A 216 17.45 -21.47 -3.51
N HIS A 217 17.53 -20.14 -3.68
CA HIS A 217 17.58 -19.59 -5.03
C HIS A 217 18.88 -19.95 -5.73
N VAL A 218 20.01 -19.87 -5.03
CA VAL A 218 21.30 -20.18 -5.64
C VAL A 218 21.42 -21.65 -5.98
N LYS A 219 20.69 -22.52 -5.28
CA LYS A 219 20.70 -23.93 -5.63
C LYS A 219 20.05 -24.17 -6.99
N ILE A 220 18.95 -23.47 -7.27
CA ILE A 220 18.31 -23.61 -8.57
C ILE A 220 19.21 -23.04 -9.66
N ARG A 221 19.89 -21.94 -9.37
CA ARG A 221 20.79 -21.34 -10.35
C ARG A 221 21.95 -22.29 -10.66
N ASN A 222 22.62 -22.77 -9.62
CA ASN A 222 23.77 -23.63 -9.81
C ASN A 222 23.40 -24.90 -10.56
N ASP A 223 22.28 -25.52 -10.17
CA ASP A 223 21.85 -26.76 -10.83
C ASP A 223 21.51 -26.54 -12.30
N LEU A 224 20.97 -25.36 -12.63
CA LEU A 224 20.65 -25.06 -14.02
C LEU A 224 21.92 -24.86 -14.84
N LEU A 225 22.86 -24.08 -14.32
CA LEU A 225 24.12 -23.87 -15.02
C LEU A 225 24.90 -25.16 -15.15
N ASN A 226 24.88 -25.98 -14.10
CA ASN A 226 25.59 -27.25 -14.14
C ASN A 226 25.06 -28.15 -15.25
N LYS A 227 23.74 -28.17 -15.44
CA LYS A 227 23.18 -28.97 -16.53
C LYS A 227 23.69 -28.49 -17.88
N ILE A 228 23.85 -27.18 -18.05
CA ILE A 228 24.37 -26.65 -19.32
C ILE A 228 25.86 -26.97 -19.45
N LEU A 229 26.62 -26.80 -18.37
CA LEU A 229 28.06 -27.01 -18.46
C LEU A 229 28.39 -28.48 -18.70
N GLU A 230 27.53 -29.40 -18.27
CA GLU A 230 27.78 -30.82 -18.52
C GLU A 230 27.41 -31.20 -19.94
N ASN A 231 26.21 -30.83 -20.40
CA ASN A 231 25.85 -31.09 -21.78
C ASN A 231 26.81 -30.44 -22.76
N TYR A 232 27.62 -29.48 -22.29
CA TYR A 232 28.61 -28.83 -23.15
C TYR A 232 29.95 -29.55 -23.17
N LYS A 233 30.22 -30.43 -22.19
CA LYS A 233 31.48 -31.15 -22.16
C LYS A 233 31.62 -32.10 -23.35
N GLU A 234 30.50 -32.50 -23.94
CA GLU A 234 30.53 -33.30 -25.16
C GLU A 234 30.59 -32.45 -26.42
N LYS A 235 30.06 -31.23 -26.36
CA LYS A 235 30.06 -30.34 -27.52
C LYS A 235 31.41 -29.69 -27.76
N PHE A 236 32.29 -29.70 -26.76
CA PHE A 236 33.48 -28.87 -26.83
C PHE A 236 34.48 -29.41 -27.84
N ARG A 237 35.15 -28.49 -28.54
CA ARG A 237 36.20 -28.80 -29.49
C ARG A 237 37.31 -27.78 -29.31
N SER A 238 38.52 -28.26 -29.03
CA SER A 238 39.66 -27.37 -28.86
C SER A 238 39.95 -26.53 -30.10
N ASP A 239 39.42 -26.94 -31.25
CA ASP A 239 39.58 -26.18 -32.48
C ASP A 239 38.57 -25.06 -32.60
N SER A 240 37.45 -25.17 -31.89
CA SER A 240 36.34 -24.22 -32.00
C SER A 240 36.14 -23.55 -30.65
N ILE A 241 36.89 -22.48 -30.41
CA ILE A 241 36.65 -21.60 -29.28
C ILE A 241 35.95 -20.37 -29.85
N THR A 242 34.70 -20.18 -29.44
CA THR A 242 33.85 -19.16 -30.04
C THR A 242 33.00 -18.44 -29.01
N ASN A 243 33.03 -18.87 -27.75
CA ASN A 243 32.17 -18.31 -26.72
C ASN A 243 32.95 -18.30 -25.41
N MET A 244 32.31 -17.80 -24.36
CA MET A 244 33.00 -17.69 -23.08
C MET A 244 33.31 -19.06 -22.50
N LEU A 245 32.39 -20.02 -22.64
CA LEU A 245 32.63 -21.34 -22.07
C LEU A 245 33.82 -22.02 -22.72
N ASP A 246 33.98 -21.85 -24.03
CA ASP A 246 35.15 -22.40 -24.71
C ASP A 246 36.43 -21.81 -24.14
N THR A 247 36.48 -20.48 -24.07
CA THR A 247 37.65 -19.80 -23.52
C THR A 247 38.06 -20.43 -22.18
N LEU A 248 37.08 -20.63 -21.29
CA LEU A 248 37.40 -21.17 -19.97
C LEU A 248 37.81 -22.64 -20.06
N MET A 249 37.03 -23.45 -20.78
CA MET A 249 37.38 -24.87 -20.90
C MET A 249 38.75 -25.06 -21.52
N GLN A 250 39.09 -24.22 -22.49
CA GLN A 250 40.41 -24.29 -23.12
C GLN A 250 41.51 -24.10 -22.08
N ALA A 251 41.45 -23.00 -21.33
CA ALA A 251 42.51 -22.73 -20.35
C ALA A 251 42.66 -23.88 -19.38
N LYS A 252 41.54 -24.52 -19.01
CA LYS A 252 41.61 -25.68 -18.13
C LYS A 252 42.44 -26.79 -18.77
N MET A 253 42.24 -27.05 -20.06
CA MET A 253 43.00 -28.07 -20.76
C MET A 253 44.47 -27.68 -20.85
N ASN A 254 44.76 -26.42 -21.21
CA ASN A 254 46.14 -25.99 -21.39
C ASN A 254 46.91 -25.96 -20.07
N SER A 255 46.21 -25.91 -18.94
CA SER A 255 46.86 -25.96 -17.63
C SER A 255 47.27 -27.39 -17.31
N ASP A 265 46.10 -22.06 -14.28
CA ASP A 265 46.17 -23.38 -13.66
C ASP A 265 44.80 -24.08 -13.65
N SER A 266 44.81 -25.38 -13.37
CA SER A 266 43.58 -26.16 -13.32
C SER A 266 42.90 -26.13 -11.96
N GLU A 267 43.64 -25.77 -10.90
CA GLU A 267 42.99 -25.50 -9.62
C GLU A 267 42.05 -24.32 -9.73
N LEU A 268 42.43 -23.31 -10.51
CA LEU A 268 41.64 -22.09 -10.63
C LEU A 268 40.44 -22.28 -11.55
N LEU A 269 40.58 -23.11 -12.58
CA LEU A 269 39.53 -23.37 -13.55
C LEU A 269 38.74 -24.63 -13.23
N SER A 270 38.56 -24.95 -11.95
CA SER A 270 37.67 -26.01 -11.54
C SER A 270 36.28 -25.79 -12.11
N ASP A 271 35.41 -26.80 -12.03
CA ASP A 271 34.10 -26.70 -12.66
C ASP A 271 33.19 -25.72 -11.92
N ASN A 272 33.31 -25.68 -10.58
CA ASN A 272 32.54 -24.68 -9.83
C ASN A 272 33.04 -23.27 -10.10
N HIS A 273 34.36 -23.10 -10.21
CA HIS A 273 34.91 -21.81 -10.57
C HIS A 273 34.38 -21.35 -11.92
N ILE A 274 34.34 -22.25 -12.91
CA ILE A 274 33.83 -21.90 -14.23
C ILE A 274 32.35 -21.55 -14.14
N LEU A 275 31.57 -22.39 -13.47
CA LEU A 275 30.14 -22.15 -13.32
C LEU A 275 29.86 -20.78 -12.72
N THR A 276 30.52 -20.47 -11.60
CA THR A 276 30.27 -19.21 -10.91
C THR A 276 30.69 -18.02 -11.77
N THR A 277 31.79 -18.16 -12.51
CA THR A 277 32.21 -17.05 -13.38
C THR A 277 31.19 -16.82 -14.48
N ILE A 278 30.58 -17.89 -15.01
CA ILE A 278 29.54 -17.70 -16.02
C ILE A 278 28.30 -17.07 -15.39
N GLY A 279 27.94 -17.49 -14.18
CA GLY A 279 26.79 -16.92 -13.52
C GLY A 279 26.91 -15.42 -13.31
N ASP A 280 28.11 -14.96 -12.97
CA ASP A 280 28.34 -13.52 -12.79
C ASP A 280 28.08 -12.77 -14.09
N ILE A 281 28.68 -13.23 -15.19
CA ILE A 281 28.48 -12.57 -16.48
C ILE A 281 27.00 -12.51 -16.81
N PHE A 282 26.29 -13.62 -16.59
CA PHE A 282 24.87 -13.65 -16.89
C PHE A 282 24.10 -12.65 -16.03
N GLY A 283 24.24 -12.75 -14.71
CA GLY A 283 23.54 -11.83 -13.84
C GLY A 283 23.93 -10.40 -14.09
N ALA A 284 25.22 -10.15 -14.29
CA ALA A 284 25.70 -8.80 -14.55
C ALA A 284 25.16 -8.27 -15.87
N GLY A 285 25.12 -9.11 -16.89
CA GLY A 285 24.73 -8.65 -18.22
C GLY A 285 23.25 -8.42 -18.37
N VAL A 286 22.43 -9.13 -17.60
CA VAL A 286 20.98 -9.02 -17.74
C VAL A 286 20.41 -7.96 -16.82
N GLU A 287 20.79 -8.00 -15.54
CA GLU A 287 20.15 -7.14 -14.54
C GLU A 287 20.53 -5.68 -14.74
N THR A 288 21.82 -5.41 -14.96
CA THR A 288 22.25 -4.03 -15.18
C THR A 288 21.56 -3.44 -16.40
N THR A 289 21.70 -4.11 -17.55
CA THR A 289 21.20 -3.58 -18.80
C THR A 289 19.68 -3.38 -18.73
N THR A 290 18.97 -4.37 -18.18
CA THR A 290 17.52 -4.25 -18.10
C THR A 290 17.10 -3.11 -17.19
N SER A 291 17.83 -2.90 -16.09
CA SER A 291 17.49 -1.80 -15.19
C SER A 291 17.66 -0.45 -15.87
N VAL A 292 18.76 -0.29 -16.61
CA VAL A 292 19.07 1.01 -17.20
C VAL A 292 18.09 1.35 -18.31
N VAL A 293 17.66 0.36 -19.09
CA VAL A 293 16.62 0.61 -20.09
C VAL A 293 15.35 1.12 -19.40
N LYS A 294 14.93 0.42 -18.35
CA LYS A 294 13.72 0.82 -17.62
C LYS A 294 13.85 2.22 -17.07
N TRP A 295 14.99 2.55 -16.47
CA TRP A 295 15.20 3.91 -15.98
C TRP A 295 15.09 4.93 -17.10
N THR A 296 15.59 4.59 -18.29
CA THR A 296 15.59 5.55 -19.39
C THR A 296 14.17 5.80 -19.87
N LEU A 297 13.38 4.75 -20.07
CA LEU A 297 11.97 4.93 -20.38
C LEU A 297 11.31 5.84 -19.33
N ALA A 298 11.57 5.57 -18.06
CA ALA A 298 10.91 6.32 -16.98
C ALA A 298 11.20 7.81 -17.10
N PHE A 299 12.46 8.17 -17.35
CA PHE A 299 12.81 9.59 -17.44
C PHE A 299 12.20 10.24 -18.68
N LEU A 300 12.00 9.49 -19.75
CA LEU A 300 11.39 10.05 -20.95
C LEU A 300 9.89 10.25 -20.78
N LEU A 301 9.23 9.39 -20.00
CA LEU A 301 7.84 9.63 -19.66
C LEU A 301 7.68 10.91 -18.85
N HIS A 302 8.66 11.23 -18.01
CA HIS A 302 8.64 12.45 -17.21
C HIS A 302 9.12 13.67 -17.98
N ASN A 303 9.68 13.48 -19.18
CA ASN A 303 10.29 14.57 -19.95
C ASN A 303 9.93 14.40 -21.41
N PRO A 304 8.66 14.62 -21.76
CA PRO A 304 8.26 14.48 -23.18
C PRO A 304 8.98 15.45 -24.10
N GLN A 305 9.45 16.58 -23.58
CA GLN A 305 10.20 17.52 -24.41
C GLN A 305 11.49 16.89 -24.92
N VAL A 306 12.19 16.16 -24.05
CA VAL A 306 13.37 15.41 -24.50
C VAL A 306 12.94 14.29 -25.43
N LYS A 307 11.81 13.66 -25.14
CA LYS A 307 11.35 12.55 -25.96
C LYS A 307 11.01 13.00 -27.38
N LYS A 308 10.34 14.15 -27.50
CA LYS A 308 10.03 14.70 -28.81
C LYS A 308 11.30 14.95 -29.61
N LYS A 309 12.31 15.56 -28.97
CA LYS A 309 13.56 15.86 -29.66
C LYS A 309 14.27 14.59 -30.11
N LEU A 310 14.12 13.48 -29.37
CA LEU A 310 14.74 12.23 -29.76
C LEU A 310 14.06 11.62 -30.98
N TYR A 311 12.74 11.78 -31.09
CA TYR A 311 12.05 11.31 -32.29
C TYR A 311 12.44 12.13 -33.50
N GLU A 312 12.66 13.44 -33.31
CA GLU A 312 13.06 14.28 -34.43
C GLU A 312 14.47 13.94 -34.87
N GLU A 313 15.39 13.74 -33.93
CA GLU A 313 16.76 13.38 -34.28
C GLU A 313 16.80 12.04 -35.02
N ILE A 314 16.06 11.05 -34.54
CA ILE A 314 16.15 9.71 -35.12
C ILE A 314 15.54 9.67 -36.50
N ASP A 315 14.57 10.55 -36.79
CA ASP A 315 13.92 10.55 -38.08
C ASP A 315 14.74 11.31 -39.12
N GLN A 316 15.41 12.39 -38.70
CA GLN A 316 16.22 13.16 -39.64
C GLN A 316 17.48 12.39 -40.04
N ASN A 317 18.06 11.65 -39.10
CA ASN A 317 19.37 11.04 -39.30
C ASN A 317 19.33 9.59 -39.73
N VAL A 318 18.23 8.88 -39.47
CA VAL A 318 18.16 7.45 -39.78
C VAL A 318 16.92 7.16 -40.63
N GLY A 319 15.85 7.92 -40.44
CA GLY A 319 14.65 7.70 -41.22
C GLY A 319 14.04 6.34 -40.92
N PHE A 320 13.41 5.77 -41.95
CA PHE A 320 12.76 4.47 -41.84
C PHE A 320 13.15 3.51 -42.95
N SER A 321 14.07 3.90 -43.83
CA SER A 321 14.54 3.00 -44.87
C SER A 321 15.29 1.81 -44.29
N ARG A 322 15.87 1.97 -43.10
CA ARG A 322 16.69 0.93 -42.50
C ARG A 322 16.49 0.96 -40.98
N THR A 323 17.12 0.02 -40.29
CA THR A 323 17.12 0.01 -38.84
C THR A 323 18.44 0.59 -38.32
N PRO A 324 18.43 1.15 -37.11
CA PRO A 324 19.66 1.76 -36.58
C PRO A 324 20.80 0.76 -36.48
N THR A 325 22.01 1.25 -36.68
CA THR A 325 23.24 0.50 -36.46
C THR A 325 24.10 1.26 -35.46
N ILE A 326 25.14 0.58 -34.96
CA ILE A 326 26.04 1.22 -34.01
C ILE A 326 26.64 2.48 -34.61
N SER A 327 26.90 2.49 -35.92
CA SER A 327 27.49 3.66 -36.55
C SER A 327 26.60 4.88 -36.44
N ASP A 328 25.30 4.69 -36.19
CA ASP A 328 24.42 5.83 -35.96
C ASP A 328 24.76 6.57 -34.67
N ARG A 329 25.65 6.03 -33.84
CA ARG A 329 26.04 6.73 -32.62
C ARG A 329 26.64 8.10 -32.94
N ASN A 330 27.33 8.22 -34.07
CA ASN A 330 27.89 9.50 -34.48
C ASN A 330 26.84 10.51 -34.90
N ARG A 331 25.60 10.07 -35.14
CA ARG A 331 24.51 10.93 -35.58
C ARG A 331 23.47 11.20 -34.49
N LEU A 332 23.13 10.19 -33.69
CA LEU A 332 22.10 10.33 -32.66
C LEU A 332 22.74 10.78 -31.35
N LEU A 333 23.15 12.04 -31.35
CA LEU A 333 23.95 12.55 -30.23
C LEU A 333 23.09 12.78 -28.98
N LEU A 334 21.87 13.27 -29.16
CA LEU A 334 21.00 13.47 -28.01
C LEU A 334 20.65 12.15 -27.35
N LEU A 335 20.54 11.06 -28.13
CA LEU A 335 20.28 9.76 -27.54
C LEU A 335 21.46 9.30 -26.69
N GLU A 336 22.68 9.49 -27.19
CA GLU A 336 23.86 9.14 -26.40
C GLU A 336 23.97 10.03 -25.16
N ALA A 337 23.55 11.29 -25.26
CA ALA A 337 23.59 12.18 -24.11
C ALA A 337 22.53 11.82 -23.08
N THR A 338 21.41 11.25 -23.50
CA THR A 338 20.40 10.80 -22.55
C THR A 338 20.90 9.58 -21.77
N ILE A 339 21.49 8.62 -22.45
CA ILE A 339 22.02 7.44 -21.76
C ILE A 339 23.10 7.86 -20.77
N ARG A 340 23.98 8.79 -21.17
CA ARG A 340 24.99 9.30 -20.26
C ARG A 340 24.35 9.98 -19.05
N GLU A 341 23.30 10.76 -19.27
CA GLU A 341 22.65 11.47 -18.18
C GLU A 341 21.90 10.52 -17.25
N VAL A 342 21.34 9.44 -17.80
CA VAL A 342 20.68 8.45 -16.95
C VAL A 342 21.70 7.71 -16.10
N LEU A 343 22.84 7.36 -16.70
CA LEU A 343 23.90 6.69 -15.94
C LEU A 343 24.55 7.62 -14.93
N ARG A 344 24.39 8.94 -15.09
CA ARG A 344 24.83 9.86 -14.04
C ARG A 344 23.82 9.93 -12.91
N LEU A 345 22.54 10.10 -13.25
CA LEU A 345 21.52 10.36 -12.24
C LEU A 345 21.23 9.10 -11.42
N ARG A 346 21.03 7.97 -12.10
CA ARG A 346 20.61 6.73 -11.47
C ARG A 346 21.60 5.62 -11.78
N PRO A 347 22.84 5.75 -11.30
CA PRO A 347 23.85 4.73 -11.59
C PRO A 347 23.38 3.36 -11.11
N VAL A 348 23.76 2.32 -11.87
CA VAL A 348 23.36 0.97 -11.52
C VAL A 348 23.89 0.60 -10.15
N ALA A 349 25.07 1.10 -9.81
CA ALA A 349 25.71 0.85 -8.51
C ALA A 349 26.10 2.20 -7.91
N PRO A 350 25.21 2.81 -7.12
CA PRO A 350 25.52 4.14 -6.59
C PRO A 350 26.69 4.16 -5.61
N MET A 351 27.14 3.00 -5.15
CA MET A 351 28.34 2.91 -4.32
C MET A 351 29.26 1.82 -4.86
N LEU A 352 29.24 1.62 -6.18
CA LEU A 352 30.00 0.56 -6.83
C LEU A 352 29.81 -0.74 -6.07
N ILE A 353 30.86 -1.54 -5.98
CA ILE A 353 30.89 -2.71 -5.11
C ILE A 353 31.98 -2.39 -4.09
N PRO A 354 31.83 -2.81 -2.83
CA PRO A 354 32.84 -2.43 -1.83
C PRO A 354 34.23 -2.94 -2.20
N HIS A 355 35.22 -2.07 -2.04
CA HIS A 355 36.62 -2.42 -2.16
C HIS A 355 37.21 -2.72 -0.79
N LYS A 356 38.43 -3.25 -0.79
CA LYS A 356 39.12 -3.57 0.45
C LYS A 356 40.61 -3.35 0.26
N ALA A 357 41.23 -2.74 1.27
CA ALA A 357 42.67 -2.47 1.22
C ALA A 357 43.45 -3.78 1.33
N ASN A 358 44.22 -4.10 0.30
CA ASN A 358 44.99 -5.34 0.29
C ASN A 358 46.21 -5.24 1.21
N VAL A 359 46.69 -4.03 1.44
CA VAL A 359 47.89 -3.76 2.24
C VAL A 359 47.66 -2.45 2.96
N ASP A 360 48.44 -2.22 4.01
CA ASP A 360 48.45 -0.90 4.62
C ASP A 360 48.70 0.13 3.52
N SER A 361 47.88 1.18 3.50
CA SER A 361 48.05 2.20 2.47
C SER A 361 47.44 3.51 2.99
N SER A 362 46.99 4.37 2.08
CA SER A 362 46.51 5.68 2.46
C SER A 362 45.61 6.22 1.36
N ILE A 363 44.72 7.12 1.76
CA ILE A 363 43.85 7.85 0.85
C ILE A 363 43.95 9.33 1.23
N GLY A 364 44.45 10.14 0.33
CA GLY A 364 44.58 11.57 0.61
C GLY A 364 45.42 11.86 1.83
N GLU A 365 46.49 11.09 2.03
CA GLU A 365 47.47 11.22 3.11
C GLU A 365 46.96 10.62 4.41
N PHE A 366 45.70 10.19 4.48
CA PHE A 366 45.19 9.52 5.67
C PHE A 366 45.54 8.03 5.61
N ALA A 367 45.95 7.49 6.75
CA ALA A 367 46.29 6.08 6.81
C ALA A 367 45.06 5.20 6.63
N VAL A 368 45.25 4.07 5.98
CA VAL A 368 44.22 3.05 5.82
C VAL A 368 44.88 1.70 6.04
N ASP A 369 44.39 0.95 7.02
CA ASP A 369 45.03 -0.30 7.38
C ASP A 369 44.55 -1.44 6.48
N LYS A 370 45.43 -2.43 6.31
CA LYS A 370 45.09 -3.63 5.57
C LYS A 370 43.77 -4.21 6.05
N GLY A 371 42.93 -4.61 5.10
CA GLY A 371 41.65 -5.21 5.41
C GLY A 371 40.52 -4.24 5.59
N THR A 372 40.78 -2.94 5.50
CA THR A 372 39.74 -1.94 5.67
C THR A 372 38.82 -1.92 4.45
N GLU A 373 37.52 -1.96 4.70
CA GLU A 373 36.54 -1.82 3.64
C GLU A 373 36.50 -0.38 3.16
N VAL A 374 36.59 -0.19 1.86
CA VAL A 374 36.60 1.15 1.26
C VAL A 374 35.42 1.24 0.30
N ILE A 375 34.51 2.17 0.56
CA ILE A 375 33.34 2.41 -0.26
C ILE A 375 33.57 3.68 -1.06
N ILE A 376 33.41 3.59 -2.38
CA ILE A 376 33.35 4.78 -3.23
C ILE A 376 31.89 5.16 -3.38
N ASN A 377 31.54 6.37 -2.95
CA ASN A 377 30.17 6.87 -3.04
C ASN A 377 30.01 7.53 -4.41
N LEU A 378 29.61 6.73 -5.40
CA LEU A 378 29.47 7.24 -6.76
C LEU A 378 28.35 8.29 -6.84
N TRP A 379 27.28 8.09 -6.07
CA TRP A 379 26.20 9.07 -6.02
C TRP A 379 26.73 10.45 -5.69
N ALA A 380 27.55 10.55 -4.65
CA ALA A 380 28.13 11.84 -4.29
C ALA A 380 28.91 12.44 -5.46
N LEU A 381 29.70 11.63 -6.15
CA LEU A 381 30.49 12.14 -7.27
C LEU A 381 29.59 12.71 -8.36
N HIS A 382 28.51 12.01 -8.67
CA HIS A 382 27.62 12.43 -9.75
C HIS A 382 26.66 13.54 -9.35
N HIS A 383 26.65 13.95 -8.09
CA HIS A 383 25.76 15.03 -7.64
C HIS A 383 26.52 16.17 -6.96
N ASN A 384 27.85 16.15 -6.99
CA ASN A 384 28.63 17.28 -6.53
C ASN A 384 28.13 18.56 -7.19
N GLU A 385 27.65 19.51 -6.37
CA GLU A 385 27.08 20.74 -6.92
C GLU A 385 28.13 21.62 -7.54
N LYS A 386 29.40 21.41 -7.23
CA LYS A 386 30.50 22.16 -7.80
C LYS A 386 31.01 21.57 -9.11
N GLU A 387 30.68 20.30 -9.40
CA GLU A 387 31.08 19.65 -10.64
C GLU A 387 29.96 19.58 -11.66
N TRP A 388 28.71 19.79 -11.24
CA TRP A 388 27.55 19.65 -12.10
C TRP A 388 26.59 20.81 -11.86
N HIS A 389 26.03 21.33 -12.94
CA HIS A 389 24.97 22.33 -12.85
C HIS A 389 23.63 21.64 -12.65
N GLN A 390 22.91 22.02 -11.59
CA GLN A 390 21.63 21.40 -11.23
C GLN A 390 21.77 19.89 -11.27
N PRO A 391 22.54 19.31 -10.36
CA PRO A 391 22.80 17.85 -10.43
C PRO A 391 21.55 16.99 -10.29
N ASP A 392 20.51 17.50 -9.63
CA ASP A 392 19.29 16.73 -9.41
C ASP A 392 18.42 16.63 -10.65
N GLN A 393 18.69 17.43 -11.69
CA GLN A 393 17.83 17.51 -12.85
C GLN A 393 18.28 16.56 -13.95
N PHE A 394 17.30 15.96 -14.63
CA PHE A 394 17.54 15.19 -15.84
C PHE A 394 17.75 16.18 -16.98
N MET A 395 19.02 16.39 -17.36
CA MET A 395 19.38 17.34 -18.41
C MET A 395 20.35 16.66 -19.36
N PRO A 396 19.85 15.98 -20.40
CA PRO A 396 20.78 15.39 -21.38
C PRO A 396 21.69 16.41 -22.04
N GLU A 397 21.25 17.67 -22.15
CA GLU A 397 22.04 18.69 -22.82
C GLU A 397 23.39 18.93 -22.13
N ARG A 398 23.50 18.63 -20.83
CA ARG A 398 24.76 18.85 -20.13
C ARG A 398 25.91 18.10 -20.77
N PHE A 399 25.61 17.07 -21.57
CA PHE A 399 26.62 16.26 -22.23
C PHE A 399 26.79 16.60 -23.70
N LEU A 400 26.14 17.67 -24.18
CA LEU A 400 26.34 18.20 -25.51
C LEU A 400 26.87 19.62 -25.42
N ASN A 401 27.60 20.04 -26.45
CA ASN A 401 27.99 21.44 -26.55
C ASN A 401 26.76 22.30 -26.74
N PRO A 402 26.87 23.61 -26.52
CA PRO A 402 25.69 24.48 -26.64
C PRO A 402 24.87 24.25 -27.90
N ALA A 403 25.52 24.13 -29.06
CA ALA A 403 24.80 23.95 -30.32
C ALA A 403 24.33 22.52 -30.53
N GLY A 404 24.45 21.64 -29.53
CA GLY A 404 23.98 20.28 -29.67
C GLY A 404 24.60 19.49 -30.80
N THR A 405 25.75 19.92 -31.31
CA THR A 405 26.38 19.27 -32.46
C THR A 405 27.52 18.33 -32.06
N GLN A 406 27.87 18.27 -30.77
CA GLN A 406 29.03 17.50 -30.36
C GLN A 406 28.87 17.08 -28.90
N LEU A 407 29.17 15.82 -28.63
CA LEU A 407 29.15 15.32 -27.27
C LEU A 407 30.35 15.86 -26.50
N ILE A 408 30.16 16.07 -25.19
CA ILE A 408 31.21 16.58 -24.32
C ILE A 408 31.21 15.81 -23.02
N SER A 409 32.25 16.04 -22.22
CA SER A 409 32.38 15.51 -20.87
C SER A 409 32.41 16.71 -19.94
N PRO A 410 31.26 17.15 -19.41
CA PRO A 410 31.26 18.40 -18.65
C PRO A 410 32.01 18.32 -17.32
N SER A 411 32.29 17.12 -16.82
CA SER A 411 32.90 16.97 -15.51
C SER A 411 33.75 15.71 -15.47
N VAL A 412 34.84 15.78 -14.70
CA VAL A 412 35.64 14.60 -14.42
C VAL A 412 35.05 13.72 -13.33
N SER A 413 34.05 14.22 -12.61
CA SER A 413 33.42 13.49 -11.51
C SER A 413 32.27 12.62 -12.04
N TYR A 414 32.64 11.66 -12.87
CA TYR A 414 31.69 10.85 -13.62
C TYR A 414 32.35 9.50 -13.88
N LEU A 415 31.85 8.45 -13.23
CA LEU A 415 32.46 7.14 -13.32
C LEU A 415 31.41 6.04 -13.29
N PRO A 416 30.42 6.10 -14.19
CA PRO A 416 29.32 5.11 -14.11
C PRO A 416 29.81 3.66 -14.15
N PHE A 417 30.89 3.38 -14.88
CA PHE A 417 31.43 2.03 -15.01
C PHE A 417 32.64 1.79 -14.11
N GLY A 418 32.88 2.66 -13.13
CA GLY A 418 34.04 2.48 -12.28
C GLY A 418 35.32 2.82 -13.02
N ALA A 419 36.43 2.36 -12.45
CA ALA A 419 37.75 2.58 -13.03
C ALA A 419 38.76 1.70 -12.30
N GLY A 420 39.87 1.44 -12.98
CA GLY A 420 40.94 0.67 -12.40
C GLY A 420 40.75 -0.83 -12.50
N PRO A 421 41.41 -1.56 -11.60
CA PRO A 421 41.43 -3.03 -11.73
C PRO A 421 40.08 -3.70 -11.53
N ARG A 422 39.21 -3.16 -10.67
CA ARG A 422 37.89 -3.75 -10.49
C ARG A 422 36.83 -3.12 -11.39
N SER A 423 37.25 -2.33 -12.39
CA SER A 423 36.30 -1.65 -13.24
C SER A 423 35.49 -2.65 -14.07
N CYS A 424 34.42 -2.14 -14.67
CA CYS A 424 33.50 -2.98 -15.43
C CYS A 424 34.20 -3.59 -16.64
N ILE A 425 33.93 -4.88 -16.87
CA ILE A 425 34.45 -5.57 -18.05
C ILE A 425 33.43 -5.64 -19.18
N GLY A 426 32.17 -5.28 -18.93
CA GLY A 426 31.14 -5.38 -19.93
C GLY A 426 30.67 -4.04 -20.43
N GLU A 427 31.53 -3.03 -20.32
CA GLU A 427 31.12 -1.67 -20.68
C GLU A 427 30.83 -1.54 -22.16
N ILE A 428 31.65 -2.17 -23.01
CA ILE A 428 31.40 -2.09 -24.45
C ILE A 428 30.06 -2.73 -24.77
N LEU A 429 29.83 -3.95 -24.30
CA LEU A 429 28.55 -4.61 -24.52
C LEU A 429 27.41 -3.73 -24.03
N ALA A 430 27.51 -3.25 -22.79
CA ALA A 430 26.42 -2.47 -22.20
C ALA A 430 26.10 -1.22 -23.02
N ARG A 431 27.13 -0.52 -23.49
CA ARG A 431 26.89 0.72 -24.22
C ARG A 431 26.25 0.46 -25.58
N GLN A 432 26.54 -0.69 -26.19
CA GLN A 432 25.92 -1.04 -27.48
C GLN A 432 24.48 -1.50 -27.27
N GLU A 433 24.24 -2.38 -26.30
CA GLU A 433 22.88 -2.80 -25.99
C GLU A 433 22.00 -1.59 -25.72
N LEU A 434 22.43 -0.70 -24.83
CA LEU A 434 21.61 0.45 -24.46
C LEU A 434 21.28 1.31 -25.68
N PHE A 435 22.31 1.73 -26.43
CA PHE A 435 22.07 2.63 -27.55
C PHE A 435 21.14 1.99 -28.57
N LEU A 436 21.34 0.71 -28.88
CA LEU A 436 20.57 0.08 -29.94
C LEU A 436 19.13 -0.16 -29.50
N ILE A 437 18.94 -0.69 -28.29
CA ILE A 437 17.57 -0.89 -27.79
C ILE A 437 16.79 0.42 -27.89
N MET A 438 17.39 1.53 -27.43
CA MET A 438 16.66 2.79 -27.38
C MET A 438 16.40 3.33 -28.79
N ALA A 439 17.36 3.20 -29.70
CA ALA A 439 17.17 3.72 -31.05
C ALA A 439 16.13 2.90 -31.82
N TRP A 440 16.19 1.58 -31.70
CA TRP A 440 15.18 0.75 -32.35
C TRP A 440 13.79 1.06 -31.79
N LEU A 441 13.66 1.12 -30.47
CA LEU A 441 12.35 1.39 -29.87
C LEU A 441 11.82 2.74 -30.32
N LEU A 442 12.66 3.76 -30.36
CA LEU A 442 12.19 5.10 -30.68
C LEU A 442 11.85 5.25 -32.16
N GLN A 443 12.48 4.46 -33.02
CA GLN A 443 12.16 4.53 -34.44
C GLN A 443 10.76 4.00 -34.72
N ARG A 444 10.32 2.99 -33.97
CA ARG A 444 9.10 2.26 -34.30
C ARG A 444 7.93 2.58 -33.39
N PHE A 445 8.16 3.03 -32.17
CA PHE A 445 7.10 3.05 -31.17
C PHE A 445 6.94 4.42 -30.52
N ASP A 446 5.69 4.86 -30.39
CA ASP A 446 5.34 5.92 -29.46
C ASP A 446 5.22 5.30 -28.07
N LEU A 447 5.91 5.90 -27.10
CA LEU A 447 5.87 5.44 -25.72
C LEU A 447 5.23 6.53 -24.87
N GLU A 448 4.09 6.20 -24.26
CA GLU A 448 3.26 7.20 -23.61
C GLU A 448 2.86 6.74 -22.22
N VAL A 449 2.30 7.67 -21.46
CA VAL A 449 1.80 7.35 -20.12
C VAL A 449 0.63 6.38 -20.25
N PRO A 450 0.55 5.34 -19.42
CA PRO A 450 -0.60 4.44 -19.49
C PRO A 450 -1.91 5.21 -19.33
N ASP A 451 -3.01 4.51 -19.64
CA ASP A 451 -4.30 5.18 -19.72
C ASP A 451 -4.71 5.81 -18.40
N ASP A 452 -4.33 5.23 -17.27
CA ASP A 452 -4.74 5.74 -15.98
C ASP A 452 -3.81 6.82 -15.45
N GLY A 453 -2.88 7.32 -16.26
CA GLY A 453 -2.14 8.52 -15.97
C GLY A 453 -0.98 8.39 -15.01
N GLN A 454 -0.69 7.20 -14.50
CA GLN A 454 0.37 7.04 -13.53
C GLN A 454 1.74 7.15 -14.20
N LEU A 455 2.64 7.90 -13.56
CA LEU A 455 4.04 7.99 -13.94
C LEU A 455 4.89 7.17 -12.98
N PRO A 456 5.99 6.56 -13.45
CA PRO A 456 6.86 5.83 -12.53
C PRO A 456 7.51 6.77 -11.52
N SER A 457 7.71 6.24 -10.31
CA SER A 457 8.43 6.98 -9.28
C SER A 457 9.92 6.90 -9.58
N LEU A 458 10.55 8.07 -9.71
CA LEU A 458 11.98 8.14 -10.01
C LEU A 458 12.85 8.05 -8.75
N GLU A 459 12.25 7.72 -7.60
CA GLU A 459 13.01 7.63 -6.36
C GLU A 459 13.96 6.44 -6.39
N GLY A 460 13.46 5.26 -6.74
CA GLY A 460 14.28 4.08 -6.89
C GLY A 460 14.35 3.25 -5.62
N ILE A 461 14.87 2.04 -5.79
CA ILE A 461 15.02 1.08 -4.71
C ILE A 461 16.47 0.62 -4.66
N PRO A 462 17.26 1.04 -3.69
CA PRO A 462 18.68 0.67 -3.69
C PRO A 462 18.90 -0.76 -3.23
N LYS A 463 19.04 -1.69 -4.17
CA LYS A 463 19.41 -3.06 -3.89
C LYS A 463 20.84 -3.28 -4.41
N VAL A 464 21.24 -4.53 -4.55
CA VAL A 464 22.52 -4.79 -5.21
C VAL A 464 22.60 -3.97 -6.49
N VAL A 465 21.48 -3.86 -7.19
CA VAL A 465 21.31 -2.98 -8.32
C VAL A 465 20.32 -1.88 -7.92
N PHE A 466 20.58 -0.66 -8.39
CA PHE A 466 19.68 0.46 -8.12
C PHE A 466 18.51 0.36 -9.10
N LEU A 467 17.41 -0.23 -8.64
CA LEU A 467 16.28 -0.57 -9.48
C LEU A 467 15.17 0.47 -9.38
N ILE A 468 14.35 0.51 -10.42
CA ILE A 468 13.16 1.34 -10.41
C ILE A 468 11.95 0.44 -10.18
N ASP A 469 10.96 0.99 -9.50
CA ASP A 469 9.70 0.30 -9.32
C ASP A 469 9.07 -0.04 -10.67
N SER A 470 8.52 -1.24 -10.77
CA SER A 470 7.85 -1.64 -12.01
C SER A 470 6.78 -0.62 -12.38
N PHE A 471 6.68 -0.33 -13.67
CA PHE A 471 5.71 0.62 -14.17
C PHE A 471 5.25 0.16 -15.54
N LYS A 472 4.12 0.70 -15.99
CA LYS A 472 3.55 0.36 -17.28
C LYS A 472 3.74 1.52 -18.25
N VAL A 473 3.81 1.18 -19.53
CA VAL A 473 3.96 2.16 -20.60
C VAL A 473 2.99 1.79 -21.72
N LYS A 474 2.34 2.81 -22.28
CA LYS A 474 1.45 2.62 -23.43
C LYS A 474 2.29 2.48 -24.69
N ILE A 475 2.12 1.35 -25.39
CA ILE A 475 2.88 1.06 -26.61
C ILE A 475 1.97 1.29 -27.80
N LYS A 476 2.42 2.13 -28.75
CA LYS A 476 1.71 2.33 -30.00
C LYS A 476 2.72 2.43 -31.13
N VAL A 477 2.49 1.66 -32.19
CA VAL A 477 3.34 1.73 -33.36
C VAL A 477 3.19 3.13 -33.97
N ARG A 478 4.33 3.76 -34.28
CA ARG A 478 4.29 5.11 -34.81
C ARG A 478 3.72 5.13 -36.22
N GLN A 479 3.04 6.24 -36.55
CA GLN A 479 2.46 6.35 -37.88
C GLN A 479 3.55 6.57 -38.93
N ALA A 480 4.57 7.36 -38.60
CA ALA A 480 5.68 7.55 -39.53
C ALA A 480 6.29 6.22 -39.94
N TRP A 481 6.41 5.29 -38.99
CA TRP A 481 6.95 3.97 -39.32
C TRP A 481 5.96 3.11 -40.07
N ARG A 482 4.66 3.30 -39.82
CA ARG A 482 3.64 2.55 -40.53
C ARG A 482 3.60 2.96 -42.00
N GLU A 483 3.42 4.26 -42.26
CA GLU A 483 3.37 4.75 -43.63
C GLU A 483 4.59 4.26 -44.42
N ALA A 484 5.73 4.19 -43.78
CA ALA A 484 6.96 3.69 -44.40
C ALA A 484 6.92 2.20 -44.72
N GLN A 485 5.76 1.53 -44.70
CA GLN A 485 5.69 0.12 -45.07
C GLN A 485 4.72 -0.07 -46.24
N SER B 12 -41.30 24.16 17.55
CA SER B 12 -40.88 25.03 16.46
C SER B 12 -39.95 24.34 15.47
N LEU B 13 -39.16 23.37 15.93
CA LEU B 13 -38.12 22.77 15.10
C LEU B 13 -38.66 21.56 14.34
N LEU B 14 -38.53 21.62 13.01
CA LEU B 14 -39.05 20.60 12.12
C LEU B 14 -37.93 19.72 11.60
N SER B 15 -38.33 18.65 10.91
CA SER B 15 -37.38 17.77 10.25
C SER B 15 -36.93 18.40 8.93
N LEU B 16 -35.68 18.15 8.58
CA LEU B 16 -35.16 18.69 7.33
C LEU B 16 -35.89 18.08 6.14
N PRO B 17 -36.16 18.85 5.09
CA PRO B 17 -36.60 18.22 3.83
C PRO B 17 -35.59 17.18 3.40
N LEU B 18 -36.10 16.03 2.97
CA LEU B 18 -35.26 14.88 2.62
C LEU B 18 -35.44 14.58 1.14
N VAL B 19 -34.39 14.82 0.35
CA VAL B 19 -34.48 14.64 -1.09
C VAL B 19 -33.99 13.27 -1.55
N GLY B 20 -33.25 12.55 -0.72
CA GLY B 20 -32.77 11.24 -1.09
C GLY B 20 -32.32 10.47 0.12
N SER B 21 -32.52 9.14 0.07
CA SER B 21 -32.15 8.28 1.16
C SER B 21 -31.67 6.94 0.62
N LEU B 22 -30.55 6.45 1.13
CA LEU B 22 -30.05 5.13 0.82
C LEU B 22 -29.72 4.39 2.11
N PRO B 23 -30.05 3.09 2.20
CA PRO B 23 -29.90 2.38 3.48
C PRO B 23 -28.47 2.07 3.87
N PHE B 24 -27.48 2.27 3.00
CA PHE B 24 -26.09 2.11 3.39
C PHE B 24 -25.22 3.06 2.58
N LEU B 25 -23.92 3.07 2.89
CA LEU B 25 -22.97 3.98 2.27
C LEU B 25 -22.47 3.40 0.96
N PRO B 26 -22.56 4.14 -0.14
CA PRO B 26 -22.02 3.62 -1.41
C PRO B 26 -20.54 3.31 -1.28
N ARG B 27 -20.13 2.21 -1.92
CA ARG B 27 -18.72 1.89 -2.09
C ARG B 27 -18.03 1.65 -0.74
N HIS B 28 -18.78 1.11 0.22
CA HIS B 28 -18.23 0.75 1.52
C HIS B 28 -18.72 -0.65 1.86
N GLY B 29 -17.78 -1.59 1.95
CA GLY B 29 -18.14 -2.99 2.04
C GLY B 29 -18.49 -3.54 0.67
N HIS B 30 -18.79 -4.84 0.64
CA HIS B 30 -19.21 -5.49 -0.59
C HIS B 30 -20.72 -5.39 -0.74
N MET B 31 -21.19 -4.96 -1.89
CA MET B 31 -22.61 -4.77 -2.10
C MET B 31 -23.43 -5.97 -1.75
N HIS B 32 -23.04 -7.13 -2.24
CA HIS B 32 -23.81 -8.33 -1.99
C HIS B 32 -23.94 -8.58 -0.50
N ASN B 33 -22.93 -8.19 0.24
CA ASN B 33 -23.02 -8.38 1.68
C ASN B 33 -23.83 -7.27 2.35
N ASN B 34 -23.74 -6.04 1.85
CA ASN B 34 -24.58 -4.97 2.39
C ASN B 34 -26.05 -5.27 2.14
N PHE B 35 -26.38 -5.78 0.95
CA PHE B 35 -27.75 -6.19 0.68
C PHE B 35 -28.19 -7.29 1.63
N PHE B 36 -27.31 -8.27 1.87
CA PHE B 36 -27.64 -9.39 2.73
C PHE B 36 -27.90 -8.94 4.16
N LYS B 37 -27.06 -8.02 4.66
CA LYS B 37 -27.25 -7.53 6.02
C LYS B 37 -28.60 -6.84 6.19
N LEU B 38 -29.09 -6.17 5.14
CA LEU B 38 -30.34 -5.44 5.25
C LEU B 38 -31.54 -6.36 5.43
N GLN B 39 -31.41 -7.63 5.07
CA GLN B 39 -32.54 -8.55 5.19
C GLN B 39 -32.98 -8.71 6.64
N LYS B 40 -32.03 -8.62 7.58
CA LYS B 40 -32.40 -8.64 8.99
C LYS B 40 -33.52 -7.65 9.28
N LYS B 41 -33.56 -6.54 8.56
CA LYS B 41 -34.43 -5.41 8.86
C LYS B 41 -35.63 -5.29 7.93
N TYR B 42 -35.49 -5.68 6.65
CA TYR B 42 -36.54 -5.45 5.66
C TYR B 42 -37.17 -6.72 5.13
N GLY B 43 -36.62 -7.89 5.41
CA GLY B 43 -37.08 -9.11 4.81
C GLY B 43 -36.23 -9.49 3.62
N PRO B 44 -36.51 -10.64 3.02
CA PRO B 44 -35.66 -11.15 1.93
C PRO B 44 -35.87 -10.49 0.58
N ILE B 45 -36.81 -9.55 0.47
CA ILE B 45 -37.08 -8.92 -0.81
C ILE B 45 -37.49 -7.48 -0.58
N TYR B 46 -36.75 -6.54 -1.17
CA TYR B 46 -37.05 -5.13 -1.08
C TYR B 46 -36.65 -4.47 -2.40
N SER B 47 -36.89 -3.16 -2.49
CA SER B 47 -36.61 -2.43 -3.71
C SER B 47 -35.90 -1.12 -3.39
N VAL B 48 -35.21 -0.61 -4.40
CA VAL B 48 -34.56 0.70 -4.35
C VAL B 48 -34.83 1.40 -5.67
N ARG B 49 -35.05 2.72 -5.59
CA ARG B 49 -35.36 3.54 -6.76
C ARG B 49 -34.21 4.52 -6.98
N MET B 50 -33.52 4.37 -8.11
CA MET B 50 -32.49 5.31 -8.53
C MET B 50 -33.06 6.13 -9.68
N GLY B 51 -33.25 7.42 -9.44
CA GLY B 51 -33.90 8.28 -10.40
C GLY B 51 -35.28 7.76 -10.79
N THR B 52 -35.36 7.12 -11.95
CA THR B 52 -36.61 6.51 -12.41
C THR B 52 -36.52 4.98 -12.47
N LYS B 53 -35.34 4.41 -12.29
CA LYS B 53 -35.14 2.98 -12.38
C LYS B 53 -35.35 2.34 -11.02
N THR B 54 -36.27 1.39 -10.95
CA THR B 54 -36.51 0.61 -9.74
C THR B 54 -35.80 -0.73 -9.87
N THR B 55 -35.10 -1.13 -8.81
CA THR B 55 -34.40 -2.41 -8.75
C THR B 55 -34.92 -3.20 -7.56
N VAL B 56 -35.09 -4.51 -7.76
CA VAL B 56 -35.57 -5.41 -6.73
C VAL B 56 -34.45 -6.37 -6.38
N ILE B 57 -34.18 -6.52 -5.09
CA ILE B 57 -33.17 -7.44 -4.59
C ILE B 57 -33.87 -8.60 -3.89
N VAL B 58 -33.39 -9.82 -4.15
CA VAL B 58 -34.04 -11.05 -3.72
C VAL B 58 -33.00 -11.91 -3.01
N GLY B 59 -33.30 -12.32 -1.78
CA GLY B 59 -32.30 -12.97 -0.96
C GLY B 59 -32.73 -14.21 -0.21
N HIS B 60 -33.67 -14.95 -0.79
CA HIS B 60 -34.11 -16.21 -0.21
C HIS B 60 -34.34 -17.21 -1.33
N HIS B 61 -33.92 -18.45 -1.10
CA HIS B 61 -33.95 -19.44 -2.17
C HIS B 61 -35.36 -19.65 -2.71
N GLN B 62 -36.37 -19.52 -1.85
CA GLN B 62 -37.75 -19.68 -2.33
C GLN B 62 -38.08 -18.65 -3.39
N LEU B 63 -37.85 -17.38 -3.10
CA LEU B 63 -38.13 -16.32 -4.06
C LEU B 63 -37.19 -16.38 -5.25
N ALA B 64 -35.92 -16.73 -5.02
CA ALA B 64 -34.97 -16.80 -6.13
C ALA B 64 -35.41 -17.83 -7.16
N LYS B 65 -35.98 -18.95 -6.71
CA LYS B 65 -36.41 -20.00 -7.63
C LYS B 65 -37.70 -19.65 -8.34
N GLU B 66 -38.52 -18.76 -7.76
CA GLU B 66 -39.68 -18.24 -8.49
C GLU B 66 -39.24 -17.31 -9.61
N VAL B 67 -38.19 -16.52 -9.38
CA VAL B 67 -37.71 -15.61 -10.41
C VAL B 67 -37.02 -16.37 -11.52
N LEU B 68 -36.16 -17.33 -11.15
CA LEU B 68 -35.33 -17.98 -12.15
C LEU B 68 -36.01 -19.16 -12.84
N ILE B 69 -36.94 -19.83 -12.18
CA ILE B 69 -37.48 -21.08 -12.73
C ILE B 69 -38.97 -21.01 -12.98
N LYS B 70 -39.76 -21.00 -11.89
CA LYS B 70 -41.22 -21.01 -12.03
C LYS B 70 -41.68 -19.87 -12.93
N LYS B 71 -41.04 -18.71 -12.82
CA LYS B 71 -41.33 -17.54 -13.64
C LYS B 71 -40.12 -17.11 -14.45
N GLY B 72 -39.25 -18.06 -14.82
CA GLY B 72 -38.01 -17.70 -15.48
C GLY B 72 -38.22 -16.86 -16.73
N LYS B 73 -39.23 -17.22 -17.52
CA LYS B 73 -39.47 -16.48 -18.77
C LYS B 73 -39.90 -15.05 -18.51
N ASP B 74 -40.62 -14.80 -17.41
CA ASP B 74 -41.03 -13.44 -17.09
C ASP B 74 -39.83 -12.58 -16.69
N PHE B 75 -38.76 -13.18 -16.17
CA PHE B 75 -37.65 -12.45 -15.60
C PHE B 75 -36.33 -12.76 -16.31
N SER B 76 -36.40 -13.17 -17.57
CA SER B 76 -35.22 -13.56 -18.33
C SER B 76 -34.58 -12.41 -19.10
N GLY B 77 -35.10 -11.20 -18.97
CA GLY B 77 -34.50 -10.06 -19.62
C GLY B 77 -33.23 -9.62 -18.93
N ARG B 78 -32.51 -8.73 -19.61
CA ARG B 78 -31.32 -8.10 -19.05
C ARG B 78 -31.49 -6.60 -19.07
N PRO B 79 -31.15 -5.89 -18.00
CA PRO B 79 -31.18 -4.42 -18.04
C PRO B 79 -30.03 -3.89 -18.88
N GLN B 80 -30.30 -2.80 -19.59
CA GLN B 80 -29.28 -2.16 -20.40
C GLN B 80 -28.40 -1.28 -19.51
N MET B 81 -27.08 -1.39 -19.70
CA MET B 81 -26.12 -0.56 -19.00
C MET B 81 -25.13 -0.03 -20.02
N ALA B 82 -24.66 1.21 -19.80
CA ALA B 82 -23.72 1.81 -20.74
C ALA B 82 -22.46 0.96 -20.87
N THR B 83 -21.93 0.45 -19.75
CA THR B 83 -20.70 -0.32 -19.80
C THR B 83 -20.91 -1.65 -20.50
N LEU B 84 -21.97 -2.37 -20.12
CA LEU B 84 -22.27 -3.64 -20.79
C LEU B 84 -22.51 -3.45 -22.27
N ASP B 85 -23.04 -2.29 -22.66
CA ASP B 85 -23.32 -2.04 -24.08
C ASP B 85 -22.04 -2.07 -24.91
N ILE B 86 -20.94 -1.56 -24.36
CA ILE B 86 -19.68 -1.55 -25.10
C ILE B 86 -19.10 -2.94 -25.17
N ALA B 87 -19.07 -3.65 -24.05
CA ALA B 87 -18.49 -4.99 -24.03
C ALA B 87 -19.23 -5.94 -24.98
N SER B 88 -20.54 -5.77 -25.10
CA SER B 88 -21.37 -6.67 -25.88
C SER B 88 -21.68 -6.15 -27.28
N ASN B 89 -21.04 -5.08 -27.71
CA ASN B 89 -21.31 -4.49 -29.01
C ASN B 89 -22.80 -4.23 -29.17
N ASN B 90 -23.35 -3.51 -28.19
CA ASN B 90 -24.76 -3.14 -28.16
C ASN B 90 -25.66 -4.36 -27.97
N ARG B 91 -25.37 -5.13 -26.91
CA ARG B 91 -26.27 -6.18 -26.43
C ARG B 91 -26.43 -7.29 -27.46
N LYS B 92 -25.33 -7.64 -28.10
CA LYS B 92 -25.24 -8.88 -28.85
C LYS B 92 -24.66 -9.95 -27.92
N GLY B 93 -24.34 -11.12 -28.46
CA GLY B 93 -23.82 -12.18 -27.63
C GLY B 93 -24.93 -12.92 -26.91
N ILE B 94 -24.63 -13.36 -25.70
CA ILE B 94 -25.61 -14.11 -24.91
C ILE B 94 -25.78 -13.48 -23.54
N ALA B 95 -24.69 -13.37 -22.77
CA ALA B 95 -24.80 -13.05 -21.35
C ALA B 95 -25.49 -11.71 -21.14
N PHE B 96 -25.15 -10.69 -21.92
CA PHE B 96 -25.70 -9.36 -21.74
C PHE B 96 -26.71 -8.99 -22.82
N ALA B 97 -27.09 -9.95 -23.66
CA ALA B 97 -28.14 -9.73 -24.65
C ALA B 97 -29.50 -9.81 -23.97
N ASP B 98 -30.38 -8.88 -24.32
CA ASP B 98 -31.74 -8.93 -23.82
C ASP B 98 -32.44 -10.16 -24.39
N SER B 99 -33.44 -10.65 -23.67
CA SER B 99 -34.22 -11.77 -24.15
C SER B 99 -34.92 -11.39 -25.44
N GLY B 100 -34.86 -12.28 -26.42
CA GLY B 100 -35.36 -12.00 -27.76
C GLY B 100 -34.84 -13.07 -28.69
N ALA B 101 -35.16 -12.88 -29.98
CA ALA B 101 -34.77 -13.88 -30.98
C ALA B 101 -33.26 -14.08 -31.00
N HIS B 102 -32.50 -12.97 -31.04
CA HIS B 102 -31.05 -13.06 -31.14
C HIS B 102 -30.47 -13.91 -30.01
N TRP B 103 -30.73 -13.51 -28.77
CA TRP B 103 -30.22 -14.24 -27.62
C TRP B 103 -30.65 -15.70 -27.68
N GLN B 104 -31.93 -15.94 -27.97
CA GLN B 104 -32.46 -17.31 -27.96
C GLN B 104 -31.74 -18.19 -28.95
N LEU B 105 -31.49 -17.69 -30.16
CA LEU B 105 -30.85 -18.52 -31.18
C LEU B 105 -29.39 -18.80 -30.84
N HIS B 106 -28.64 -17.76 -30.47
CA HIS B 106 -27.22 -17.94 -30.21
C HIS B 106 -26.98 -18.82 -29.00
N ARG B 107 -27.79 -18.66 -27.94
CA ARG B 107 -27.69 -19.55 -26.80
C ARG B 107 -27.94 -20.99 -27.21
N ARG B 108 -29.00 -21.23 -27.99
CA ARG B 108 -29.27 -22.58 -28.49
C ARG B 108 -28.08 -23.13 -29.26
N LEU B 109 -27.55 -22.34 -30.20
CA LEU B 109 -26.44 -22.83 -31.02
C LEU B 109 -25.18 -23.05 -30.19
N ALA B 110 -24.96 -22.23 -29.16
CA ALA B 110 -23.79 -22.43 -28.30
C ALA B 110 -23.90 -23.73 -27.52
N MET B 111 -25.10 -24.05 -27.05
CA MET B 111 -25.28 -25.29 -26.28
C MET B 111 -25.19 -26.51 -27.19
N ALA B 112 -25.81 -26.44 -28.37
CA ALA B 112 -25.71 -27.52 -29.34
C ALA B 112 -24.25 -27.82 -29.70
N THR B 113 -23.35 -26.86 -29.50
CA THR B 113 -21.95 -27.09 -29.83
C THR B 113 -21.29 -28.08 -28.89
N PHE B 114 -21.77 -28.18 -27.65
CA PHE B 114 -21.14 -29.07 -26.67
C PHE B 114 -21.43 -30.53 -26.95
N ALA B 115 -22.48 -30.83 -27.73
CA ALA B 115 -22.72 -32.21 -28.14
C ALA B 115 -21.68 -32.70 -29.14
N LEU B 116 -21.03 -31.79 -29.87
CA LEU B 116 -19.94 -32.19 -30.75
C LEU B 116 -18.75 -32.73 -29.97
N PHE B 117 -18.71 -32.54 -28.65
CA PHE B 117 -17.59 -32.97 -27.80
C PHE B 117 -18.04 -33.92 -26.70
N LYS B 118 -19.18 -34.59 -26.88
CA LYS B 118 -19.67 -35.55 -25.90
C LYS B 118 -18.95 -36.89 -25.97
N ASP B 119 -18.29 -37.20 -27.09
CA ASP B 119 -17.50 -38.41 -27.20
C ASP B 119 -16.72 -38.33 -28.52
N GLY B 120 -15.77 -39.25 -28.67
CA GLY B 120 -14.91 -39.33 -29.83
C GLY B 120 -13.46 -39.01 -29.52
N ASP B 121 -12.72 -38.65 -30.56
CA ASP B 121 -11.36 -38.17 -30.38
C ASP B 121 -11.35 -36.79 -29.72
N GLN B 122 -12.37 -35.97 -30.00
CA GLN B 122 -12.52 -34.65 -29.42
C GLN B 122 -13.47 -34.64 -28.22
N LYS B 123 -13.51 -35.73 -27.46
CA LYS B 123 -14.23 -35.72 -26.21
C LYS B 123 -13.63 -34.69 -25.27
N LEU B 124 -14.49 -33.92 -24.59
CA LEU B 124 -14.00 -32.80 -23.80
C LEU B 124 -12.90 -33.23 -22.84
N GLU B 125 -13.04 -34.42 -22.25
CA GLU B 125 -12.02 -34.88 -21.30
C GLU B 125 -10.67 -35.08 -21.98
N LYS B 126 -10.66 -35.44 -23.26
CA LYS B 126 -9.39 -35.53 -23.99
C LYS B 126 -8.80 -34.15 -24.23
N ILE B 127 -9.60 -33.23 -24.76
CA ILE B 127 -9.16 -31.85 -24.96
C ILE B 127 -8.60 -31.29 -23.67
N ILE B 128 -9.33 -31.45 -22.57
CA ILE B 128 -8.94 -30.86 -21.31
C ILE B 128 -7.64 -31.47 -20.81
N CYS B 129 -7.56 -32.80 -20.77
CA CYS B 129 -6.38 -33.45 -20.22
C CYS B 129 -5.12 -33.12 -21.05
N GLN B 130 -5.28 -32.87 -22.35
CA GLN B 130 -4.12 -32.47 -23.15
C GLN B 130 -3.50 -31.20 -22.61
N GLU B 131 -4.31 -30.15 -22.43
CA GLU B 131 -3.79 -28.88 -21.94
C GLU B 131 -3.24 -29.03 -20.54
N ILE B 132 -3.95 -29.75 -19.66
CA ILE B 132 -3.48 -29.90 -18.28
C ILE B 132 -2.12 -30.56 -18.25
N SER B 133 -1.85 -31.45 -19.22
CA SER B 133 -0.53 -32.08 -19.30
C SER B 133 0.54 -31.04 -19.60
N THR B 134 0.27 -30.12 -20.52
CA THR B 134 1.23 -29.08 -20.82
C THR B 134 1.44 -28.17 -19.61
N LEU B 135 0.35 -27.79 -18.94
CA LEU B 135 0.47 -26.94 -17.75
C LEU B 135 1.34 -27.60 -16.69
N CYS B 136 1.09 -28.88 -16.41
CA CYS B 136 1.87 -29.56 -15.38
C CYS B 136 3.33 -29.65 -15.77
N ASP B 137 3.64 -29.75 -17.06
CA ASP B 137 5.03 -29.80 -17.50
C ASP B 137 5.69 -28.43 -17.34
N MET B 138 4.96 -27.34 -17.64
CA MET B 138 5.51 -26.02 -17.42
C MET B 138 5.69 -25.73 -15.93
N LEU B 139 4.67 -26.04 -15.13
CA LEU B 139 4.76 -25.78 -13.70
C LEU B 139 5.90 -26.56 -13.06
N ALA B 140 6.21 -27.75 -13.59
CA ALA B 140 7.26 -28.57 -12.99
C ALA B 140 8.64 -27.97 -13.19
N THR B 141 8.83 -27.16 -14.25
CA THR B 141 10.10 -26.47 -14.40
C THR B 141 10.36 -25.54 -13.23
N HIS B 142 9.30 -25.08 -12.57
CA HIS B 142 9.41 -24.17 -11.43
C HIS B 142 9.55 -24.91 -10.10
N ASN B 143 10.03 -26.15 -10.14
CA ASN B 143 10.23 -26.92 -8.92
C ASN B 143 11.07 -26.14 -7.94
N GLY B 144 10.51 -25.91 -6.75
CA GLY B 144 11.21 -25.23 -5.70
C GLY B 144 11.07 -23.71 -5.69
N GLN B 145 10.25 -23.16 -6.57
CA GLN B 145 10.05 -21.73 -6.66
C GLN B 145 8.63 -21.36 -6.27
N SER B 146 8.47 -20.11 -5.82
CA SER B 146 7.16 -19.53 -5.55
C SER B 146 6.73 -18.72 -6.76
N ILE B 147 5.53 -19.00 -7.28
CA ILE B 147 5.04 -18.36 -8.51
C ILE B 147 3.57 -18.01 -8.38
N ASP B 148 3.14 -17.07 -9.21
CA ASP B 148 1.72 -16.81 -9.49
C ASP B 148 1.30 -17.72 -10.64
N ILE B 149 0.32 -18.59 -10.39
CA ILE B 149 -0.10 -19.58 -11.38
C ILE B 149 -1.25 -19.06 -12.23
N SER B 150 -1.54 -17.76 -12.12
CA SER B 150 -2.65 -17.19 -12.88
C SER B 150 -2.47 -17.42 -14.38
N PHE B 151 -1.32 -17.02 -14.92
CA PHE B 151 -1.17 -17.03 -16.38
C PHE B 151 -1.11 -18.45 -16.93
N PRO B 152 -0.36 -19.39 -16.34
CA PRO B 152 -0.37 -20.77 -16.91
C PRO B 152 -1.75 -21.38 -16.96
N VAL B 153 -2.58 -21.14 -15.95
CA VAL B 153 -3.95 -21.63 -15.99
C VAL B 153 -4.74 -20.90 -17.08
N PHE B 154 -4.62 -19.57 -17.11
CA PHE B 154 -5.29 -18.78 -18.15
C PHE B 154 -4.97 -19.35 -19.54
N VAL B 155 -3.72 -19.76 -19.77
CA VAL B 155 -3.34 -20.25 -21.09
C VAL B 155 -3.92 -21.63 -21.33
N ALA B 156 -3.87 -22.52 -20.33
CA ALA B 156 -4.47 -23.84 -20.49
C ALA B 156 -5.94 -23.73 -20.85
N VAL B 157 -6.69 -22.92 -20.10
CA VAL B 157 -8.14 -22.87 -20.34
C VAL B 157 -8.44 -22.09 -21.62
N THR B 158 -7.62 -21.09 -21.95
CA THR B 158 -7.80 -20.41 -23.23
C THR B 158 -7.63 -21.37 -24.39
N ASN B 159 -6.73 -22.36 -24.24
CA ASN B 159 -6.52 -23.33 -25.31
C ASN B 159 -7.70 -24.29 -25.42
N VAL B 160 -8.24 -24.72 -24.29
CA VAL B 160 -9.41 -25.61 -24.31
C VAL B 160 -10.57 -24.93 -25.03
N ILE B 161 -10.83 -23.66 -24.69
CA ILE B 161 -11.95 -22.96 -25.30
C ILE B 161 -11.66 -22.65 -26.77
N SER B 162 -10.42 -22.26 -27.08
CA SER B 162 -10.07 -22.04 -28.47
C SER B 162 -10.28 -23.31 -29.29
N LEU B 163 -10.00 -24.48 -28.71
CA LEU B 163 -10.25 -25.74 -29.40
C LEU B 163 -11.74 -25.98 -29.60
N ILE B 164 -12.57 -25.51 -28.65
CA ILE B 164 -14.01 -25.69 -28.79
C ILE B 164 -14.58 -24.73 -29.82
N CYS B 165 -13.97 -23.56 -29.99
CA CYS B 165 -14.52 -22.55 -30.89
C CYS B 165 -13.98 -22.64 -32.30
N PHE B 166 -12.70 -23.01 -32.46
CA PHE B 166 -12.05 -22.95 -33.77
C PHE B 166 -11.25 -24.20 -34.12
N ASN B 167 -11.16 -25.18 -33.22
CA ASN B 167 -10.24 -26.31 -33.38
C ASN B 167 -8.80 -25.84 -33.55
N THR B 168 -8.46 -24.70 -32.91
CA THR B 168 -7.09 -24.22 -32.85
C THR B 168 -6.67 -24.07 -31.40
N SER B 169 -5.37 -24.15 -31.14
CA SER B 169 -4.82 -23.78 -29.86
C SER B 169 -3.56 -22.96 -30.11
N TYR B 170 -3.12 -22.25 -29.08
CA TYR B 170 -1.92 -21.42 -29.16
C TYR B 170 -0.71 -22.24 -28.77
N LYS B 171 0.40 -22.00 -29.45
CA LYS B 171 1.64 -22.64 -29.07
C LYS B 171 2.32 -21.84 -27.96
N ASN B 172 3.16 -22.52 -27.20
CA ASN B 172 3.91 -21.85 -26.14
C ASN B 172 4.57 -20.59 -26.66
N GLY B 173 4.41 -19.50 -25.94
CA GLY B 173 5.07 -18.26 -26.24
C GLY B 173 4.35 -17.35 -27.21
N ASP B 174 3.18 -17.72 -27.69
CA ASP B 174 2.48 -16.88 -28.65
C ASP B 174 2.11 -15.56 -27.97
N PRO B 175 2.64 -14.42 -28.45
CA PRO B 175 2.35 -13.16 -27.75
C PRO B 175 0.87 -12.80 -27.75
N GLU B 176 0.07 -13.48 -28.57
CA GLU B 176 -1.36 -13.20 -28.60
C GLU B 176 -2.01 -13.49 -27.25
N LEU B 177 -1.52 -14.49 -26.53
CA LEU B 177 -2.07 -14.80 -25.22
C LEU B 177 -1.87 -13.65 -24.24
N ASN B 178 -0.73 -12.95 -24.35
CA ASN B 178 -0.51 -11.76 -23.53
C ASN B 178 -1.45 -10.64 -23.94
N VAL B 179 -1.74 -10.54 -25.24
CA VAL B 179 -2.66 -9.51 -25.72
C VAL B 179 -4.05 -9.74 -25.16
N ILE B 180 -4.51 -11.00 -25.18
CA ILE B 180 -5.83 -11.32 -24.64
C ILE B 180 -5.88 -11.03 -23.15
N GLN B 181 -4.91 -11.57 -22.40
CA GLN B 181 -4.83 -11.30 -20.98
C GLN B 181 -4.89 -9.81 -20.70
N ASN B 182 -4.27 -8.99 -21.56
CA ASN B 182 -4.21 -7.56 -21.30
C ASN B 182 -5.59 -6.92 -21.41
N TYR B 183 -6.33 -7.19 -22.49
CA TYR B 183 -7.62 -6.52 -22.64
C TYR B 183 -8.71 -7.18 -21.79
N ASN B 184 -8.54 -8.44 -21.40
CA ASN B 184 -9.44 -9.06 -20.44
C ASN B 184 -9.34 -8.35 -19.09
N GLU B 185 -8.11 -8.19 -18.60
CA GLU B 185 -7.85 -7.43 -17.38
C GLU B 185 -8.37 -6.01 -17.49
N GLY B 186 -8.22 -5.41 -18.67
CA GLY B 186 -8.68 -4.04 -18.86
C GLY B 186 -10.19 -3.93 -18.78
N ILE B 187 -10.91 -4.87 -19.39
CA ILE B 187 -12.36 -4.81 -19.41
C ILE B 187 -12.94 -5.15 -18.04
N ILE B 188 -12.41 -6.20 -17.40
CA ILE B 188 -12.89 -6.56 -16.08
C ILE B 188 -12.64 -5.42 -15.10
N ASP B 189 -11.53 -4.71 -15.27
CA ASP B 189 -11.19 -3.64 -14.34
C ASP B 189 -12.11 -2.43 -14.50
N ASN B 190 -12.58 -2.17 -15.72
CA ASN B 190 -13.41 -1.00 -15.99
C ASN B 190 -14.88 -1.31 -16.17
N LEU B 191 -15.28 -2.58 -16.17
CA LEU B 191 -16.70 -2.89 -16.40
C LEU B 191 -17.56 -2.46 -15.22
N SER B 192 -17.14 -2.80 -14.01
CA SER B 192 -17.90 -2.48 -12.82
C SER B 192 -17.02 -2.61 -11.60
N LYS B 193 -17.28 -1.81 -10.58
CA LYS B 193 -16.54 -1.92 -9.34
C LYS B 193 -17.25 -2.81 -8.34
N ASP B 194 -18.47 -3.27 -8.63
CA ASP B 194 -19.23 -4.05 -7.66
C ASP B 194 -20.29 -5.03 -8.22
N SER B 195 -19.84 -6.11 -8.83
CA SER B 195 -20.76 -7.15 -9.30
C SER B 195 -21.94 -6.71 -10.18
N LEU B 196 -21.71 -5.75 -11.07
CA LEU B 196 -22.74 -5.28 -12.00
C LEU B 196 -23.98 -4.74 -11.33
N VAL B 197 -23.88 -4.44 -10.05
CA VAL B 197 -24.99 -3.84 -9.33
C VAL B 197 -24.47 -2.50 -8.83
N ASP B 198 -24.19 -1.60 -9.75
CA ASP B 198 -23.67 -0.28 -9.42
C ASP B 198 -24.86 0.63 -9.15
N LEU B 199 -25.27 0.72 -7.88
CA LEU B 199 -26.49 1.43 -7.52
C LEU B 199 -26.44 2.88 -8.00
N VAL B 200 -25.50 3.66 -7.49
CA VAL B 200 -25.39 5.06 -7.88
C VAL B 200 -24.70 5.15 -9.23
N PRO B 201 -25.21 5.92 -10.19
CA PRO B 201 -24.58 6.01 -11.53
C PRO B 201 -23.51 7.09 -11.60
N TRP B 202 -22.41 6.86 -10.87
CA TRP B 202 -21.34 7.84 -10.85
C TRP B 202 -20.83 8.17 -12.24
N LEU B 203 -20.85 7.18 -13.15
CA LEU B 203 -20.33 7.38 -14.49
C LEU B 203 -20.98 8.56 -15.19
N LYS B 204 -22.24 8.84 -14.88
CA LYS B 204 -22.98 9.90 -15.55
C LYS B 204 -23.02 11.21 -14.77
N ILE B 205 -22.51 11.22 -13.54
CA ILE B 205 -22.57 12.39 -12.69
C ILE B 205 -21.30 13.21 -12.77
N PHE B 206 -20.15 12.56 -12.78
CA PHE B 206 -18.88 13.24 -12.73
C PHE B 206 -18.06 12.91 -13.98
N PRO B 207 -17.15 13.80 -14.38
CA PRO B 207 -16.33 13.53 -15.56
C PRO B 207 -15.38 12.36 -15.32
N ASN B 208 -15.24 11.52 -16.34
CA ASN B 208 -14.43 10.31 -16.23
C ASN B 208 -14.17 9.77 -17.62
N LYS B 209 -13.25 8.80 -17.68
CA LYS B 209 -12.87 8.16 -18.95
C LYS B 209 -13.20 6.67 -18.96
N THR B 210 -14.11 6.22 -18.09
CA THR B 210 -14.39 4.79 -18.00
C THR B 210 -14.84 4.24 -19.36
N LEU B 211 -15.82 4.89 -19.98
CA LEU B 211 -16.37 4.35 -21.22
C LEU B 211 -15.36 4.42 -22.36
N GLU B 212 -14.41 5.36 -22.30
CA GLU B 212 -13.39 5.45 -23.35
C GLU B 212 -12.30 4.42 -23.17
N LYS B 213 -11.96 4.08 -21.92
CA LYS B 213 -11.03 2.98 -21.69
C LYS B 213 -11.63 1.65 -22.11
N LEU B 214 -12.92 1.45 -21.84
CA LEU B 214 -13.60 0.23 -22.23
C LEU B 214 -13.64 0.09 -23.75
N LYS B 215 -14.04 1.16 -24.44
CA LYS B 215 -14.08 1.12 -25.91
C LYS B 215 -12.71 0.71 -26.48
N SER B 216 -11.65 1.32 -25.96
CA SER B 216 -10.32 1.03 -26.52
C SER B 216 -9.91 -0.41 -26.25
N HIS B 217 -10.31 -0.98 -25.12
CA HIS B 217 -10.02 -2.40 -24.88
C HIS B 217 -10.88 -3.28 -25.79
N VAL B 218 -12.15 -2.96 -25.94
CA VAL B 218 -13.04 -3.79 -26.75
C VAL B 218 -12.62 -3.75 -28.22
N LYS B 219 -12.13 -2.61 -28.69
CA LYS B 219 -11.67 -2.52 -30.07
C LYS B 219 -10.58 -3.55 -30.35
N ILE B 220 -9.59 -3.67 -29.45
CA ILE B 220 -8.53 -4.65 -29.64
C ILE B 220 -9.13 -6.05 -29.69
N ARG B 221 -10.10 -6.34 -28.81
CA ARG B 221 -10.76 -7.64 -28.82
C ARG B 221 -11.49 -7.87 -30.13
N ASN B 222 -12.31 -6.90 -30.54
CA ASN B 222 -13.09 -7.06 -31.76
C ASN B 222 -12.18 -7.26 -32.97
N ASP B 223 -11.12 -6.45 -33.08
CA ASP B 223 -10.20 -6.59 -34.20
C ASP B 223 -9.51 -7.95 -34.22
N LEU B 224 -9.06 -8.41 -33.04
CA LEU B 224 -8.45 -9.74 -32.98
C LEU B 224 -9.43 -10.82 -33.39
N LEU B 225 -10.68 -10.74 -32.91
CA LEU B 225 -11.67 -11.75 -33.25
C LEU B 225 -12.05 -11.69 -34.72
N ASN B 226 -12.18 -10.47 -35.25
CA ASN B 226 -12.56 -10.31 -36.66
C ASN B 226 -11.52 -10.94 -37.57
N LYS B 227 -10.24 -10.74 -37.27
CA LYS B 227 -9.21 -11.39 -38.06
C LYS B 227 -9.44 -12.90 -38.11
N ILE B 228 -9.63 -13.52 -36.95
CA ILE B 228 -9.85 -14.97 -36.91
C ILE B 228 -11.09 -15.34 -37.71
N LEU B 229 -12.16 -14.58 -37.55
CA LEU B 229 -13.43 -14.96 -38.16
C LEU B 229 -13.36 -14.86 -39.68
N GLU B 230 -12.71 -13.83 -40.22
CA GLU B 230 -12.62 -13.68 -41.66
C GLU B 230 -11.58 -14.59 -42.29
N ASN B 231 -10.57 -15.02 -41.52
CA ASN B 231 -9.67 -16.06 -42.00
C ASN B 231 -10.31 -17.44 -41.92
N TYR B 232 -11.36 -17.60 -41.11
CA TYR B 232 -12.07 -18.88 -41.06
C TYR B 232 -13.05 -19.06 -42.20
N LYS B 233 -13.54 -17.96 -42.78
CA LYS B 233 -14.45 -18.06 -43.92
C LYS B 233 -13.82 -18.86 -45.05
N GLU B 234 -12.49 -18.82 -45.15
CA GLU B 234 -11.77 -19.60 -46.15
C GLU B 234 -11.50 -21.03 -45.72
N LYS B 235 -11.80 -21.38 -44.46
CA LYS B 235 -11.63 -22.75 -43.97
C LYS B 235 -12.94 -23.50 -43.86
N PHE B 236 -14.04 -22.80 -43.62
CA PHE B 236 -15.30 -23.46 -43.31
C PHE B 236 -15.75 -24.36 -44.45
N ARG B 237 -16.25 -25.53 -44.10
CA ARG B 237 -16.83 -26.47 -45.05
C ARG B 237 -18.13 -27.00 -44.46
N SER B 238 -19.15 -27.12 -45.31
CA SER B 238 -20.46 -27.59 -44.86
C SER B 238 -20.41 -29.01 -44.33
N ASP B 239 -19.40 -29.79 -44.71
CA ASP B 239 -19.31 -31.20 -44.34
C ASP B 239 -18.44 -31.45 -43.12
N SER B 240 -17.89 -30.41 -42.49
CA SER B 240 -17.06 -30.56 -41.29
C SER B 240 -17.56 -29.56 -40.25
N ILE B 241 -18.47 -30.00 -39.39
CA ILE B 241 -19.06 -29.20 -38.32
C ILE B 241 -18.51 -29.75 -37.01
N THR B 242 -17.44 -29.14 -36.51
CA THR B 242 -16.70 -29.70 -35.38
C THR B 242 -16.41 -28.70 -34.28
N ASN B 243 -16.86 -27.46 -34.39
CA ASN B 243 -16.59 -26.46 -33.37
C ASN B 243 -17.72 -25.44 -33.37
N MET B 244 -17.57 -24.42 -32.52
CA MET B 244 -18.64 -23.45 -32.32
C MET B 244 -18.79 -22.54 -33.53
N LEU B 245 -17.68 -22.17 -34.17
CA LEU B 245 -17.78 -21.28 -35.33
C LEU B 245 -18.47 -21.98 -36.49
N ASP B 246 -18.16 -23.26 -36.70
CA ASP B 246 -18.90 -24.03 -37.70
C ASP B 246 -20.39 -24.03 -37.42
N THR B 247 -20.77 -24.32 -36.17
CA THR B 247 -22.18 -24.38 -35.81
C THR B 247 -22.90 -23.08 -36.15
N LEU B 248 -22.24 -21.93 -35.93
CA LEU B 248 -22.85 -20.64 -36.22
C LEU B 248 -22.90 -20.36 -37.72
N MET B 249 -21.82 -20.71 -38.44
CA MET B 249 -21.78 -20.46 -39.87
C MET B 249 -22.80 -21.30 -40.62
N GLN B 250 -22.93 -22.58 -40.24
CA GLN B 250 -23.93 -23.44 -40.85
C GLN B 250 -25.32 -22.86 -40.69
N ALA B 251 -25.70 -22.49 -39.46
CA ALA B 251 -27.01 -21.91 -39.22
C ALA B 251 -27.27 -20.73 -40.16
N LYS B 252 -26.24 -19.93 -40.42
CA LYS B 252 -26.40 -18.78 -41.31
C LYS B 252 -26.52 -19.22 -42.76
N MET B 253 -25.77 -20.26 -43.14
CA MET B 253 -25.90 -20.81 -44.49
C MET B 253 -27.29 -21.39 -44.70
N ASN B 254 -27.80 -22.14 -43.72
CA ASN B 254 -29.12 -22.74 -43.84
C ASN B 254 -30.24 -21.70 -43.77
N SER B 255 -29.94 -20.46 -43.39
CA SER B 255 -30.93 -19.40 -43.38
C SER B 255 -30.86 -18.56 -44.66
N ASP B 265 -32.74 -17.96 -38.32
CA ASP B 265 -32.78 -16.80 -39.20
C ASP B 265 -31.39 -16.23 -39.46
N SER B 266 -31.18 -15.70 -40.66
CA SER B 266 -29.87 -15.18 -41.04
C SER B 266 -29.63 -13.74 -40.60
N GLU B 267 -30.69 -12.96 -40.38
CA GLU B 267 -30.50 -11.60 -39.88
C GLU B 267 -29.91 -11.59 -38.48
N LEU B 268 -30.17 -12.64 -37.71
CA LEU B 268 -29.64 -12.77 -36.35
C LEU B 268 -28.26 -13.41 -36.32
N LEU B 269 -27.71 -13.80 -37.47
CA LEU B 269 -26.40 -14.43 -37.57
C LEU B 269 -25.41 -13.53 -38.30
N SER B 270 -25.55 -12.22 -38.14
CA SER B 270 -24.59 -11.28 -38.69
C SER B 270 -23.19 -11.58 -38.17
N ASP B 271 -22.19 -11.02 -38.87
CA ASP B 271 -20.80 -11.21 -38.45
C ASP B 271 -20.57 -10.68 -37.05
N ASN B 272 -21.04 -9.44 -36.78
CA ASN B 272 -20.91 -8.90 -35.43
C ASN B 272 -21.59 -9.79 -34.40
N HIS B 273 -22.76 -10.34 -34.75
CA HIS B 273 -23.45 -11.20 -33.82
C HIS B 273 -22.66 -12.47 -33.54
N ILE B 274 -22.03 -13.04 -34.56
CA ILE B 274 -21.22 -14.24 -34.34
C ILE B 274 -19.97 -13.89 -33.56
N LEU B 275 -19.33 -12.77 -33.88
CA LEU B 275 -18.15 -12.34 -33.14
C LEU B 275 -18.46 -12.18 -31.65
N THR B 276 -19.54 -11.46 -31.33
CA THR B 276 -19.86 -11.17 -29.94
C THR B 276 -20.21 -12.43 -29.16
N THR B 277 -20.90 -13.38 -29.81
CA THR B 277 -21.18 -14.65 -29.14
C THR B 277 -19.89 -15.39 -28.83
N ILE B 278 -18.98 -15.48 -29.80
CA ILE B 278 -17.68 -16.10 -29.57
C ILE B 278 -16.92 -15.35 -28.49
N GLY B 279 -16.96 -14.01 -28.54
CA GLY B 279 -16.32 -13.22 -27.50
C GLY B 279 -16.84 -13.56 -26.12
N ASP B 280 -18.16 -13.71 -25.99
CA ASP B 280 -18.76 -14.06 -24.70
C ASP B 280 -18.30 -15.44 -24.22
N ILE B 281 -18.18 -16.40 -25.15
CA ILE B 281 -17.79 -17.74 -24.77
C ILE B 281 -16.33 -17.78 -24.35
N PHE B 282 -15.47 -17.06 -25.07
CA PHE B 282 -14.07 -17.01 -24.69
C PHE B 282 -13.89 -16.36 -23.33
N GLY B 283 -14.52 -15.19 -23.14
CA GLY B 283 -14.41 -14.50 -21.87
C GLY B 283 -14.97 -15.30 -20.71
N ALA B 284 -16.18 -15.86 -20.92
CA ALA B 284 -16.82 -16.62 -19.85
C ALA B 284 -16.01 -17.86 -19.49
N GLY B 285 -15.56 -18.60 -20.51
CA GLY B 285 -14.86 -19.84 -20.25
C GLY B 285 -13.52 -19.66 -19.55
N VAL B 286 -12.85 -18.54 -19.81
CA VAL B 286 -11.46 -18.37 -19.37
C VAL B 286 -11.40 -17.70 -18.01
N GLU B 287 -12.14 -16.60 -17.82
CA GLU B 287 -11.98 -15.81 -16.60
C GLU B 287 -12.68 -16.44 -15.40
N THR B 288 -13.78 -17.15 -15.63
CA THR B 288 -14.48 -17.81 -14.52
C THR B 288 -13.68 -19.00 -14.00
N THR B 289 -13.26 -19.88 -14.92
CA THR B 289 -12.53 -21.07 -14.52
C THR B 289 -11.20 -20.72 -13.88
N THR B 290 -10.50 -19.72 -14.43
CA THR B 290 -9.23 -19.32 -13.83
C THR B 290 -9.43 -18.80 -12.42
N SER B 291 -10.50 -18.06 -12.18
CA SER B 291 -10.75 -17.53 -10.85
C SER B 291 -11.03 -18.66 -9.85
N VAL B 292 -11.88 -19.61 -10.22
CA VAL B 292 -12.25 -20.65 -9.27
C VAL B 292 -11.02 -21.49 -8.91
N VAL B 293 -10.15 -21.75 -9.88
CA VAL B 293 -8.94 -22.50 -9.56
C VAL B 293 -8.08 -21.75 -8.54
N LYS B 294 -7.93 -20.44 -8.73
CA LYS B 294 -7.15 -19.63 -7.80
C LYS B 294 -7.82 -19.59 -6.43
N TRP B 295 -9.15 -19.48 -6.39
CA TRP B 295 -9.86 -19.53 -5.12
C TRP B 295 -9.66 -20.87 -4.42
N THR B 296 -9.71 -21.97 -5.18
CA THR B 296 -9.54 -23.29 -4.58
C THR B 296 -8.16 -23.42 -3.96
N LEU B 297 -7.13 -23.00 -4.69
CA LEU B 297 -5.78 -23.07 -4.15
C LEU B 297 -5.64 -22.20 -2.91
N ALA B 298 -6.21 -21.01 -2.92
CA ALA B 298 -6.12 -20.14 -1.74
C ALA B 298 -6.68 -20.84 -0.50
N PHE B 299 -7.88 -21.40 -0.62
CA PHE B 299 -8.51 -22.02 0.54
C PHE B 299 -7.67 -23.17 1.08
N LEU B 300 -7.00 -23.91 0.21
CA LEU B 300 -6.21 -25.05 0.68
C LEU B 300 -4.91 -24.60 1.34
N LEU B 301 -4.38 -23.44 0.94
CA LEU B 301 -3.25 -22.87 1.67
C LEU B 301 -3.64 -22.49 3.09
N HIS B 302 -4.91 -22.10 3.28
CA HIS B 302 -5.42 -21.77 4.60
C HIS B 302 -5.92 -22.98 5.37
N ASN B 303 -6.01 -24.14 4.71
CA ASN B 303 -6.63 -25.33 5.29
C ASN B 303 -5.76 -26.53 4.96
N PRO B 304 -4.54 -26.57 5.50
CA PRO B 304 -3.65 -27.69 5.21
C PRO B 304 -4.24 -29.04 5.59
N GLN B 305 -5.15 -29.07 6.56
CA GLN B 305 -5.77 -30.34 6.96
C GLN B 305 -6.62 -30.91 5.84
N VAL B 306 -7.41 -30.06 5.19
CA VAL B 306 -8.16 -30.51 4.01
C VAL B 306 -7.19 -30.89 2.89
N LYS B 307 -6.10 -30.13 2.76
CA LYS B 307 -5.14 -30.39 1.69
C LYS B 307 -4.50 -31.78 1.86
N LYS B 308 -4.17 -32.15 3.10
CA LYS B 308 -3.57 -33.45 3.33
C LYS B 308 -4.55 -34.57 2.99
N LYS B 309 -5.79 -34.46 3.46
CA LYS B 309 -6.80 -35.47 3.17
C LYS B 309 -6.96 -35.66 1.67
N LEU B 310 -6.84 -34.59 0.90
CA LEU B 310 -6.97 -34.70 -0.56
C LEU B 310 -5.80 -35.47 -1.15
N TYR B 311 -4.57 -35.17 -0.72
CA TYR B 311 -3.42 -35.94 -1.17
C TYR B 311 -3.60 -37.42 -0.83
N GLU B 312 -4.09 -37.71 0.37
CA GLU B 312 -4.32 -39.10 0.77
C GLU B 312 -5.41 -39.73 -0.09
N GLU B 313 -6.50 -39.01 -0.32
CA GLU B 313 -7.59 -39.52 -1.16
C GLU B 313 -7.06 -39.92 -2.54
N ILE B 314 -6.44 -38.97 -3.24
CA ILE B 314 -6.03 -39.22 -4.62
C ILE B 314 -4.96 -40.31 -4.68
N ASP B 315 -4.08 -40.37 -3.68
CA ASP B 315 -3.02 -41.37 -3.70
C ASP B 315 -3.60 -42.79 -3.61
N GLN B 316 -4.66 -42.97 -2.80
CA GLN B 316 -5.23 -44.29 -2.60
C GLN B 316 -6.18 -44.70 -3.71
N ASN B 317 -6.77 -43.74 -4.43
CA ASN B 317 -7.78 -44.06 -5.43
C ASN B 317 -7.30 -43.91 -6.87
N VAL B 318 -6.19 -43.22 -7.11
CA VAL B 318 -5.68 -43.06 -8.46
C VAL B 318 -4.22 -43.49 -8.50
N GLY B 319 -3.48 -43.23 -7.43
CA GLY B 319 -2.09 -43.59 -7.42
C GLY B 319 -1.32 -42.86 -8.51
N PHE B 320 -0.15 -43.43 -8.83
CA PHE B 320 0.77 -42.81 -9.77
C PHE B 320 1.06 -43.69 -10.98
N SER B 321 0.21 -44.68 -11.23
CA SER B 321 0.32 -45.49 -12.44
C SER B 321 -0.37 -44.86 -13.63
N ARG B 322 -1.11 -43.77 -13.43
CA ARG B 322 -1.87 -43.13 -14.49
C ARG B 322 -2.30 -41.76 -14.00
N THR B 323 -2.64 -40.88 -14.96
CA THR B 323 -3.18 -39.56 -14.63
C THR B 323 -4.66 -39.67 -14.33
N PRO B 324 -5.20 -38.77 -13.51
CA PRO B 324 -6.64 -38.83 -13.20
C PRO B 324 -7.48 -38.62 -14.44
N THR B 325 -8.69 -39.18 -14.43
CA THR B 325 -9.64 -39.03 -15.51
C THR B 325 -10.98 -38.60 -14.93
N ILE B 326 -11.95 -38.30 -15.80
CA ILE B 326 -13.25 -37.84 -15.34
C ILE B 326 -13.94 -38.92 -14.53
N SER B 327 -13.79 -40.18 -14.95
CA SER B 327 -14.39 -41.29 -14.21
C SER B 327 -14.00 -41.28 -12.74
N ASP B 328 -12.89 -40.62 -12.40
CA ASP B 328 -12.42 -40.59 -11.02
C ASP B 328 -13.30 -39.75 -10.10
N ARG B 329 -14.26 -39.00 -10.64
CA ARG B 329 -15.16 -38.26 -9.78
C ARG B 329 -15.98 -39.18 -8.89
N ASN B 330 -16.03 -40.48 -9.21
CA ASN B 330 -16.70 -41.46 -8.38
C ASN B 330 -15.91 -41.79 -7.13
N ARG B 331 -14.60 -41.59 -7.15
CA ARG B 331 -13.75 -41.97 -6.04
C ARG B 331 -13.16 -40.77 -5.29
N LEU B 332 -12.85 -39.68 -5.99
CA LEU B 332 -12.31 -38.48 -5.35
C LEU B 332 -13.45 -37.60 -4.87
N LEU B 333 -14.10 -38.05 -3.81
CA LEU B 333 -15.29 -37.37 -3.32
C LEU B 333 -14.93 -36.11 -2.54
N LEU B 334 -13.86 -36.14 -1.76
CA LEU B 334 -13.43 -34.94 -1.04
C LEU B 334 -13.06 -33.83 -2.01
N LEU B 335 -12.33 -34.18 -3.07
CA LEU B 335 -12.01 -33.19 -4.11
C LEU B 335 -13.29 -32.60 -4.68
N GLU B 336 -14.31 -33.44 -4.91
CA GLU B 336 -15.56 -32.95 -5.48
C GLU B 336 -16.35 -32.12 -4.48
N ALA B 337 -16.27 -32.45 -3.19
CA ALA B 337 -16.92 -31.64 -2.18
C ALA B 337 -16.17 -30.34 -1.94
N THR B 338 -14.85 -30.35 -2.06
CA THR B 338 -14.08 -29.11 -1.93
C THR B 338 -14.48 -28.11 -3.01
N ILE B 339 -14.57 -28.57 -4.25
CA ILE B 339 -14.99 -27.69 -5.34
C ILE B 339 -16.38 -27.13 -5.07
N ARG B 340 -17.29 -27.98 -4.59
CA ARG B 340 -18.63 -27.51 -4.27
C ARG B 340 -18.59 -26.44 -3.19
N GLU B 341 -17.73 -26.61 -2.18
CA GLU B 341 -17.67 -25.66 -1.09
C GLU B 341 -17.03 -24.35 -1.52
N VAL B 342 -16.14 -24.38 -2.52
CA VAL B 342 -15.56 -23.14 -3.02
C VAL B 342 -16.59 -22.36 -3.83
N LEU B 343 -17.42 -23.06 -4.61
CA LEU B 343 -18.46 -22.38 -5.36
C LEU B 343 -19.59 -21.87 -4.46
N ARG B 344 -19.70 -22.39 -3.25
CA ARG B 344 -20.68 -21.85 -2.31
C ARG B 344 -20.14 -20.62 -1.61
N LEU B 345 -18.88 -20.67 -1.17
CA LEU B 345 -18.33 -19.58 -0.38
C LEU B 345 -17.98 -18.37 -1.22
N ARG B 346 -17.40 -18.61 -2.40
CA ARG B 346 -16.89 -17.53 -3.25
C ARG B 346 -17.43 -17.68 -4.68
N PRO B 347 -18.75 -17.57 -4.83
CA PRO B 347 -19.34 -17.70 -6.17
C PRO B 347 -18.73 -16.73 -7.16
N VAL B 348 -18.52 -17.20 -8.39
CA VAL B 348 -18.03 -16.35 -9.45
C VAL B 348 -18.89 -15.10 -9.58
N ALA B 349 -20.21 -15.27 -9.44
CA ALA B 349 -21.17 -14.17 -9.59
C ALA B 349 -22.01 -14.11 -8.32
N PRO B 350 -21.57 -13.33 -7.33
CA PRO B 350 -22.29 -13.28 -6.05
C PRO B 350 -23.71 -12.76 -6.19
N MET B 351 -23.97 -12.01 -7.25
CA MET B 351 -25.30 -11.50 -7.52
C MET B 351 -25.72 -11.90 -8.92
N LEU B 352 -25.18 -13.00 -9.43
CA LEU B 352 -25.55 -13.51 -10.75
C LEU B 352 -25.26 -12.38 -11.75
N ILE B 353 -26.01 -12.34 -12.84
CA ILE B 353 -26.08 -11.19 -13.74
C ILE B 353 -27.47 -10.60 -13.53
N PRO B 354 -27.63 -9.28 -13.52
CA PRO B 354 -28.97 -8.72 -13.32
C PRO B 354 -29.98 -9.29 -14.31
N HIS B 355 -31.18 -9.59 -13.81
CA HIS B 355 -32.30 -9.98 -14.62
C HIS B 355 -33.21 -8.76 -14.82
N LYS B 356 -34.27 -8.94 -15.59
CA LYS B 356 -35.23 -7.86 -15.79
C LYS B 356 -36.60 -8.45 -16.10
N ALA B 357 -37.64 -7.80 -15.57
CA ALA B 357 -39.00 -8.22 -15.82
C ALA B 357 -39.36 -7.93 -17.27
N ASN B 358 -39.62 -9.00 -18.04
CA ASN B 358 -40.09 -8.82 -19.41
C ASN B 358 -41.53 -8.34 -19.46
N VAL B 359 -42.31 -8.66 -18.43
CA VAL B 359 -43.74 -8.36 -18.40
C VAL B 359 -44.10 -7.97 -16.97
N ASP B 360 -45.28 -7.38 -16.82
CA ASP B 360 -45.84 -7.17 -15.49
C ASP B 360 -46.00 -8.53 -14.82
N SER B 361 -45.49 -8.66 -13.61
CA SER B 361 -45.45 -9.97 -12.95
C SER B 361 -45.48 -9.76 -11.44
N SER B 362 -45.01 -10.77 -10.70
CA SER B 362 -45.01 -10.72 -9.25
C SER B 362 -43.92 -11.64 -8.73
N ILE B 363 -43.39 -11.30 -7.55
CA ILE B 363 -42.44 -12.13 -6.83
C ILE B 363 -42.92 -12.22 -5.39
N GLY B 364 -43.19 -13.44 -4.93
CA GLY B 364 -43.73 -13.61 -3.59
C GLY B 364 -45.02 -12.86 -3.38
N GLU B 365 -45.83 -12.73 -4.42
CA GLU B 365 -47.15 -12.10 -4.43
C GLU B 365 -47.04 -10.57 -4.47
N PHE B 366 -45.84 -10.00 -4.40
CA PHE B 366 -45.68 -8.56 -4.59
C PHE B 366 -45.63 -8.25 -6.08
N ALA B 367 -46.22 -7.10 -6.45
CA ALA B 367 -46.23 -6.68 -7.84
C ALA B 367 -44.84 -6.22 -8.27
N VAL B 368 -44.46 -6.58 -9.50
CA VAL B 368 -43.22 -6.14 -10.11
C VAL B 368 -43.55 -5.70 -11.53
N ASP B 369 -43.31 -4.43 -11.83
CA ASP B 369 -43.67 -3.88 -13.13
C ASP B 369 -42.67 -4.30 -14.20
N LYS B 370 -43.15 -4.34 -15.44
CA LYS B 370 -42.26 -4.60 -16.56
C LYS B 370 -41.11 -3.60 -16.56
N GLY B 371 -39.92 -4.07 -16.94
CA GLY B 371 -38.75 -3.25 -16.96
C GLY B 371 -38.00 -3.17 -15.65
N THR B 372 -38.59 -3.66 -14.57
CA THR B 372 -37.91 -3.63 -13.27
C THR B 372 -36.70 -4.56 -13.29
N GLU B 373 -35.54 -4.01 -12.96
CA GLU B 373 -34.37 -4.85 -12.76
C GLU B 373 -34.58 -5.71 -11.53
N VAL B 374 -34.25 -6.99 -11.64
CA VAL B 374 -34.39 -7.95 -10.55
C VAL B 374 -33.04 -8.61 -10.33
N ILE B 375 -32.53 -8.51 -9.09
CA ILE B 375 -31.20 -8.98 -8.74
C ILE B 375 -31.35 -10.15 -7.77
N ILE B 376 -30.73 -11.28 -8.09
CA ILE B 376 -30.71 -12.45 -7.22
C ILE B 376 -29.42 -12.42 -6.42
N ASN B 377 -29.53 -12.22 -5.12
CA ASN B 377 -28.36 -12.17 -4.24
C ASN B 377 -27.98 -13.60 -3.87
N LEU B 378 -27.12 -14.20 -4.70
CA LEU B 378 -26.68 -15.57 -4.44
C LEU B 378 -25.88 -15.66 -3.15
N TRP B 379 -25.12 -14.62 -2.82
CA TRP B 379 -24.37 -14.58 -1.57
C TRP B 379 -25.27 -14.85 -0.38
N ALA B 380 -26.44 -14.21 -0.36
CA ALA B 380 -27.38 -14.43 0.73
C ALA B 380 -27.85 -15.88 0.77
N LEU B 381 -28.19 -16.44 -0.39
CA LEU B 381 -28.65 -17.82 -0.44
C LEU B 381 -27.59 -18.77 0.11
N HIS B 382 -26.32 -18.53 -0.22
CA HIS B 382 -25.22 -19.41 0.14
C HIS B 382 -24.70 -19.19 1.55
N HIS B 383 -25.17 -18.15 2.25
CA HIS B 383 -24.76 -17.88 3.63
C HIS B 383 -25.95 -17.86 4.58
N ASN B 384 -27.13 -18.26 4.12
CA ASN B 384 -28.30 -18.36 4.98
C ASN B 384 -28.01 -19.24 6.19
N GLU B 385 -28.06 -18.64 7.38
CA GLU B 385 -27.73 -19.38 8.60
C GLU B 385 -28.73 -20.50 8.88
N LYS B 386 -29.98 -20.33 8.44
CA LYS B 386 -30.99 -21.35 8.66
C LYS B 386 -30.80 -22.54 7.73
N GLU B 387 -30.18 -22.34 6.57
CA GLU B 387 -30.01 -23.41 5.59
C GLU B 387 -28.66 -24.09 5.67
N TRP B 388 -27.65 -23.41 6.21
CA TRP B 388 -26.29 -23.94 6.27
C TRP B 388 -25.75 -23.84 7.70
N HIS B 389 -24.91 -24.80 8.06
CA HIS B 389 -24.27 -24.82 9.37
C HIS B 389 -22.90 -24.14 9.26
N GLN B 390 -22.70 -23.09 10.05
CA GLN B 390 -21.46 -22.31 10.02
C GLN B 390 -21.16 -21.88 8.58
N PRO B 391 -22.07 -21.15 7.93
CA PRO B 391 -21.86 -20.78 6.52
C PRO B 391 -20.62 -19.94 6.30
N ASP B 392 -20.07 -19.34 7.35
CA ASP B 392 -18.86 -18.55 7.22
C ASP B 392 -17.63 -19.42 7.03
N GLN B 393 -17.71 -20.71 7.37
CA GLN B 393 -16.56 -21.58 7.45
C GLN B 393 -16.39 -22.42 6.19
N PHE B 394 -15.13 -22.65 5.82
CA PHE B 394 -14.78 -23.55 4.73
C PHE B 394 -14.86 -24.99 5.25
N MET B 395 -15.86 -25.73 4.79
CA MET B 395 -16.12 -27.08 5.28
C MET B 395 -16.50 -27.99 4.12
N PRO B 396 -15.51 -28.48 3.38
CA PRO B 396 -15.83 -29.45 2.31
C PRO B 396 -16.69 -30.61 2.80
N GLU B 397 -16.51 -31.03 4.04
CA GLU B 397 -17.24 -32.19 4.56
C GLU B 397 -18.75 -31.98 4.56
N ARG B 398 -19.22 -30.74 4.47
CA ARG B 398 -20.67 -30.50 4.48
C ARG B 398 -21.36 -31.10 3.27
N PHE B 399 -20.61 -31.44 2.22
CA PHE B 399 -21.16 -32.04 1.01
C PHE B 399 -20.92 -33.55 0.96
N LEU B 400 -20.58 -34.16 2.09
CA LEU B 400 -20.44 -35.61 2.20
C LEU B 400 -21.23 -36.10 3.41
N ASN B 401 -21.81 -37.30 3.28
CA ASN B 401 -22.44 -37.92 4.43
C ASN B 401 -21.43 -38.03 5.56
N PRO B 402 -21.89 -38.19 6.80
CA PRO B 402 -20.95 -38.17 7.94
C PRO B 402 -19.78 -39.13 7.75
N ALA B 403 -19.95 -40.20 6.98
CA ALA B 403 -18.91 -41.20 6.79
C ALA B 403 -17.96 -40.87 5.66
N GLY B 404 -18.25 -39.85 4.85
CA GLY B 404 -17.36 -39.49 3.76
C GLY B 404 -17.32 -40.52 2.65
N THR B 405 -18.47 -41.09 2.30
CA THR B 405 -18.53 -42.15 1.30
C THR B 405 -19.47 -41.81 0.14
N GLN B 406 -20.34 -40.82 0.29
CA GLN B 406 -21.22 -40.37 -0.79
C GLN B 406 -21.37 -38.86 -0.68
N LEU B 407 -21.40 -38.19 -1.82
CA LEU B 407 -21.70 -36.78 -1.84
C LEU B 407 -23.18 -36.56 -1.52
N ILE B 408 -23.46 -35.43 -0.89
CA ILE B 408 -24.84 -35.06 -0.55
C ILE B 408 -25.07 -33.62 -0.97
N SER B 409 -26.34 -33.22 -0.94
CA SER B 409 -26.77 -31.86 -1.25
C SER B 409 -27.42 -31.32 0.02
N PRO B 410 -26.64 -30.72 0.92
CA PRO B 410 -27.18 -30.42 2.26
C PRO B 410 -28.26 -29.34 2.28
N SER B 411 -28.44 -28.57 1.21
CA SER B 411 -29.45 -27.52 1.21
C SER B 411 -29.87 -27.19 -0.20
N VAL B 412 -31.12 -26.75 -0.34
CA VAL B 412 -31.64 -26.29 -1.63
C VAL B 412 -31.23 -24.86 -1.94
N SER B 413 -30.63 -24.15 -0.98
CA SER B 413 -30.19 -22.76 -1.17
C SER B 413 -28.76 -22.74 -1.72
N TYR B 414 -28.60 -23.31 -2.91
CA TYR B 414 -27.28 -23.49 -3.52
C TYR B 414 -27.48 -23.48 -5.03
N LEU B 415 -27.03 -22.41 -5.68
CA LEU B 415 -27.26 -22.22 -7.11
C LEU B 415 -26.06 -21.54 -7.76
N PRO B 416 -24.87 -22.13 -7.64
CA PRO B 416 -23.66 -21.44 -8.14
C PRO B 416 -23.71 -21.15 -9.64
N PHE B 417 -24.38 -22.01 -10.42
CA PHE B 417 -24.48 -21.84 -11.87
C PHE B 417 -25.83 -21.28 -12.31
N GLY B 418 -26.56 -20.68 -11.39
CA GLY B 418 -27.86 -20.13 -11.76
C GLY B 418 -28.89 -21.21 -11.98
N ALA B 419 -29.98 -20.82 -12.65
CA ALA B 419 -31.06 -21.74 -12.96
C ALA B 419 -32.01 -21.06 -13.95
N GLY B 420 -32.72 -21.89 -14.71
CA GLY B 420 -33.72 -21.40 -15.63
C GLY B 420 -33.16 -20.88 -16.93
N PRO B 421 -33.93 -20.03 -17.60
CA PRO B 421 -33.57 -19.64 -18.98
C PRO B 421 -32.21 -18.97 -19.13
N ARG B 422 -31.78 -18.18 -18.14
CA ARG B 422 -30.49 -17.49 -18.23
C ARG B 422 -29.39 -18.25 -17.50
N SER B 423 -29.58 -19.54 -17.23
CA SER B 423 -28.61 -20.30 -16.47
C SER B 423 -27.33 -20.54 -17.27
N CYS B 424 -26.26 -20.85 -16.55
CA CYS B 424 -24.97 -21.09 -17.18
C CYS B 424 -25.08 -22.21 -18.23
N ILE B 425 -24.47 -21.98 -19.39
CA ILE B 425 -24.40 -23.00 -20.43
C ILE B 425 -23.08 -23.77 -20.41
N GLY B 426 -22.09 -23.30 -19.67
CA GLY B 426 -20.80 -23.96 -19.64
C GLY B 426 -20.57 -24.76 -18.37
N GLU B 427 -21.64 -25.09 -17.66
CA GLU B 427 -21.47 -25.78 -16.38
C GLU B 427 -20.69 -27.07 -16.56
N ILE B 428 -21.03 -27.86 -17.58
CA ILE B 428 -20.38 -29.16 -17.76
C ILE B 428 -18.90 -28.98 -18.06
N LEU B 429 -18.57 -28.11 -19.02
CA LEU B 429 -17.17 -27.80 -19.26
C LEU B 429 -16.48 -27.35 -17.98
N ALA B 430 -17.09 -26.41 -17.25
CA ALA B 430 -16.45 -25.86 -16.07
C ALA B 430 -16.20 -26.93 -15.02
N ARG B 431 -17.18 -27.80 -14.78
CA ARG B 431 -17.05 -28.81 -13.73
C ARG B 431 -15.98 -29.83 -14.06
N GLN B 432 -15.81 -30.17 -15.34
CA GLN B 432 -14.73 -31.07 -15.72
C GLN B 432 -13.38 -30.36 -15.66
N GLU B 433 -13.32 -29.13 -16.16
CA GLU B 433 -12.10 -28.34 -16.06
C GLU B 433 -11.64 -28.25 -14.60
N LEU B 434 -12.55 -27.86 -13.71
CA LEU B 434 -12.15 -27.68 -12.31
C LEU B 434 -11.69 -28.99 -11.69
N PHE B 435 -12.47 -30.06 -11.87
CA PHE B 435 -12.12 -31.32 -11.23
C PHE B 435 -10.76 -31.83 -11.71
N LEU B 436 -10.50 -31.75 -13.00
CA LEU B 436 -9.31 -32.39 -13.55
C LEU B 436 -8.06 -31.58 -13.26
N ILE B 437 -8.13 -30.25 -13.34
CA ILE B 437 -6.99 -29.43 -12.98
C ILE B 437 -6.52 -29.76 -11.57
N MET B 438 -7.45 -29.70 -10.61
CA MET B 438 -7.07 -29.93 -9.21
C MET B 438 -6.53 -31.33 -9.01
N ALA B 439 -7.13 -32.33 -9.65
CA ALA B 439 -6.69 -33.71 -9.46
C ALA B 439 -5.26 -33.90 -9.99
N TRP B 440 -4.99 -33.44 -11.21
CA TRP B 440 -3.64 -33.55 -11.76
C TRP B 440 -2.64 -32.81 -10.90
N LEU B 441 -2.98 -31.59 -10.46
CA LEU B 441 -2.04 -30.79 -9.68
C LEU B 441 -1.73 -31.48 -8.36
N LEU B 442 -2.77 -31.95 -7.65
CA LEU B 442 -2.53 -32.61 -6.37
C LEU B 442 -1.77 -33.91 -6.53
N GLN B 443 -1.97 -34.62 -7.64
CA GLN B 443 -1.24 -35.87 -7.84
C GLN B 443 0.27 -35.62 -7.90
N ARG B 444 0.68 -34.53 -8.54
CA ARG B 444 2.08 -34.34 -8.91
C ARG B 444 2.81 -33.29 -8.09
N PHE B 445 2.11 -32.31 -7.54
CA PHE B 445 2.78 -31.15 -6.95
C PHE B 445 2.43 -30.98 -5.48
N ASP B 446 3.46 -30.69 -4.68
CA ASP B 446 3.26 -30.13 -3.36
C ASP B 446 3.06 -28.63 -3.51
N LEU B 447 1.94 -28.12 -3.01
CA LEU B 447 1.58 -26.72 -3.14
C LEU B 447 1.50 -26.14 -1.74
N GLU B 448 2.36 -25.17 -1.45
CA GLU B 448 2.52 -24.72 -0.08
C GLU B 448 2.75 -23.22 -0.06
N VAL B 449 2.85 -22.70 1.17
CA VAL B 449 2.99 -21.26 1.39
C VAL B 449 4.35 -20.81 0.88
N PRO B 450 4.45 -19.67 0.19
CA PRO B 450 5.76 -19.15 -0.24
C PRO B 450 6.70 -18.93 0.96
N ASP B 451 7.95 -18.61 0.62
CA ASP B 451 9.02 -18.63 1.62
C ASP B 451 8.85 -17.54 2.68
N ASP B 452 8.26 -16.40 2.33
CA ASP B 452 8.07 -15.31 3.28
C ASP B 452 6.76 -15.41 4.03
N GLY B 453 6.08 -16.55 3.97
CA GLY B 453 4.94 -16.84 4.82
C GLY B 453 3.65 -16.15 4.48
N GLN B 454 3.61 -15.37 3.40
CA GLN B 454 2.39 -14.64 3.06
C GLN B 454 1.33 -15.62 2.58
N LEU B 455 0.12 -15.48 3.11
CA LEU B 455 -1.03 -16.24 2.69
C LEU B 455 -2.00 -15.35 1.90
N PRO B 456 -2.77 -15.91 0.99
CA PRO B 456 -3.69 -15.08 0.20
C PRO B 456 -4.82 -14.55 1.06
N SER B 457 -5.30 -13.36 0.70
CA SER B 457 -6.46 -12.79 1.37
C SER B 457 -7.72 -13.35 0.73
N LEU B 458 -8.60 -13.91 1.55
CA LEU B 458 -9.82 -14.54 1.06
C LEU B 458 -11.01 -13.60 1.03
N GLU B 459 -10.78 -12.29 1.20
CA GLU B 459 -11.85 -11.31 1.18
C GLU B 459 -12.39 -11.11 -0.23
N GLY B 460 -11.50 -11.05 -1.22
CA GLY B 460 -11.91 -10.99 -2.60
C GLY B 460 -12.12 -9.58 -3.11
N ILE B 461 -12.31 -9.51 -4.43
CA ILE B 461 -12.52 -8.24 -5.13
C ILE B 461 -13.77 -8.39 -5.99
N PRO B 462 -14.86 -7.82 -5.53
CA PRO B 462 -16.08 -7.92 -6.30
C PRO B 462 -16.10 -7.17 -7.62
N LYS B 463 -15.77 -7.84 -8.70
CA LYS B 463 -15.84 -7.24 -10.01
C LYS B 463 -16.91 -8.00 -10.76
N VAL B 464 -16.96 -7.87 -12.08
CA VAL B 464 -17.89 -8.64 -12.89
C VAL B 464 -17.68 -10.06 -12.47
N VAL B 465 -16.46 -10.40 -12.08
CA VAL B 465 -16.19 -11.71 -11.50
C VAL B 465 -15.65 -11.49 -10.09
N PHE B 466 -16.00 -12.39 -9.18
CA PHE B 466 -15.54 -12.30 -7.79
C PHE B 466 -14.12 -12.85 -7.76
N LEU B 467 -13.15 -11.95 -7.88
CA LEU B 467 -11.76 -12.30 -8.03
C LEU B 467 -11.04 -12.34 -6.69
N ILE B 468 -9.94 -13.07 -6.65
CA ILE B 468 -9.07 -13.12 -5.48
C ILE B 468 -7.82 -12.33 -5.78
N ASP B 469 -7.36 -11.57 -4.78
CA ASP B 469 -6.08 -10.88 -4.89
C ASP B 469 -5.03 -11.83 -5.43
N SER B 470 -4.08 -11.27 -6.18
CA SER B 470 -2.98 -12.08 -6.69
C SER B 470 -2.13 -12.59 -5.54
N PHE B 471 -1.73 -13.85 -5.63
CA PHE B 471 -0.87 -14.45 -4.63
C PHE B 471 0.05 -15.46 -5.31
N LYS B 472 1.02 -15.95 -4.53
CA LYS B 472 1.99 -16.90 -5.03
C LYS B 472 1.90 -18.19 -4.22
N VAL B 473 2.42 -19.26 -4.81
CA VAL B 473 2.43 -20.57 -4.18
C VAL B 473 3.77 -21.22 -4.51
N LYS B 474 4.41 -21.79 -3.48
CA LYS B 474 5.60 -22.58 -3.70
C LYS B 474 5.20 -23.92 -4.28
N ILE B 475 5.73 -24.24 -5.46
CA ILE B 475 5.39 -25.46 -6.17
C ILE B 475 6.59 -26.40 -6.11
N LYS B 476 6.34 -27.66 -5.76
CA LYS B 476 7.39 -28.66 -5.66
C LYS B 476 6.85 -29.99 -6.17
N VAL B 477 7.67 -30.69 -6.93
CA VAL B 477 7.30 -32.01 -7.41
C VAL B 477 7.28 -32.97 -6.24
N ARG B 478 6.20 -33.72 -6.11
CA ARG B 478 6.05 -34.65 -5.00
C ARG B 478 7.00 -35.83 -5.16
N GLN B 479 7.47 -36.35 -4.02
CA GLN B 479 8.38 -37.49 -4.06
C GLN B 479 7.67 -38.74 -4.55
N ALA B 480 6.41 -38.93 -4.14
CA ALA B 480 5.64 -40.09 -4.61
C ALA B 480 5.64 -40.15 -6.13
N TRP B 481 5.27 -39.05 -6.79
CA TRP B 481 5.29 -39.01 -8.25
C TRP B 481 6.69 -39.26 -8.78
N ARG B 482 7.68 -38.58 -8.20
CA ARG B 482 9.08 -38.74 -8.58
C ARG B 482 9.49 -40.20 -8.58
N GLU B 483 9.57 -40.79 -7.39
CA GLU B 483 9.91 -42.20 -7.24
C GLU B 483 9.20 -43.05 -8.27
N ALA B 484 7.89 -42.84 -8.42
CA ALA B 484 7.06 -43.63 -9.31
C ALA B 484 7.21 -43.25 -10.78
N GLN B 485 8.31 -42.62 -11.16
CA GLN B 485 8.50 -42.27 -12.56
C GLN B 485 9.89 -42.70 -13.05
N SER C 12 51.30 6.12 7.30
CA SER C 12 51.23 7.57 7.39
C SER C 12 51.03 8.02 8.83
N LEU C 13 50.88 9.33 9.01
CA LEU C 13 50.68 9.91 10.33
C LEU C 13 49.32 10.58 10.51
N LEU C 14 48.59 10.84 9.43
CA LEU C 14 47.29 11.47 9.54
C LEU C 14 46.20 10.43 9.81
N SER C 15 45.16 10.86 10.50
CA SER C 15 44.09 9.97 10.92
C SER C 15 42.74 10.49 10.45
N LEU C 16 41.96 9.61 9.82
CA LEU C 16 40.64 9.95 9.35
C LEU C 16 39.69 10.23 10.52
N PRO C 17 38.62 10.99 10.29
CA PRO C 17 37.58 11.11 11.32
C PRO C 17 36.76 9.83 11.42
N LEU C 18 36.54 9.39 12.65
CA LEU C 18 35.63 8.27 12.95
C LEU C 18 34.32 8.91 13.39
N VAL C 19 33.34 8.91 12.49
CA VAL C 19 32.08 9.63 12.73
C VAL C 19 30.99 8.72 13.25
N GLY C 20 31.24 7.42 13.36
CA GLY C 20 30.28 6.51 13.93
C GLY C 20 30.99 5.28 14.43
N SER C 21 30.45 4.70 15.49
CA SER C 21 31.07 3.51 16.07
C SER C 21 30.06 2.71 16.88
N LEU C 22 29.93 1.42 16.56
CA LEU C 22 29.22 0.45 17.37
C LEU C 22 30.26 -0.58 17.78
N PRO C 23 31.13 -0.23 18.73
CA PRO C 23 32.34 -1.04 18.97
C PRO C 23 32.04 -2.48 19.36
N PHE C 24 30.95 -2.71 20.08
CA PHE C 24 30.54 -4.04 20.48
C PHE C 24 29.29 -4.44 19.71
N LEU C 25 29.11 -5.74 19.49
CA LEU C 25 27.91 -6.24 18.84
C LEU C 25 27.60 -7.63 19.37
N PRO C 26 26.32 -8.04 19.36
CA PRO C 26 25.98 -9.39 19.80
C PRO C 26 26.12 -10.40 18.67
N ARG C 27 25.89 -11.67 18.99
CA ARG C 27 25.86 -12.77 18.01
C ARG C 27 24.65 -13.63 18.37
N HIS C 28 23.47 -13.21 17.90
CA HIS C 28 22.21 -13.79 18.35
C HIS C 28 22.15 -13.68 19.87
N GLY C 29 21.34 -14.51 20.51
CA GLY C 29 21.14 -14.38 21.94
C GLY C 29 20.15 -13.30 22.30
N HIS C 30 19.37 -13.51 23.36
CA HIS C 30 18.32 -12.58 23.74
C HIS C 30 18.91 -11.22 24.11
N MET C 31 18.21 -10.15 23.73
CA MET C 31 18.75 -8.80 23.93
C MET C 31 18.70 -8.35 25.38
N HIS C 32 17.69 -8.78 26.15
CA HIS C 32 17.67 -8.42 27.56
C HIS C 32 18.92 -8.95 28.27
N ASN C 33 19.38 -10.14 27.85
CA ASN C 33 20.60 -10.70 28.44
C ASN C 33 21.85 -10.04 27.90
N ASN C 34 21.82 -9.61 26.63
CA ASN C 34 22.96 -8.90 26.05
C ASN C 34 23.14 -7.55 26.71
N PHE C 35 22.06 -6.76 26.82
CA PHE C 35 22.14 -5.51 27.57
C PHE C 35 22.65 -5.74 28.98
N PHE C 36 22.16 -6.81 29.62
CA PHE C 36 22.61 -7.17 30.96
C PHE C 36 24.13 -7.37 30.99
N LYS C 37 24.67 -8.05 29.98
CA LYS C 37 26.11 -8.30 29.95
C LYS C 37 26.89 -7.00 29.81
N LEU C 38 26.33 -6.03 29.07
CA LEU C 38 26.99 -4.73 28.95
C LEU C 38 27.16 -4.05 30.29
N GLN C 39 26.26 -4.32 31.25
CA GLN C 39 26.31 -3.62 32.52
C GLN C 39 27.64 -3.85 33.22
N LYS C 40 28.21 -5.04 33.09
CA LYS C 40 29.54 -5.30 33.65
C LYS C 40 30.55 -4.28 33.15
N LYS C 41 30.47 -3.93 31.85
CA LYS C 41 31.44 -3.02 31.26
C LYS C 41 31.10 -1.56 31.50
N TYR C 42 29.82 -1.19 31.39
CA TYR C 42 29.43 0.22 31.37
C TYR C 42 28.58 0.67 32.55
N GLY C 43 28.28 -0.21 33.49
CA GLY C 43 27.48 0.15 34.63
C GLY C 43 26.00 -0.06 34.40
N PRO C 44 25.19 0.28 35.39
CA PRO C 44 23.75 -0.03 35.32
C PRO C 44 22.93 0.92 34.45
N ILE C 45 23.55 1.89 33.78
CA ILE C 45 22.81 2.77 32.88
C ILE C 45 23.75 3.28 31.79
N TYR C 46 23.29 3.18 30.55
CA TYR C 46 24.05 3.66 29.40
C TYR C 46 23.08 4.02 28.29
N SER C 47 23.62 4.62 27.23
CA SER C 47 22.81 5.14 26.13
C SER C 47 23.37 4.70 24.79
N VAL C 48 22.55 4.89 23.75
CA VAL C 48 22.95 4.66 22.36
C VAL C 48 22.33 5.77 21.52
N ARG C 49 23.12 6.33 20.61
CA ARG C 49 22.68 7.44 19.76
C ARG C 49 22.76 7.02 18.30
N MET C 50 21.64 7.13 17.60
CA MET C 50 21.58 6.97 16.15
C MET C 50 20.87 8.18 15.59
N GLY C 51 21.53 8.93 14.73
CA GLY C 51 21.00 10.21 14.31
C GLY C 51 20.66 11.07 15.51
N THR C 52 19.42 11.53 15.61
CA THR C 52 18.96 12.27 16.77
C THR C 52 18.24 11.39 17.78
N LYS C 53 17.96 10.14 17.43
CA LYS C 53 17.37 9.20 18.36
C LYS C 53 18.39 8.80 19.42
N THR C 54 18.05 9.02 20.69
CA THR C 54 18.84 8.52 21.80
C THR C 54 17.99 7.54 22.61
N THR C 55 18.62 6.47 23.07
CA THR C 55 17.96 5.47 23.90
C THR C 55 18.83 5.21 25.11
N VAL C 56 18.19 5.02 26.26
CA VAL C 56 18.87 4.72 27.52
C VAL C 56 18.39 3.37 28.03
N ILE C 57 19.32 2.54 28.47
CA ILE C 57 19.02 1.25 29.08
C ILE C 57 19.29 1.36 30.57
N VAL C 58 18.32 0.92 31.38
CA VAL C 58 18.41 1.00 32.84
C VAL C 58 18.28 -0.41 33.39
N GLY C 59 19.28 -0.83 34.18
CA GLY C 59 19.30 -2.18 34.71
C GLY C 59 19.60 -2.30 36.18
N HIS C 60 19.22 -1.29 36.97
CA HIS C 60 19.33 -1.35 38.41
C HIS C 60 18.02 -0.86 39.04
N HIS C 61 17.59 -1.54 40.11
CA HIS C 61 16.25 -1.33 40.63
C HIS C 61 16.02 0.12 41.04
N GLN C 62 17.03 0.78 41.61
CA GLN C 62 16.83 2.12 42.14
C GLN C 62 16.71 3.14 41.02
N LEU C 63 17.49 2.99 39.95
CA LEU C 63 17.33 3.87 38.79
C LEU C 63 16.02 3.57 38.05
N ALA C 64 15.63 2.30 37.99
CA ALA C 64 14.34 1.96 37.40
C ALA C 64 13.20 2.61 38.19
N LYS C 65 13.25 2.51 39.52
CA LYS C 65 12.18 3.07 40.33
C LYS C 65 12.11 4.59 40.20
N GLU C 66 13.25 5.23 39.91
CA GLU C 66 13.23 6.67 39.65
C GLU C 66 12.42 6.97 38.40
N VAL C 67 12.63 6.20 37.34
CA VAL C 67 11.97 6.45 36.06
C VAL C 67 10.48 6.11 36.15
N LEU C 68 10.15 5.05 36.88
CA LEU C 68 8.78 4.56 36.92
C LEU C 68 7.93 5.22 38.00
N ILE C 69 8.54 5.61 39.12
CA ILE C 69 7.76 6.09 40.26
C ILE C 69 8.13 7.54 40.62
N LYS C 70 9.35 7.75 41.12
CA LYS C 70 9.75 9.08 41.55
C LYS C 70 9.47 10.12 40.47
N LYS C 71 9.90 9.84 39.24
CA LYS C 71 9.65 10.72 38.10
C LYS C 71 8.71 10.06 37.09
N GLY C 72 7.73 9.31 37.59
CA GLY C 72 6.90 8.51 36.72
C GLY C 72 6.21 9.34 35.64
N LYS C 73 5.77 10.54 35.99
CA LYS C 73 5.07 11.38 35.02
C LYS C 73 6.03 12.01 34.02
N ASP C 74 7.31 12.18 34.41
CA ASP C 74 8.29 12.67 33.47
C ASP C 74 8.56 11.63 32.38
N PHE C 75 8.51 10.35 32.72
CA PHE C 75 8.85 9.27 31.81
C PHE C 75 7.64 8.41 31.45
N SER C 76 6.45 9.01 31.48
CA SER C 76 5.22 8.28 31.21
C SER C 76 4.89 8.21 29.72
N GLY C 77 5.65 8.85 28.85
CA GLY C 77 5.35 8.81 27.44
C GLY C 77 5.76 7.50 26.80
N ARG C 78 5.24 7.25 25.59
CA ARG C 78 5.66 6.10 24.82
C ARG C 78 6.30 6.54 23.52
N PRO C 79 7.37 5.85 23.10
CA PRO C 79 8.01 6.20 21.83
C PRO C 79 7.15 5.77 20.65
N GLN C 80 7.14 6.60 19.61
CA GLN C 80 6.43 6.25 18.38
C GLN C 80 7.28 5.27 17.59
N MET C 81 6.72 4.09 17.32
CA MET C 81 7.37 3.05 16.54
C MET C 81 6.45 2.65 15.41
N ALA C 82 7.00 2.52 14.20
CA ALA C 82 6.17 2.24 13.04
C ALA C 82 5.44 0.91 13.17
N THR C 83 6.04 -0.07 13.84
CA THR C 83 5.37 -1.35 14.01
C THR C 83 4.21 -1.23 15.00
N LEU C 84 4.37 -0.41 16.03
CA LEU C 84 3.31 -0.21 17.01
C LEU C 84 2.18 0.63 16.46
N ASP C 85 2.51 1.61 15.60
CA ASP C 85 1.47 2.40 14.93
C ASP C 85 0.46 1.48 14.25
N ILE C 86 0.94 0.42 13.59
CA ILE C 86 0.03 -0.48 12.88
C ILE C 86 -0.81 -1.26 13.88
N ALA C 87 -0.17 -1.86 14.89
CA ALA C 87 -0.89 -2.69 15.84
C ALA C 87 -1.86 -1.87 16.69
N SER C 88 -1.56 -0.60 16.94
CA SER C 88 -2.35 0.24 17.82
C SER C 88 -3.25 1.21 17.07
N ASN C 89 -3.37 1.06 15.74
CA ASN C 89 -4.16 1.96 14.91
C ASN C 89 -3.78 3.42 15.19
N ASN C 90 -2.51 3.72 14.96
CA ASN C 90 -1.98 5.08 15.13
C ASN C 90 -2.03 5.53 16.58
N ARG C 91 -1.44 4.73 17.45
CA ARG C 91 -1.20 5.13 18.85
C ARG C 91 -2.50 5.41 19.59
N LYS C 92 -3.54 4.63 19.28
CA LYS C 92 -4.76 4.60 20.07
C LYS C 92 -4.61 3.55 21.16
N GLY C 93 -5.68 3.27 21.89
CA GLY C 93 -5.62 2.26 22.93
C GLY C 93 -4.96 2.77 24.19
N ILE C 94 -4.19 1.93 24.87
CA ILE C 94 -3.58 2.32 26.14
C ILE C 94 -2.10 1.95 26.17
N ALA C 95 -1.78 0.68 25.94
CA ALA C 95 -0.42 0.21 26.16
C ALA C 95 0.59 0.97 25.31
N PHE C 96 0.26 1.23 24.05
CA PHE C 96 1.18 1.89 23.13
C PHE C 96 0.79 3.32 22.84
N ALA C 97 -0.26 3.84 23.48
CA ALA C 97 -0.61 5.24 23.34
C ALA C 97 0.38 6.12 24.10
N ASP C 98 0.64 7.29 23.55
CA ASP C 98 1.48 8.26 24.24
C ASP C 98 0.72 8.85 25.42
N SER C 99 1.47 9.24 26.45
CA SER C 99 0.89 10.02 27.54
C SER C 99 0.09 11.17 26.97
N GLY C 100 -1.06 11.44 27.56
CA GLY C 100 -1.96 12.45 27.04
C GLY C 100 -3.39 12.14 27.45
N ALA C 101 -4.30 12.97 26.94
CA ALA C 101 -5.69 12.91 27.35
C ALA C 101 -6.30 11.55 27.00
N HIS C 102 -6.23 11.18 25.72
CA HIS C 102 -6.77 9.90 25.29
CA HIS C 102 -6.78 9.91 25.29
C HIS C 102 -6.34 8.77 26.21
N TRP C 103 -5.04 8.68 26.47
CA TRP C 103 -4.51 7.60 27.28
C TRP C 103 -5.08 7.67 28.70
N GLN C 104 -5.00 8.85 29.32
CA GLN C 104 -5.48 9.02 30.69
C GLN C 104 -6.94 8.61 30.80
N LEU C 105 -7.77 9.03 29.85
CA LEU C 105 -9.19 8.72 29.91
C LEU C 105 -9.41 7.21 29.77
N HIS C 106 -8.89 6.61 28.70
CA HIS C 106 -9.16 5.20 28.44
C HIS C 106 -8.56 4.32 29.53
N ARG C 107 -7.39 4.68 30.04
CA ARG C 107 -6.82 3.91 31.15
C ARG C 107 -7.73 3.99 32.38
N ARG C 108 -8.30 5.17 32.63
CA ARG C 108 -9.19 5.35 33.79
C ARG C 108 -10.47 4.56 33.64
N LEU C 109 -11.07 4.59 32.45
CA LEU C 109 -12.31 3.83 32.23
C LEU C 109 -12.05 2.33 32.28
N ALA C 110 -10.89 1.89 31.79
CA ALA C 110 -10.56 0.47 31.90
C ALA C 110 -10.38 0.06 33.37
N MET C 111 -9.72 0.92 34.16
CA MET C 111 -9.57 0.63 35.59
C MET C 111 -10.93 0.63 36.29
N ALA C 112 -11.82 1.56 35.91
CA ALA C 112 -13.13 1.63 36.55
C ALA C 112 -13.94 0.36 36.27
N THR C 113 -13.83 -0.16 35.06
CA THR C 113 -14.62 -1.35 34.68
C THR C 113 -14.48 -2.45 35.72
N PHE C 114 -13.26 -2.72 36.16
CA PHE C 114 -13.03 -3.82 37.11
C PHE C 114 -13.81 -3.63 38.40
N ALA C 115 -14.19 -2.40 38.74
CA ALA C 115 -15.07 -2.18 39.88
C ALA C 115 -16.43 -2.81 39.66
N LEU C 116 -16.91 -2.85 38.42
CA LEU C 116 -18.16 -3.53 38.11
C LEU C 116 -18.10 -5.02 38.41
N PHE C 117 -16.92 -5.56 38.71
CA PHE C 117 -16.72 -6.98 38.96
C PHE C 117 -16.16 -7.22 40.36
N LYS C 118 -16.51 -6.34 41.31
CA LYS C 118 -15.96 -6.44 42.66
C LYS C 118 -16.71 -7.50 43.49
N ASP C 119 -18.02 -7.58 43.32
CA ASP C 119 -18.82 -8.45 44.18
C ASP C 119 -20.15 -8.75 43.50
N GLY C 120 -20.74 -9.88 43.87
CA GLY C 120 -21.96 -10.36 43.27
C GLY C 120 -21.70 -11.54 42.36
N ASP C 121 -22.66 -11.79 41.47
CA ASP C 121 -22.49 -12.83 40.46
C ASP C 121 -21.45 -12.44 39.42
N GLN C 122 -21.17 -11.14 39.29
CA GLN C 122 -20.08 -10.65 38.45
C GLN C 122 -18.75 -10.60 39.19
N LYS C 123 -18.61 -11.35 40.27
CA LYS C 123 -17.36 -11.41 40.96
C LYS C 123 -16.39 -12.12 40.08
N LEU C 124 -15.22 -11.54 39.92
CA LEU C 124 -14.24 -12.10 39.04
C LEU C 124 -13.90 -13.52 39.40
N GLU C 125 -13.85 -13.81 40.68
CA GLU C 125 -13.50 -15.13 41.13
C GLU C 125 -14.48 -16.11 40.54
N LYS C 126 -15.73 -15.70 40.46
CA LYS C 126 -16.74 -16.59 39.97
C LYS C 126 -16.65 -16.77 38.48
N ILE C 127 -16.51 -15.66 37.75
CA ILE C 127 -16.33 -15.75 36.32
C ILE C 127 -15.16 -16.64 35.99
N ILE C 128 -14.06 -16.43 36.69
CA ILE C 128 -12.87 -17.18 36.41
C ILE C 128 -13.16 -18.64 36.66
N CYS C 129 -13.65 -18.95 37.83
CA CYS C 129 -13.87 -20.34 38.19
C CYS C 129 -14.77 -21.06 37.23
N GLN C 130 -15.81 -20.39 36.77
CA GLN C 130 -16.70 -20.99 35.80
C GLN C 130 -15.94 -21.46 34.56
N GLU C 131 -15.04 -20.64 34.06
CA GLU C 131 -14.28 -21.00 32.87
C GLU C 131 -13.23 -22.06 33.20
N ILE C 132 -12.66 -22.02 34.41
CA ILE C 132 -11.71 -23.05 34.82
C ILE C 132 -12.41 -24.41 34.83
N SER C 133 -13.68 -24.44 35.21
CA SER C 133 -14.40 -25.71 35.21
C SER C 133 -14.44 -26.30 33.81
N THR C 134 -14.97 -25.52 32.86
CA THR C 134 -14.97 -25.96 31.47
C THR C 134 -13.60 -26.45 31.05
N LEU C 135 -12.56 -25.71 31.42
CA LEU C 135 -11.20 -26.09 31.07
C LEU C 135 -10.82 -27.44 31.67
N CYS C 136 -11.03 -27.59 32.97
CA CYS C 136 -10.61 -28.83 33.63
C CYS C 136 -11.40 -30.01 33.09
N ASP C 137 -12.69 -29.83 32.82
CA ASP C 137 -13.48 -30.87 32.19
C ASP C 137 -12.89 -31.24 30.83
N MET C 138 -12.65 -30.24 30.00
CA MET C 138 -12.07 -30.46 28.68
C MET C 138 -10.76 -31.23 28.79
N LEU C 139 -9.89 -30.80 29.71
CA LEU C 139 -8.62 -31.49 29.89
C LEU C 139 -8.82 -32.94 30.31
N ALA C 140 -9.95 -33.23 30.98
CA ALA C 140 -10.21 -34.60 31.42
C ALA C 140 -10.54 -35.50 30.24
N THR C 141 -11.14 -34.95 29.18
CA THR C 141 -11.40 -35.74 27.98
C THR C 141 -10.11 -36.24 27.35
N HIS C 142 -8.96 -35.67 27.72
CA HIS C 142 -7.66 -36.12 27.25
C HIS C 142 -6.93 -36.98 28.27
N ASN C 143 -7.68 -37.59 29.20
CA ASN C 143 -7.07 -38.43 30.23
C ASN C 143 -6.14 -39.46 29.60
N GLY C 144 -4.92 -39.52 30.10
CA GLY C 144 -3.93 -40.43 29.55
C GLY C 144 -3.44 -40.07 28.17
N GLN C 145 -3.27 -38.77 27.90
CA GLN C 145 -2.81 -38.31 26.61
C GLN C 145 -1.74 -37.26 26.81
N SER C 146 -0.83 -37.17 25.84
CA SER C 146 0.17 -36.12 25.81
C SER C 146 -0.27 -35.06 24.82
N ILE C 147 -0.56 -33.86 25.32
CA ILE C 147 -1.12 -32.79 24.51
C ILE C 147 -0.38 -31.49 24.80
N ASP C 148 -0.63 -30.50 23.95
CA ASP C 148 -0.23 -29.11 24.18
C ASP C 148 -1.46 -28.38 24.72
N ILE C 149 -1.33 -27.82 25.92
CA ILE C 149 -2.47 -27.27 26.64
C ILE C 149 -2.66 -25.78 26.40
N SER C 150 -1.96 -25.20 25.41
CA SER C 150 -2.13 -23.78 25.14
C SER C 150 -3.59 -23.44 24.86
N PHE C 151 -4.20 -24.12 23.88
CA PHE C 151 -5.51 -23.68 23.41
C PHE C 151 -6.59 -23.82 24.47
N PRO C 152 -6.70 -24.94 25.19
CA PRO C 152 -7.72 -25.01 26.26
C PRO C 152 -7.60 -23.86 27.26
N VAL C 153 -6.37 -23.52 27.65
CA VAL C 153 -6.14 -22.36 28.51
C VAL C 153 -6.56 -21.08 27.81
N PHE C 154 -6.06 -20.89 26.58
CA PHE C 154 -6.42 -19.72 25.78
C PHE C 154 -7.94 -19.53 25.74
N VAL C 155 -8.69 -20.62 25.60
CA VAL C 155 -10.14 -20.50 25.47
C VAL C 155 -10.75 -20.10 26.80
N ALA C 156 -10.15 -20.52 27.92
CA ALA C 156 -10.67 -20.13 29.22
C ALA C 156 -10.42 -18.65 29.48
N VAL C 157 -9.17 -18.19 29.33
CA VAL C 157 -8.86 -16.79 29.61
C VAL C 157 -9.52 -15.89 28.59
N THR C 158 -9.68 -16.35 27.35
CA THR C 158 -10.40 -15.55 26.36
C THR C 158 -11.84 -15.30 26.80
N ASN C 159 -12.46 -16.30 27.42
CA ASN C 159 -13.87 -16.15 27.82
C ASN C 159 -14.00 -15.23 29.03
N VAL C 160 -13.08 -15.36 29.99
CA VAL C 160 -13.09 -14.45 31.14
C VAL C 160 -13.00 -13.00 30.66
N ILE C 161 -12.07 -12.75 29.73
CA ILE C 161 -11.89 -11.40 29.21
C ILE C 161 -13.11 -10.98 28.40
N SER C 162 -13.65 -11.88 27.57
CA SER C 162 -14.83 -11.56 26.78
C SER C 162 -16.02 -11.23 27.67
N LEU C 163 -16.12 -11.89 28.83
CA LEU C 163 -17.21 -11.58 29.76
C LEU C 163 -17.05 -10.20 30.37
N ILE C 164 -15.81 -9.79 30.65
CA ILE C 164 -15.60 -8.47 31.20
C ILE C 164 -15.85 -7.40 30.16
N CYS C 165 -15.56 -7.69 28.89
CA CYS C 165 -15.65 -6.68 27.84
C CYS C 165 -17.07 -6.59 27.28
N PHE C 166 -17.74 -7.72 27.06
CA PHE C 166 -19.04 -7.72 26.42
C PHE C 166 -20.11 -8.53 27.14
N ASN C 167 -19.78 -9.14 28.28
CA ASN C 167 -20.70 -10.06 28.98
C ASN C 167 -21.09 -11.24 28.10
N THR C 168 -20.17 -11.68 27.24
CA THR C 168 -20.41 -12.83 26.36
C THR C 168 -19.23 -13.81 26.48
N SER C 169 -19.52 -15.07 26.17
CA SER C 169 -18.53 -16.14 26.19
C SER C 169 -18.71 -16.99 24.94
N TYR C 170 -17.69 -17.81 24.65
CA TYR C 170 -17.69 -18.66 23.46
C TYR C 170 -17.93 -20.10 23.87
N LYS C 171 -18.85 -20.78 23.18
CA LYS C 171 -18.99 -22.21 23.36
C LYS C 171 -17.80 -22.91 22.72
N ASN C 172 -17.39 -24.04 23.30
CA ASN C 172 -16.26 -24.77 22.76
C ASN C 172 -16.59 -25.29 21.37
N GLY C 173 -15.74 -24.95 20.41
CA GLY C 173 -15.97 -25.26 19.01
C GLY C 173 -16.32 -24.07 18.15
N ASP C 174 -16.55 -22.90 18.74
CA ASP C 174 -16.76 -21.69 17.97
C ASP C 174 -15.49 -21.38 17.18
N PRO C 175 -15.56 -21.30 15.85
CA PRO C 175 -14.33 -20.99 15.08
C PRO C 175 -13.76 -19.63 15.39
N GLU C 176 -14.59 -18.69 15.83
CA GLU C 176 -14.11 -17.36 16.19
C GLU C 176 -12.95 -17.46 17.18
N LEU C 177 -12.96 -18.44 18.08
CA LEU C 177 -11.86 -18.59 19.02
C LEU C 177 -10.55 -18.86 18.29
N ASN C 178 -10.59 -19.65 17.22
CA ASN C 178 -9.40 -19.90 16.42
C ASN C 178 -9.03 -18.68 15.60
N VAL C 179 -10.02 -17.90 15.16
CA VAL C 179 -9.73 -16.63 14.51
C VAL C 179 -8.90 -15.74 15.44
N ILE C 180 -9.38 -15.58 16.67
CA ILE C 180 -8.68 -14.72 17.63
C ILE C 180 -7.28 -15.25 17.89
N GLN C 181 -7.17 -16.56 18.11
CA GLN C 181 -5.87 -17.17 18.34
C GLN C 181 -4.91 -16.85 17.21
N ASN C 182 -5.40 -16.91 15.98
CA ASN C 182 -4.51 -16.80 14.83
C ASN C 182 -4.01 -15.38 14.65
N TYR C 183 -4.91 -14.39 14.70
CA TYR C 183 -4.44 -13.02 14.53
C TYR C 183 -3.68 -12.53 15.75
N ASN C 184 -3.90 -13.14 16.92
CA ASN C 184 -3.06 -12.82 18.06
C ASN C 184 -1.63 -13.33 17.81
N GLU C 185 -1.52 -14.58 17.35
CA GLU C 185 -0.21 -15.15 17.10
C GLU C 185 0.49 -14.43 15.97
N GLY C 186 -0.24 -14.07 14.92
CA GLY C 186 0.37 -13.38 13.80
C GLY C 186 0.87 -12.00 14.17
N ILE C 187 0.10 -11.28 15.00
CA ILE C 187 0.50 -9.95 15.42
C ILE C 187 1.78 -10.03 16.23
N ILE C 188 1.82 -10.92 17.22
CA ILE C 188 3.00 -11.00 18.08
C ILE C 188 4.21 -11.49 17.30
N ASP C 189 4.00 -12.35 16.31
CA ASP C 189 5.13 -12.91 15.58
C ASP C 189 5.78 -11.87 14.67
N ASN C 190 4.97 -10.98 14.07
CA ASN C 190 5.46 -9.98 13.14
C ASN C 190 5.64 -8.61 13.77
N LEU C 191 5.22 -8.42 15.01
CA LEU C 191 5.43 -7.13 15.67
C LEU C 191 6.91 -6.84 15.85
N SER C 192 7.69 -7.85 16.21
CA SER C 192 9.12 -7.67 16.44
C SER C 192 9.76 -9.05 16.53
N LYS C 193 11.10 -9.04 16.53
CA LYS C 193 11.90 -10.25 16.67
C LYS C 193 12.54 -10.37 18.03
N ASP C 194 12.29 -9.41 18.92
CA ASP C 194 12.82 -9.37 20.27
C ASP C 194 11.93 -8.42 21.05
N SER C 195 12.38 -7.98 22.22
CA SER C 195 11.66 -6.97 22.96
C SER C 195 11.66 -5.65 22.20
N LEU C 196 10.63 -4.86 22.42
CA LEU C 196 10.46 -3.61 21.69
C LEU C 196 11.57 -2.63 22.01
N VAL C 197 12.15 -2.03 20.97
CA VAL C 197 13.18 -1.01 21.08
C VAL C 197 13.04 -0.13 19.85
N ASP C 198 12.84 1.17 20.04
CA ASP C 198 12.59 2.03 18.88
C ASP C 198 13.84 2.25 18.03
N LEU C 199 15.04 1.93 18.54
CA LEU C 199 16.23 2.12 17.74
C LEU C 199 16.35 1.06 16.65
N VAL C 200 15.61 -0.04 16.75
CA VAL C 200 15.61 -1.09 15.73
C VAL C 200 14.45 -0.82 14.78
N PRO C 201 14.70 -0.68 13.47
CA PRO C 201 13.60 -0.53 12.48
C PRO C 201 12.99 -1.87 12.09
N TRP C 202 12.06 -2.35 12.94
CA TRP C 202 11.61 -3.73 12.89
C TRP C 202 11.02 -4.12 11.54
N LEU C 203 10.31 -3.18 10.89
CA LEU C 203 9.64 -3.50 9.65
C LEU C 203 10.54 -3.36 8.43
N LYS C 204 11.82 -3.00 8.63
CA LYS C 204 12.71 -2.72 7.53
C LYS C 204 14.05 -3.44 7.62
N ILE C 205 14.31 -4.20 8.68
CA ILE C 205 15.63 -4.81 8.80
C ILE C 205 15.78 -6.05 7.93
N PHE C 206 14.69 -6.71 7.55
CA PHE C 206 14.78 -7.93 6.76
C PHE C 206 13.81 -7.88 5.59
N PRO C 207 14.16 -8.51 4.47
CA PRO C 207 13.24 -8.59 3.32
C PRO C 207 12.26 -9.74 3.46
N ASN C 208 11.40 -9.67 4.48
CA ASN C 208 10.59 -10.83 4.86
C ASN C 208 9.10 -10.49 4.98
N LYS C 209 8.66 -9.36 4.46
CA LYS C 209 7.23 -9.03 4.38
C LYS C 209 6.60 -8.84 5.74
N THR C 210 7.40 -8.46 6.74
CA THR C 210 6.86 -8.25 8.07
C THR C 210 5.70 -7.27 8.05
N LEU C 211 5.89 -6.12 7.41
CA LEU C 211 4.85 -5.10 7.37
C LEU C 211 3.54 -5.67 6.82
N GLU C 212 3.61 -6.26 5.62
CA GLU C 212 2.39 -6.71 4.96
C GLU C 212 1.66 -7.74 5.80
N LYS C 213 2.40 -8.61 6.50
CA LYS C 213 1.74 -9.64 7.30
C LYS C 213 1.12 -9.04 8.56
N LEU C 214 1.84 -8.14 9.23
CA LEU C 214 1.26 -7.48 10.39
C LEU C 214 -0.05 -6.81 10.04
N LYS C 215 -0.11 -6.14 8.87
CA LYS C 215 -1.32 -5.43 8.49
C LYS C 215 -2.47 -6.39 8.24
N SER C 216 -2.20 -7.50 7.55
CA SER C 216 -3.27 -8.44 7.25
C SER C 216 -3.87 -9.01 8.52
N HIS C 217 -3.03 -9.29 9.53
CA HIS C 217 -3.57 -9.77 10.80
C HIS C 217 -4.31 -8.67 11.53
N VAL C 218 -3.76 -7.45 11.54
CA VAL C 218 -4.41 -6.34 12.23
C VAL C 218 -5.77 -6.06 11.59
N LYS C 219 -5.86 -6.19 10.27
CA LYS C 219 -7.15 -5.98 9.60
C LYS C 219 -8.19 -6.96 10.11
N ILE C 220 -7.79 -8.22 10.34
CA ILE C 220 -8.75 -9.22 10.81
C ILE C 220 -9.22 -8.89 12.22
N ARG C 221 -8.29 -8.49 13.10
CA ARG C 221 -8.70 -8.02 14.42
C ARG C 221 -9.68 -6.87 14.30
N ASN C 222 -9.31 -5.83 13.54
CA ASN C 222 -10.15 -4.64 13.48
C ASN C 222 -11.51 -4.95 12.87
N ASP C 223 -11.55 -5.81 11.85
CA ASP C 223 -12.83 -6.20 11.26
C ASP C 223 -13.71 -6.89 12.29
N LEU C 224 -13.16 -7.86 13.01
CA LEU C 224 -13.96 -8.61 13.98
C LEU C 224 -14.53 -7.69 15.05
N LEU C 225 -13.68 -6.83 15.63
CA LEU C 225 -14.13 -5.97 16.72
C LEU C 225 -15.14 -4.94 16.24
N ASN C 226 -14.97 -4.43 15.01
CA ASN C 226 -15.96 -3.50 14.49
C ASN C 226 -17.31 -4.16 14.33
N LYS C 227 -17.33 -5.43 13.94
CA LYS C 227 -18.60 -6.16 13.83
C LYS C 227 -19.27 -6.29 15.19
N ILE C 228 -18.47 -6.49 16.24
CA ILE C 228 -19.03 -6.57 17.59
C ILE C 228 -19.52 -5.20 18.05
N LEU C 229 -18.69 -4.17 17.86
CA LEU C 229 -19.09 -2.83 18.27
C LEU C 229 -20.37 -2.39 17.57
N GLU C 230 -20.51 -2.71 16.28
CA GLU C 230 -21.75 -2.37 15.57
C GLU C 230 -22.94 -3.14 16.13
N ASN C 231 -22.75 -4.43 16.41
CA ASN C 231 -23.87 -5.25 16.87
C ASN C 231 -24.30 -4.87 18.28
N TYR C 232 -23.39 -4.33 19.08
CA TYR C 232 -23.67 -3.97 20.46
C TYR C 232 -24.34 -2.60 20.59
N LYS C 233 -24.34 -1.79 19.54
CA LYS C 233 -24.97 -0.48 19.63
C LYS C 233 -26.46 -0.59 19.89
N GLU C 234 -27.08 -1.71 19.52
CA GLU C 234 -28.50 -1.92 19.79
C GLU C 234 -28.73 -2.49 21.17
N LYS C 235 -27.77 -3.26 21.70
CA LYS C 235 -27.91 -3.84 23.02
C LYS C 235 -27.59 -2.86 24.12
N PHE C 236 -26.82 -1.82 23.84
CA PHE C 236 -26.38 -0.94 24.91
C PHE C 236 -27.58 -0.36 25.64
N ARG C 237 -27.43 -0.19 26.96
CA ARG C 237 -28.47 0.38 27.81
C ARG C 237 -27.79 1.24 28.85
N SER C 238 -28.11 2.53 28.87
CA SER C 238 -27.49 3.43 29.84
C SER C 238 -27.90 3.10 31.27
N ASP C 239 -28.92 2.28 31.47
CA ASP C 239 -29.36 1.86 32.80
C ASP C 239 -28.75 0.53 33.22
N SER C 240 -27.86 -0.06 32.41
CA SER C 240 -27.21 -1.34 32.72
C SER C 240 -25.77 -1.26 32.25
N ILE C 241 -24.91 -0.66 33.09
CA ILE C 241 -23.49 -0.53 32.82
C ILE C 241 -22.80 -1.68 33.54
N THR C 242 -22.44 -2.73 32.79
CA THR C 242 -21.96 -3.97 33.40
C THR C 242 -20.70 -4.51 32.74
N ASN C 243 -20.06 -3.76 31.86
CA ASN C 243 -18.83 -4.25 31.23
C ASN C 243 -18.06 -3.07 30.66
N MET C 244 -16.93 -3.39 30.03
CA MET C 244 -16.04 -2.36 29.51
C MET C 244 -16.71 -1.56 28.41
N LEU C 245 -17.35 -2.25 27.47
CA LEU C 245 -17.99 -1.56 26.35
C LEU C 245 -19.10 -0.64 26.83
N ASP C 246 -19.88 -1.10 27.80
CA ASP C 246 -20.88 -0.23 28.43
C ASP C 246 -20.21 1.01 29.02
N THR C 247 -19.12 0.81 29.75
CA THR C 247 -18.41 1.91 30.37
C THR C 247 -17.96 2.93 29.32
N LEU C 248 -17.30 2.46 28.27
CA LEU C 248 -16.79 3.38 27.25
C LEU C 248 -17.93 4.08 26.52
N MET C 249 -18.99 3.33 26.19
CA MET C 249 -20.12 3.92 25.48
C MET C 249 -20.88 4.90 26.37
N GLN C 250 -21.07 4.55 27.65
CA GLN C 250 -21.69 5.48 28.59
C GLN C 250 -20.86 6.75 28.71
N ALA C 251 -19.54 6.62 28.80
CA ALA C 251 -18.68 7.80 28.86
C ALA C 251 -18.87 8.68 27.63
N LYS C 252 -18.91 8.08 26.44
CA LYS C 252 -19.15 8.86 25.24
C LYS C 252 -20.51 9.56 25.31
N MET C 253 -21.50 8.93 25.93
CA MET C 253 -22.83 9.53 26.03
C MET C 253 -22.80 10.77 26.91
N ASN C 254 -22.22 10.65 28.11
CA ASN C 254 -22.21 11.78 29.05
C ASN C 254 -21.30 12.90 28.56
N SER C 255 -20.26 12.57 27.79
CA SER C 255 -19.48 13.61 27.14
C SER C 255 -20.30 14.34 26.09
N ASP C 256 -21.23 13.64 25.44
CA ASP C 256 -22.04 14.23 24.38
C ASP C 256 -23.26 14.97 24.95
N ASP C 265 -14.04 15.23 25.80
CA ASP C 265 -13.93 13.78 25.86
C ASP C 265 -14.52 13.13 24.61
N SER C 266 -15.41 13.86 23.93
CA SER C 266 -16.19 13.26 22.87
C SER C 266 -15.30 12.65 21.80
N GLU C 267 -14.35 13.43 21.29
CA GLU C 267 -13.51 12.94 20.19
C GLU C 267 -12.58 11.84 20.67
N LEU C 268 -12.21 11.84 21.95
CA LEU C 268 -11.35 10.76 22.44
C LEU C 268 -12.06 9.41 22.42
N LEU C 269 -13.39 9.40 22.32
CA LEU C 269 -14.17 8.18 22.43
C LEU C 269 -14.80 7.80 21.09
N SER C 270 -14.14 8.15 19.99
CA SER C 270 -14.55 7.66 18.68
C SER C 270 -14.54 6.14 18.68
N ASP C 271 -15.29 5.56 17.73
CA ASP C 271 -15.38 4.11 17.68
C ASP C 271 -14.01 3.46 17.51
N ASN C 272 -13.09 4.13 16.80
CA ASN C 272 -11.76 3.55 16.62
C ASN C 272 -10.98 3.55 17.93
N HIS C 273 -11.13 4.59 18.74
CA HIS C 273 -10.50 4.59 20.06
C HIS C 273 -11.06 3.48 20.92
N ILE C 274 -12.38 3.33 20.93
CA ILE C 274 -13.00 2.28 21.75
C ILE C 274 -12.56 0.91 21.25
N LEU C 275 -12.52 0.73 19.93
CA LEU C 275 -12.09 -0.54 19.37
C LEU C 275 -10.66 -0.88 19.80
N THR C 276 -9.76 0.10 19.73
CA THR C 276 -8.35 -0.19 20.00
C THR C 276 -8.11 -0.46 21.47
N THR C 277 -8.80 0.27 22.35
CA THR C 277 -8.65 -0.02 23.78
C THR C 277 -9.16 -1.41 24.11
N ILE C 278 -10.31 -1.79 23.54
CA ILE C 278 -10.86 -3.12 23.78
C ILE C 278 -9.88 -4.20 23.32
N GLY C 279 -9.29 -4.02 22.14
CA GLY C 279 -8.37 -5.02 21.62
C GLY C 279 -7.10 -5.14 22.45
N ASP C 280 -6.61 -4.02 22.98
CA ASP C 280 -5.50 -4.08 23.92
C ASP C 280 -5.86 -4.90 25.15
N ILE C 281 -7.02 -4.62 25.74
CA ILE C 281 -7.44 -5.36 26.93
C ILE C 281 -7.64 -6.83 26.61
N PHE C 282 -8.26 -7.11 25.45
CA PHE C 282 -8.44 -8.49 25.02
C PHE C 282 -7.10 -9.18 24.81
N GLY C 283 -6.19 -8.54 24.07
CA GLY C 283 -4.93 -9.18 23.76
C GLY C 283 -4.04 -9.35 24.97
N ALA C 284 -3.90 -8.30 25.78
CA ALA C 284 -3.09 -8.39 26.99
C ALA C 284 -3.60 -9.47 27.91
N GLY C 285 -4.91 -9.48 28.18
CA GLY C 285 -5.46 -10.45 29.10
C GLY C 285 -5.27 -11.89 28.64
N VAL C 286 -5.35 -12.11 27.32
CA VAL C 286 -5.29 -13.48 26.82
C VAL C 286 -3.85 -13.96 26.72
N GLU C 287 -2.98 -13.16 26.11
CA GLU C 287 -1.66 -13.63 25.76
C GLU C 287 -0.66 -13.58 26.91
N THR C 288 -0.89 -12.72 27.91
CA THR C 288 0.01 -12.69 29.06
C THR C 288 -0.27 -13.84 30.01
N THR C 289 -1.55 -14.07 30.34
CA THR C 289 -1.89 -15.09 31.32
C THR C 289 -1.66 -16.50 30.75
N THR C 290 -2.10 -16.73 29.51
CA THR C 290 -1.83 -18.01 28.87
C THR C 290 -0.33 -18.32 28.91
N SER C 291 0.50 -17.30 28.72
CA SER C 291 1.95 -17.53 28.60
C SER C 291 2.57 -17.85 29.95
N VAL C 292 2.10 -17.23 31.02
CA VAL C 292 2.65 -17.51 32.34
C VAL C 292 2.23 -18.90 32.81
N VAL C 293 1.01 -19.31 32.48
CA VAL C 293 0.54 -20.63 32.89
C VAL C 293 1.36 -21.72 32.22
N LYS C 294 1.81 -21.50 30.98
CA LYS C 294 2.66 -22.47 30.32
C LYS C 294 4.07 -22.47 30.92
N TRP C 295 4.64 -21.28 31.13
CA TRP C 295 5.95 -21.19 31.74
C TRP C 295 5.99 -21.93 33.08
N THR C 296 4.91 -21.85 33.86
CA THR C 296 4.90 -22.47 35.18
C THR C 296 4.86 -23.99 35.07
N LEU C 297 4.08 -24.51 34.12
CA LEU C 297 4.07 -25.96 33.91
C LEU C 297 5.43 -26.46 33.49
N ALA C 298 6.13 -25.71 32.62
CA ALA C 298 7.43 -26.13 32.15
C ALA C 298 8.44 -26.24 33.29
N PHE C 299 8.33 -25.36 34.28
CA PHE C 299 9.25 -25.44 35.41
C PHE C 299 8.92 -26.59 36.35
N LEU C 300 7.63 -26.90 36.52
CA LEU C 300 7.25 -28.02 37.37
C LEU C 300 7.56 -29.37 36.74
N LEU C 301 7.69 -29.42 35.41
CA LEU C 301 8.20 -30.63 34.77
C LEU C 301 9.71 -30.76 34.91
N HIS C 302 10.39 -29.68 35.28
CA HIS C 302 11.82 -29.73 35.58
C HIS C 302 12.12 -29.85 37.06
N ASN C 303 11.14 -29.56 37.91
CA ASN C 303 11.32 -29.60 39.36
C ASN C 303 10.17 -30.40 39.96
N PRO C 304 10.14 -31.72 39.75
CA PRO C 304 9.03 -32.53 40.24
C PRO C 304 8.98 -32.62 41.76
N GLN C 305 10.07 -32.26 42.45
CA GLN C 305 10.00 -32.07 43.89
C GLN C 305 9.00 -30.96 44.24
N VAL C 306 9.29 -29.74 43.79
CA VAL C 306 8.39 -28.60 43.98
C VAL C 306 6.97 -29.03 43.63
N LYS C 307 6.82 -29.67 42.46
CA LYS C 307 5.50 -30.18 42.09
C LYS C 307 4.98 -31.17 43.12
N LYS C 308 5.84 -32.04 43.63
CA LYS C 308 5.42 -32.99 44.65
C LYS C 308 4.86 -32.27 45.87
N LYS C 309 5.61 -31.30 46.38
CA LYS C 309 5.16 -30.56 47.56
C LYS C 309 3.85 -29.83 47.28
N LEU C 310 3.73 -29.20 46.12
CA LEU C 310 2.53 -28.45 45.79
C LEU C 310 1.30 -29.35 45.81
N TYR C 311 1.44 -30.59 45.32
CA TYR C 311 0.32 -31.51 45.31
C TYR C 311 -0.17 -31.82 46.72
N GLU C 312 0.74 -31.81 47.70
CA GLU C 312 0.38 -32.12 49.08
C GLU C 312 -0.30 -30.94 49.75
N GLU C 313 0.22 -29.73 49.52
CA GLU C 313 -0.39 -28.53 50.08
C GLU C 313 -1.88 -28.49 49.78
N ILE C 314 -2.24 -28.67 48.51
CA ILE C 314 -3.64 -28.57 48.12
C ILE C 314 -4.46 -29.66 48.81
N ASP C 315 -3.89 -30.86 48.97
CA ASP C 315 -4.63 -31.95 49.57
C ASP C 315 -4.85 -31.72 51.07
N GLN C 316 -3.83 -31.22 51.77
CA GLN C 316 -3.99 -30.87 53.18
C GLN C 316 -4.91 -29.67 53.33
N ASN C 317 -4.55 -28.54 52.72
CA ASN C 317 -5.26 -27.29 53.00
C ASN C 317 -6.61 -27.18 52.31
N VAL C 318 -6.85 -27.93 51.21
CA VAL C 318 -8.07 -27.82 50.44
C VAL C 318 -8.81 -29.15 50.38
N GLY C 319 -8.11 -30.22 50.03
CA GLY C 319 -8.74 -31.51 49.92
C GLY C 319 -9.54 -31.65 48.63
N PHE C 320 -10.57 -32.50 48.70
CA PHE C 320 -11.42 -32.79 47.55
C PHE C 320 -12.89 -32.61 47.89
N SER C 321 -13.19 -32.06 49.07
CA SER C 321 -14.55 -31.73 49.43
C SER C 321 -15.06 -30.53 48.65
N ARG C 322 -14.14 -29.70 48.17
CA ARG C 322 -14.49 -28.47 47.47
C ARG C 322 -13.39 -28.17 46.46
N THR C 323 -13.69 -27.26 45.56
CA THR C 323 -12.70 -26.75 44.62
C THR C 323 -12.02 -25.51 45.20
N PRO C 324 -10.77 -25.26 44.83
CA PRO C 324 -10.08 -24.07 45.37
C PRO C 324 -10.85 -22.80 45.08
N THR C 325 -10.73 -21.87 46.03
CA THR C 325 -11.35 -20.59 45.92
C THR C 325 -10.21 -19.62 46.17
N ILE C 326 -10.46 -18.34 46.08
CA ILE C 326 -9.37 -17.39 46.20
C ILE C 326 -9.00 -17.18 47.65
N SER C 327 -9.88 -17.56 48.56
CA SER C 327 -9.55 -17.47 49.98
C SER C 327 -8.41 -18.37 50.27
N ASP C 328 -8.25 -19.39 49.46
CA ASP C 328 -7.15 -20.34 49.62
C ASP C 328 -5.78 -19.70 49.42
N ARG C 329 -5.72 -18.47 48.94
CA ARG C 329 -4.42 -17.81 48.78
C ARG C 329 -3.68 -17.71 50.10
N ASN C 330 -4.41 -17.68 51.21
CA ASN C 330 -3.81 -17.55 52.54
C ASN C 330 -3.21 -18.85 53.04
N ARG C 331 -3.47 -19.98 52.37
CA ARG C 331 -2.97 -21.28 52.78
C ARG C 331 -1.94 -21.85 51.80
N LEU C 332 -2.28 -21.85 50.51
CA LEU C 332 -1.43 -22.43 49.48
C LEU C 332 -0.27 -21.47 49.20
N LEU C 333 0.58 -21.33 50.21
CA LEU C 333 1.69 -20.39 50.12
C LEU C 333 2.78 -20.89 49.16
N LEU C 334 2.88 -22.20 48.97
CA LEU C 334 3.86 -22.72 48.04
C LEU C 334 3.47 -22.38 46.59
N LEU C 335 2.18 -22.39 46.29
CA LEU C 335 1.73 -21.99 44.96
C LEU C 335 1.95 -20.50 44.75
N GLU C 336 1.54 -19.68 45.72
CA GLU C 336 1.88 -18.26 45.67
C GLU C 336 3.37 -18.05 45.45
N ALA C 337 4.21 -18.84 46.14
CA ALA C 337 5.65 -18.64 46.03
C ALA C 337 6.16 -19.06 44.65
N THR C 338 5.66 -20.18 44.13
CA THR C 338 6.09 -20.64 42.80
C THR C 338 5.67 -19.65 41.72
N ILE C 339 4.53 -18.99 41.89
CA ILE C 339 4.06 -18.03 40.90
C ILE C 339 4.94 -16.78 40.90
N ARG C 340 5.20 -16.23 42.08
CA ARG C 340 6.16 -15.13 42.15
C ARG C 340 7.47 -15.52 41.47
N GLU C 341 7.91 -16.76 41.68
CA GLU C 341 9.24 -17.16 41.20
C GLU C 341 9.26 -17.31 39.69
N VAL C 342 8.15 -17.77 39.09
CA VAL C 342 8.10 -17.83 37.63
C VAL C 342 8.10 -16.42 37.06
N LEU C 343 7.40 -15.49 37.72
CA LEU C 343 7.36 -14.11 37.23
C LEU C 343 8.71 -13.43 37.35
N ARG C 344 9.53 -13.85 38.32
CA ARG C 344 10.89 -13.31 38.41
C ARG C 344 11.79 -13.90 37.34
N LEU C 345 11.67 -15.20 37.09
CA LEU C 345 12.58 -15.87 36.17
C LEU C 345 12.24 -15.56 34.72
N ARG C 346 10.96 -15.58 34.39
CA ARG C 346 10.49 -15.36 33.01
C ARG C 346 9.45 -14.26 33.03
N PRO C 347 9.86 -13.01 33.27
CA PRO C 347 8.90 -11.90 33.22
C PRO C 347 8.22 -11.85 31.86
N VAL C 348 6.91 -11.66 31.87
CA VAL C 348 6.15 -11.56 30.63
C VAL C 348 6.79 -10.53 29.71
N ALA C 349 7.23 -9.40 30.28
CA ALA C 349 7.86 -8.32 29.53
C ALA C 349 9.27 -8.11 30.08
N PRO C 350 10.25 -8.88 29.59
CA PRO C 350 11.62 -8.74 30.13
C PRO C 350 12.19 -7.35 30.02
N MET C 351 11.63 -6.48 29.19
CA MET C 351 12.07 -5.10 29.08
C MET C 351 10.86 -4.17 29.19
N LEU C 352 9.80 -4.64 29.84
CA LEU C 352 8.56 -3.87 29.97
C LEU C 352 8.10 -3.41 28.61
N ILE C 353 7.57 -2.18 28.54
CA ILE C 353 7.27 -1.52 27.27
C ILE C 353 8.10 -0.24 27.28
N PRO C 354 8.75 0.14 26.18
CA PRO C 354 9.63 1.31 26.22
C PRO C 354 8.90 2.56 26.73
N HIS C 355 9.61 3.33 27.56
CA HIS C 355 9.12 4.60 28.07
C HIS C 355 9.76 5.74 27.28
N LYS C 356 9.38 6.97 27.62
CA LYS C 356 9.90 8.12 26.89
C LYS C 356 9.90 9.37 27.77
N ALA C 357 10.97 10.14 27.67
CA ALA C 357 11.06 11.40 28.40
C ALA C 357 10.09 12.41 27.80
N ASN C 358 9.10 12.82 28.59
CA ASN C 358 8.21 13.90 28.17
C ASN C 358 8.86 15.27 28.35
N VAL C 359 9.91 15.34 29.17
CA VAL C 359 10.56 16.60 29.50
C VAL C 359 12.05 16.33 29.72
N ASP C 360 12.85 17.38 29.65
CA ASP C 360 14.22 17.29 30.12
C ASP C 360 14.20 16.94 31.60
N SER C 361 14.82 15.81 31.95
CA SER C 361 14.78 15.31 33.31
C SER C 361 16.11 14.68 33.69
N SER C 362 16.07 13.67 34.56
CA SER C 362 17.30 13.07 35.03
C SER C 362 16.99 11.70 35.62
N ILE C 363 17.98 10.81 35.52
CA ILE C 363 17.93 9.50 36.16
C ILE C 363 19.23 9.38 36.95
N GLY C 364 19.12 9.33 38.27
CA GLY C 364 20.33 9.41 39.08
C GLY C 364 21.01 10.74 38.83
N GLU C 365 22.33 10.70 38.67
CA GLU C 365 23.11 11.91 38.43
C GLU C 365 23.13 12.31 36.96
N PHE C 366 22.53 11.52 36.08
CA PHE C 366 22.65 11.70 34.64
C PHE C 366 21.47 12.49 34.09
N ALA C 367 21.76 13.39 33.16
CA ALA C 367 20.70 14.15 32.48
C ALA C 367 20.11 13.30 31.36
N VAL C 368 18.80 13.46 31.15
CA VAL C 368 18.07 12.78 30.09
C VAL C 368 17.22 13.82 29.37
N ASP C 369 17.39 13.91 28.06
CA ASP C 369 16.73 14.95 27.28
C ASP C 369 15.34 14.49 26.83
N LYS C 370 14.45 15.47 26.65
CA LYS C 370 13.11 15.20 26.17
C LYS C 370 13.17 14.45 24.84
N GLY C 371 12.31 13.45 24.71
CA GLY C 371 12.28 12.59 23.55
C GLY C 371 13.09 11.32 23.69
N THR C 372 14.02 11.29 24.63
CA THR C 372 14.86 10.11 24.82
C THR C 372 14.01 8.90 25.19
N GLU C 373 14.23 7.80 24.50
CA GLU C 373 13.63 6.53 24.86
C GLU C 373 14.34 5.97 26.08
N VAL C 374 13.56 5.47 27.03
CA VAL C 374 14.10 4.84 28.23
C VAL C 374 13.53 3.43 28.32
N ILE C 375 14.43 2.45 28.43
CA ILE C 375 14.06 1.05 28.54
C ILE C 375 14.52 0.55 29.90
N ILE C 376 13.61 -0.11 30.62
CA ILE C 376 13.93 -0.78 31.87
C ILE C 376 14.20 -2.24 31.55
N ASN C 377 15.41 -2.70 31.89
CA ASN C 377 15.76 -4.11 31.69
C ASN C 377 15.33 -4.89 32.92
N LEU C 378 14.07 -5.33 32.93
CA LEU C 378 13.56 -6.08 34.06
C LEU C 378 14.35 -7.36 34.28
N TRP C 379 14.81 -7.99 33.19
CA TRP C 379 15.66 -9.17 33.31
C TRP C 379 16.84 -8.89 34.22
N ALA C 380 17.48 -7.74 34.04
CA ALA C 380 18.67 -7.40 34.82
C ALA C 380 18.32 -7.20 36.30
N LEU C 381 17.16 -6.63 36.58
CA LEU C 381 16.73 -6.49 37.97
C LEU C 381 16.45 -7.86 38.59
N HIS C 382 15.77 -8.74 37.86
CA HIS C 382 15.34 -10.01 38.40
C HIS C 382 16.44 -11.05 38.44
N HIS C 383 17.59 -10.81 37.80
CA HIS C 383 18.67 -11.77 37.75
C HIS C 383 19.99 -11.22 38.28
N ASN C 384 19.97 -10.01 38.85
CA ASN C 384 21.19 -9.44 39.43
C ASN C 384 21.65 -10.29 40.62
N GLU C 385 22.92 -10.69 40.61
CA GLU C 385 23.43 -11.57 41.66
C GLU C 385 23.62 -10.82 42.97
N LYS C 386 23.80 -9.50 42.93
CA LYS C 386 23.86 -8.71 44.16
C LYS C 386 22.50 -8.54 44.81
N GLU C 387 21.42 -8.94 44.13
CA GLU C 387 20.08 -8.78 44.65
C GLU C 387 19.38 -10.11 44.92
N TRP C 388 19.91 -11.22 44.41
CA TRP C 388 19.29 -12.52 44.58
C TRP C 388 20.38 -13.56 44.84
N HIS C 389 20.00 -14.61 45.56
CA HIS C 389 20.88 -15.74 45.83
C HIS C 389 20.58 -16.82 44.78
N GLN C 390 21.56 -17.10 43.92
CA GLN C 390 21.41 -18.05 42.83
C GLN C 390 20.28 -17.63 41.90
N PRO C 391 20.47 -16.54 41.15
CA PRO C 391 19.33 -15.97 40.40
C PRO C 391 18.85 -16.85 39.26
N ASP C 392 19.73 -17.61 38.62
CA ASP C 392 19.30 -18.46 37.51
C ASP C 392 18.58 -19.72 37.98
N GLN C 393 18.55 -19.99 39.28
CA GLN C 393 17.97 -21.21 39.81
C GLN C 393 16.49 -21.03 40.12
N PHE C 394 15.71 -22.05 39.81
CA PHE C 394 14.28 -22.06 40.12
C PHE C 394 14.11 -22.42 41.60
N MET C 395 14.00 -21.40 42.44
CA MET C 395 13.84 -21.58 43.88
C MET C 395 12.60 -20.84 44.35
N PRO C 396 11.42 -21.46 44.24
CA PRO C 396 10.22 -20.83 44.81
C PRO C 396 10.39 -20.46 46.27
N GLU C 397 11.27 -21.18 46.98
CA GLU C 397 11.40 -21.02 48.42
C GLU C 397 11.97 -19.67 48.82
N ARG C 398 12.65 -18.97 47.91
CA ARG C 398 13.21 -17.66 48.25
C ARG C 398 12.13 -16.68 48.65
N PHE C 399 10.88 -16.90 48.21
CA PHE C 399 9.76 -16.06 48.60
C PHE C 399 9.02 -16.59 49.83
N LEU C 400 9.65 -17.47 50.60
CA LEU C 400 9.07 -18.01 51.82
C LEU C 400 10.08 -17.89 52.94
N ASN C 401 9.57 -17.69 54.16
CA ASN C 401 10.41 -17.75 55.33
C ASN C 401 10.95 -19.16 55.49
N PRO C 402 12.06 -19.33 56.21
CA PRO C 402 12.66 -20.67 56.33
C PRO C 402 11.66 -21.72 56.78
N ALA C 403 10.70 -21.35 57.63
CA ALA C 403 9.73 -22.31 58.13
C ALA C 403 8.75 -22.76 57.06
N GLY C 404 8.70 -22.09 55.91
CA GLY C 404 7.70 -22.42 54.92
C GLY C 404 6.29 -22.05 55.32
N THR C 405 6.14 -21.09 56.23
CA THR C 405 4.84 -20.75 56.77
C THR C 405 4.43 -19.30 56.49
N GLN C 406 5.29 -18.49 55.90
CA GLN C 406 4.95 -17.12 55.56
C GLN C 406 5.66 -16.71 54.28
N LEU C 407 4.94 -15.97 53.43
CA LEU C 407 5.54 -15.37 52.25
C LEU C 407 6.37 -14.15 52.65
N ILE C 408 7.41 -13.88 51.87
CA ILE C 408 8.33 -12.80 52.14
C ILE C 408 8.70 -12.12 50.82
N SER C 409 9.48 -11.06 50.93
CA SER C 409 9.97 -10.29 49.78
C SER C 409 11.49 -10.21 49.91
N PRO C 410 12.21 -11.21 49.41
CA PRO C 410 13.67 -11.22 49.61
C PRO C 410 14.39 -10.06 48.97
N SER C 411 13.83 -9.48 47.92
CA SER C 411 14.54 -8.44 47.18
C SER C 411 13.62 -7.28 46.86
N VAL C 412 14.21 -6.08 46.89
CA VAL C 412 13.53 -4.88 46.40
C VAL C 412 13.62 -4.74 44.89
N SER C 413 14.31 -5.65 44.21
CA SER C 413 14.52 -5.58 42.77
C SER C 413 13.59 -6.59 42.08
N TYR C 414 12.30 -6.27 42.11
CA TYR C 414 11.28 -7.21 41.67
C TYR C 414 10.06 -6.39 41.24
N LEU C 415 9.83 -6.31 39.93
CA LEU C 415 8.75 -5.46 39.38
C LEU C 415 8.11 -6.14 38.19
N PRO C 416 7.60 -7.37 38.36
CA PRO C 416 7.03 -8.08 37.21
C PRO C 416 5.88 -7.33 36.55
N PHE C 417 5.16 -6.50 37.31
CA PHE C 417 4.01 -5.75 36.80
C PHE C 417 4.32 -4.27 36.62
N GLY C 418 5.59 -3.90 36.61
CA GLY C 418 5.91 -2.49 36.46
C GLY C 418 5.55 -1.70 37.71
N ALA C 419 5.47 -0.39 37.53
CA ALA C 419 5.14 0.52 38.63
C ALA C 419 4.94 1.93 38.09
N GLY C 420 4.12 2.70 38.79
CA GLY C 420 3.89 4.08 38.45
C GLY C 420 2.76 4.27 37.44
N PRO C 421 2.82 5.38 36.70
CA PRO C 421 1.69 5.74 35.84
C PRO C 421 1.41 4.75 34.72
N ARG C 422 2.41 4.04 34.22
CA ARG C 422 2.21 3.07 33.14
C ARG C 422 2.13 1.63 33.65
N SER C 423 1.95 1.44 34.94
CA SER C 423 1.95 0.09 35.49
C SER C 423 0.78 -0.72 34.94
N CYS C 424 0.86 -2.02 35.11
CA CYS C 424 -0.16 -2.92 34.60
C CYS C 424 -1.49 -2.67 35.31
N ILE C 425 -2.55 -2.51 34.51
CA ILE C 425 -3.88 -2.28 35.09
C ILE C 425 -4.64 -3.57 35.30
N GLY C 426 -4.13 -4.70 34.84
CA GLY C 426 -4.80 -5.97 35.02
C GLY C 426 -4.07 -6.89 35.97
N GLU C 427 -3.34 -6.30 36.92
CA GLU C 427 -2.54 -7.11 37.84
C GLU C 427 -3.43 -7.98 38.73
N ILE C 428 -4.56 -7.43 39.19
CA ILE C 428 -5.41 -8.19 40.11
C ILE C 428 -6.04 -9.37 39.40
N LEU C 429 -6.66 -9.13 38.25
CA LEU C 429 -7.23 -10.24 37.47
C LEU C 429 -6.16 -11.29 37.16
N ALA C 430 -4.94 -10.84 36.83
CA ALA C 430 -3.89 -11.78 36.47
C ALA C 430 -3.47 -12.63 37.67
N ARG C 431 -3.32 -12.00 38.84
CA ARG C 431 -2.96 -12.76 40.03
C ARG C 431 -4.04 -13.77 40.40
N GLN C 432 -5.30 -13.47 40.12
CA GLN C 432 -6.39 -14.38 40.41
C GLN C 432 -6.46 -15.48 39.39
N GLU C 433 -6.43 -15.12 38.12
CA GLU C 433 -6.41 -16.12 37.06
C GLU C 433 -5.30 -17.13 37.27
N LEU C 434 -4.09 -16.64 37.54
CA LEU C 434 -2.94 -17.54 37.68
C LEU C 434 -3.10 -18.45 38.88
N PHE C 435 -3.54 -17.91 40.02
CA PHE C 435 -3.66 -18.73 41.22
C PHE C 435 -4.70 -19.82 41.04
N LEU C 436 -5.89 -19.47 40.63
CA LEU C 436 -6.95 -20.44 40.53
C LEU C 436 -6.72 -21.50 39.46
N ILE C 437 -6.08 -21.14 38.37
CA ILE C 437 -5.77 -22.15 37.35
C ILE C 437 -4.83 -23.21 37.92
N MET C 438 -3.70 -22.76 38.46
CA MET C 438 -2.74 -23.70 39.03
C MET C 438 -3.38 -24.54 40.13
N ALA C 439 -4.24 -23.93 40.95
CA ALA C 439 -4.85 -24.65 42.06
C ALA C 439 -5.74 -25.78 41.56
N TRP C 440 -6.70 -25.45 40.70
CA TRP C 440 -7.62 -26.46 40.20
C TRP C 440 -6.89 -27.54 39.42
N LEU C 441 -5.87 -27.16 38.64
CA LEU C 441 -5.14 -28.14 37.85
C LEU C 441 -4.40 -29.13 38.75
N LEU C 442 -3.82 -28.65 39.84
CA LEU C 442 -3.06 -29.55 40.72
C LEU C 442 -3.97 -30.35 41.63
N GLN C 443 -5.16 -29.83 41.95
CA GLN C 443 -6.11 -30.62 42.73
C GLN C 443 -6.58 -31.84 41.95
N ARG C 444 -6.79 -31.69 40.65
CA ARG C 444 -7.42 -32.74 39.86
C ARG C 444 -6.48 -33.56 39.01
N PHE C 445 -5.48 -32.94 38.39
CA PHE C 445 -4.71 -33.60 37.34
C PHE C 445 -3.26 -33.83 37.76
N ASP C 446 -2.75 -35.01 37.40
CA ASP C 446 -1.34 -35.31 37.48
C ASP C 446 -0.70 -34.97 36.13
N LEU C 447 0.35 -34.16 36.17
CA LEU C 447 0.94 -33.59 34.97
C LEU C 447 2.43 -33.87 34.97
N GLU C 448 2.87 -34.72 34.05
CA GLU C 448 4.28 -35.09 34.00
C GLU C 448 4.76 -35.13 32.57
N VAL C 449 6.07 -35.31 32.41
CA VAL C 449 6.64 -35.32 31.08
C VAL C 449 5.94 -36.36 30.25
N PRO C 450 5.62 -36.05 28.98
CA PRO C 450 4.94 -37.05 28.13
C PRO C 450 5.76 -38.33 28.03
N ASP C 451 5.05 -39.43 27.78
CA ASP C 451 5.73 -40.71 27.55
C ASP C 451 6.58 -40.64 26.30
N ASP C 452 7.79 -40.09 26.43
CA ASP C 452 8.67 -39.76 25.33
C ASP C 452 10.01 -39.31 25.91
N GLY C 453 9.91 -38.52 26.99
CA GLY C 453 11.06 -37.98 27.69
C GLY C 453 11.29 -36.50 27.47
N GLN C 454 10.80 -35.95 26.36
CA GLN C 454 11.03 -34.56 26.04
C GLN C 454 10.60 -33.67 27.19
N LEU C 455 11.51 -32.81 27.62
CA LEU C 455 11.22 -31.77 28.59
C LEU C 455 11.14 -30.42 27.90
N PRO C 456 10.28 -29.52 28.35
CA PRO C 456 10.15 -28.24 27.66
C PRO C 456 11.47 -27.50 27.63
N SER C 457 11.69 -26.76 26.55
CA SER C 457 12.82 -25.83 26.51
C SER C 457 12.45 -24.59 27.32
N LEU C 458 13.33 -24.18 28.21
CA LEU C 458 13.14 -22.99 29.03
C LEU C 458 13.94 -21.82 28.52
N GLU C 459 14.58 -21.95 27.35
CA GLU C 459 15.29 -20.82 26.76
C GLU C 459 14.33 -19.68 26.43
N GLY C 460 13.16 -20.02 25.89
CA GLY C 460 12.14 -19.03 25.62
C GLY C 460 12.36 -18.30 24.30
N ILE C 461 11.30 -17.62 23.87
CA ILE C 461 11.31 -16.85 22.63
C ILE C 461 10.99 -15.39 22.97
N PRO C 462 11.98 -14.51 22.95
CA PRO C 462 11.71 -13.10 23.27
C PRO C 462 10.90 -12.40 22.18
N LYS C 463 9.67 -12.04 22.51
CA LYS C 463 8.82 -11.25 21.63
C LYS C 463 8.23 -10.11 22.45
N VAL C 464 7.21 -9.44 21.92
CA VAL C 464 6.49 -8.46 22.73
C VAL C 464 6.03 -9.11 24.03
N VAL C 465 5.74 -10.41 23.99
CA VAL C 465 5.57 -11.25 25.17
C VAL C 465 6.70 -12.27 25.16
N PHE C 466 7.24 -12.58 26.34
CA PHE C 466 8.29 -13.60 26.45
C PHE C 466 7.66 -14.97 26.40
N LEU C 467 7.86 -15.67 25.29
CA LEU C 467 7.14 -16.92 25.03
C LEU C 467 8.02 -18.13 25.29
N ILE C 468 7.36 -19.24 25.60
CA ILE C 468 8.01 -20.53 25.71
C ILE C 468 7.69 -21.34 24.46
N ASP C 469 8.69 -22.04 23.95
CA ASP C 469 8.45 -22.98 22.86
C ASP C 469 7.33 -23.93 23.22
N SER C 470 6.43 -24.18 22.27
CA SER C 470 5.34 -25.11 22.50
C SER C 470 5.89 -26.44 23.01
N PHE C 471 5.14 -27.07 23.91
CA PHE C 471 5.56 -28.32 24.52
C PHE C 471 4.33 -29.15 24.85
N LYS C 472 4.55 -30.44 25.07
CA LYS C 472 3.51 -31.38 25.40
C LYS C 472 3.65 -31.84 26.85
N VAL C 473 2.54 -32.26 27.43
CA VAL C 473 2.50 -32.71 28.81
C VAL C 473 1.47 -33.81 28.94
N LYS C 474 1.82 -34.85 29.68
CA LYS C 474 0.90 -35.95 29.90
C LYS C 474 -0.13 -35.55 30.95
N ILE C 475 -1.40 -35.82 30.67
CA ILE C 475 -2.51 -35.43 31.53
C ILE C 475 -3.25 -36.69 31.96
N LYS C 476 -3.30 -36.92 33.26
CA LYS C 476 -4.03 -38.05 33.83
C LYS C 476 -4.62 -37.62 35.16
N VAL C 477 -5.94 -37.72 35.30
CA VAL C 477 -6.59 -37.39 36.56
C VAL C 477 -5.89 -38.13 37.68
N ARG C 478 -5.77 -37.48 38.83
CA ARG C 478 -5.12 -38.08 39.99
C ARG C 478 -6.04 -39.12 40.63
N GLN C 479 -5.41 -40.19 41.15
CA GLN C 479 -6.15 -41.15 41.95
C GLN C 479 -6.93 -40.44 43.05
N ALA C 480 -6.27 -39.52 43.75
CA ALA C 480 -6.90 -38.82 44.86
C ALA C 480 -8.24 -38.20 44.46
N TRP C 481 -8.24 -37.43 43.37
CA TRP C 481 -9.49 -36.82 42.90
C TRP C 481 -10.55 -37.88 42.63
N ARG C 482 -10.13 -39.05 42.15
CA ARG C 482 -11.08 -40.06 41.72
C ARG C 482 -11.81 -40.68 42.91
N GLU C 483 -11.06 -41.15 43.90
CA GLU C 483 -11.69 -41.77 45.06
C GLU C 483 -12.57 -40.79 45.81
N ALA C 484 -12.13 -39.54 45.93
CA ALA C 484 -12.90 -38.54 46.66
C ALA C 484 -14.28 -38.34 46.04
N GLN C 485 -14.34 -38.30 44.71
CA GLN C 485 -15.61 -38.05 44.04
C GLN C 485 -16.62 -39.18 44.24
N ALA C 486 -16.18 -40.33 44.74
CA ALA C 486 -17.09 -41.42 45.10
C ALA C 486 -18.07 -40.95 46.18
N LEU D 13 -51.64 -6.47 -5.90
CA LEU D 13 -52.18 -5.60 -4.86
C LEU D 13 -51.12 -5.25 -3.81
N LEU D 14 -50.24 -6.21 -3.51
CA LEU D 14 -49.21 -6.02 -2.50
C LEU D 14 -48.02 -5.29 -3.07
N SER D 15 -47.45 -4.39 -2.27
CA SER D 15 -46.30 -3.58 -2.67
C SER D 15 -45.06 -3.95 -1.87
N LEU D 16 -43.94 -4.07 -2.57
CA LEU D 16 -42.67 -4.32 -1.92
C LEU D 16 -42.24 -3.10 -1.11
N PRO D 17 -41.46 -3.29 -0.04
CA PRO D 17 -40.89 -2.14 0.65
C PRO D 17 -39.89 -1.42 -0.22
N LEU D 18 -39.95 -0.09 -0.19
CA LEU D 18 -38.97 0.77 -0.84
C LEU D 18 -38.06 1.30 0.27
N VAL D 19 -36.82 0.82 0.29
CA VAL D 19 -35.90 1.11 1.38
C VAL D 19 -34.82 2.09 0.96
N GLY D 20 -34.79 2.48 -0.32
CA GLY D 20 -33.88 3.49 -0.78
C GLY D 20 -34.47 4.23 -1.95
N SER D 21 -34.20 5.53 -2.05
CA SER D 21 -34.74 6.31 -3.16
C SER D 21 -33.88 7.55 -3.36
N LEU D 22 -33.42 7.76 -4.60
CA LEU D 22 -32.83 9.01 -5.05
C LEU D 22 -33.71 9.52 -6.19
N PRO D 23 -34.89 10.03 -5.87
CA PRO D 23 -35.90 10.30 -6.92
C PRO D 23 -35.39 11.17 -8.04
N PHE D 24 -34.35 11.96 -7.79
CA PHE D 24 -33.77 12.84 -8.79
C PHE D 24 -32.27 12.60 -8.86
N LEU D 25 -31.68 12.86 -10.03
CA LEU D 25 -30.26 12.63 -10.22
C LEU D 25 -29.74 13.58 -11.29
N PRO D 26 -28.48 14.00 -11.20
CA PRO D 26 -27.92 14.88 -12.22
C PRO D 26 -27.50 14.11 -13.46
N ARG D 27 -27.37 14.85 -14.55
CA ARG D 27 -26.82 14.34 -15.81
C ARG D 27 -25.60 15.22 -16.12
N HIS D 28 -24.49 14.94 -15.42
CA HIS D 28 -23.32 15.80 -15.48
C HIS D 28 -23.74 17.22 -15.13
N GLY D 29 -22.94 18.21 -15.52
CA GLY D 29 -23.10 19.55 -15.01
C GLY D 29 -22.43 19.71 -13.66
N HIS D 30 -22.30 20.95 -13.22
CA HIS D 30 -21.59 21.25 -11.99
C HIS D 30 -22.51 21.08 -10.80
N MET D 31 -22.02 20.39 -9.77
CA MET D 31 -22.83 20.11 -8.59
C MET D 31 -23.46 21.38 -8.03
N HIS D 32 -22.68 22.45 -7.88
CA HIS D 32 -23.24 23.66 -7.28
C HIS D 32 -24.39 24.20 -8.10
N ASN D 33 -24.34 24.03 -9.42
CA ASN D 33 -25.46 24.39 -10.27
C ASN D 33 -26.66 23.48 -10.01
N ASN D 34 -26.39 22.19 -9.86
CA ASN D 34 -27.44 21.20 -9.71
C ASN D 34 -28.14 21.34 -8.36
N PHE D 35 -27.36 21.53 -7.28
CA PHE D 35 -27.98 21.81 -5.99
C PHE D 35 -28.85 23.06 -6.06
N PHE D 36 -28.34 24.11 -6.70
CA PHE D 36 -29.10 25.35 -6.84
C PHE D 36 -30.41 25.11 -7.58
N LYS D 37 -30.38 24.33 -8.66
CA LYS D 37 -31.59 24.06 -9.41
C LYS D 37 -32.60 23.27 -8.58
N LEU D 38 -32.11 22.43 -7.68
CA LEU D 38 -33.00 21.67 -6.81
C LEU D 38 -33.77 22.55 -5.83
N GLN D 39 -33.34 23.80 -5.64
CA GLN D 39 -34.03 24.68 -4.69
C GLN D 39 -35.41 25.05 -5.20
N LYS D 40 -35.61 25.09 -6.52
CA LYS D 40 -36.94 25.35 -7.06
C LYS D 40 -37.96 24.33 -6.57
N LYS D 41 -37.50 23.12 -6.25
CA LYS D 41 -38.36 22.04 -5.78
C LYS D 41 -38.43 21.94 -4.27
N TYR D 42 -37.29 22.06 -3.58
CA TYR D 42 -37.21 21.73 -2.18
C TYR D 42 -36.92 22.92 -1.28
N GLY D 43 -36.66 24.10 -1.86
CA GLY D 43 -36.42 25.28 -1.07
C GLY D 43 -34.95 25.51 -0.84
N PRO D 44 -34.64 26.49 0.01
CA PRO D 44 -33.23 26.87 0.23
C PRO D 44 -32.44 25.91 1.11
N ILE D 45 -33.08 24.90 1.70
CA ILE D 45 -32.37 23.98 2.59
C ILE D 45 -33.00 22.60 2.51
N TYR D 46 -32.19 21.58 2.22
CA TYR D 46 -32.66 20.21 2.14
C TYR D 46 -31.52 19.28 2.54
N SER D 47 -31.84 18.00 2.73
CA SER D 47 -30.90 17.04 3.27
C SER D 47 -30.88 15.76 2.44
N VAL D 48 -29.79 15.00 2.63
CA VAL D 48 -29.60 13.71 1.98
C VAL D 48 -29.00 12.76 3.01
N ARG D 49 -29.50 11.52 3.00
CA ARG D 49 -29.13 10.51 3.99
C ARG D 49 -28.58 9.28 3.28
N MET D 50 -27.44 8.78 3.75
CA MET D 50 -26.85 7.55 3.25
C MET D 50 -26.27 6.80 4.43
N GLY D 51 -26.77 5.60 4.67
CA GLY D 51 -26.45 4.93 5.92
C GLY D 51 -26.78 5.83 7.09
N THR D 52 -25.81 6.05 7.96
CA THR D 52 -25.98 6.92 9.12
C THR D 52 -25.53 8.35 8.84
N LYS D 53 -25.10 8.65 7.63
CA LYS D 53 -24.59 9.96 7.28
C LYS D 53 -25.71 10.82 6.72
N THR D 54 -25.82 12.05 7.22
CA THR D 54 -26.73 13.05 6.67
C THR D 54 -25.92 14.27 6.25
N THR D 55 -26.31 14.87 5.13
CA THR D 55 -25.70 16.08 4.61
C THR D 55 -26.81 17.10 4.38
N VAL D 56 -26.47 18.38 4.56
CA VAL D 56 -27.42 19.46 4.41
C VAL D 56 -26.84 20.49 3.46
N ILE D 57 -27.63 20.87 2.45
CA ILE D 57 -27.26 21.91 1.51
C ILE D 57 -28.04 23.17 1.88
N VAL D 58 -27.34 24.30 1.96
CA VAL D 58 -27.94 25.57 2.38
C VAL D 58 -27.69 26.58 1.26
N GLY D 59 -28.77 27.16 0.76
CA GLY D 59 -28.68 28.03 -0.41
C GLY D 59 -29.40 29.37 -0.32
N HIS D 60 -29.49 29.93 0.88
CA HIS D 60 -30.02 31.29 1.06
C HIS D 60 -29.19 32.03 2.10
N HIS D 61 -28.89 33.30 1.81
CA HIS D 61 -27.91 34.03 2.62
C HIS D 61 -28.30 34.11 4.09
N GLN D 62 -29.60 34.05 4.39
CA GLN D 62 -30.02 34.12 5.79
C GLN D 62 -29.64 32.85 6.55
N LEU D 63 -29.88 31.69 5.94
CA LEU D 63 -29.53 30.43 6.59
C LEU D 63 -28.02 30.24 6.64
N ALA D 64 -27.31 30.68 5.60
CA ALA D 64 -25.85 30.57 5.61
C ALA D 64 -25.24 31.41 6.71
N LYS D 65 -25.72 32.65 6.88
CA LYS D 65 -25.20 33.50 7.93
C LYS D 65 -25.46 32.90 9.30
N GLU D 66 -26.57 32.19 9.46
CA GLU D 66 -26.83 31.48 10.71
C GLU D 66 -25.79 30.38 10.92
N VAL D 67 -25.50 29.61 9.87
CA VAL D 67 -24.52 28.54 9.97
C VAL D 67 -23.15 29.09 10.27
N LEU D 68 -22.74 30.13 9.53
CA LEU D 68 -21.36 30.61 9.59
C LEU D 68 -21.13 31.61 10.72
N ILE D 69 -22.15 32.36 11.11
CA ILE D 69 -21.96 33.46 12.07
C ILE D 69 -22.77 33.25 13.34
N LYS D 70 -24.10 33.35 13.26
CA LYS D 70 -24.92 33.32 14.47
C LYS D 70 -24.64 32.07 15.31
N LYS D 71 -24.55 30.91 14.66
CA LYS D 71 -24.21 29.67 15.35
C LYS D 71 -22.87 29.17 14.84
N GLY D 72 -21.89 30.07 14.76
CA GLY D 72 -20.64 29.74 14.10
C GLY D 72 -19.92 28.56 14.74
N LYS D 73 -19.72 28.62 16.06
CA LYS D 73 -18.98 27.55 16.72
C LYS D 73 -19.73 26.22 16.67
N ASP D 74 -21.06 26.26 16.52
CA ASP D 74 -21.83 25.03 16.45
C ASP D 74 -21.51 24.26 15.16
N PHE D 75 -21.17 24.98 14.09
CA PHE D 75 -20.96 24.38 12.78
C PHE D 75 -19.52 24.58 12.31
N SER D 76 -18.59 24.72 13.24
CA SER D 76 -17.20 24.99 12.91
C SER D 76 -16.37 23.72 12.74
N GLY D 77 -16.99 22.54 12.83
CA GLY D 77 -16.27 21.31 12.60
C GLY D 77 -16.11 21.02 11.12
N ARG D 78 -15.22 20.07 10.82
CA ARG D 78 -15.02 19.62 9.46
C ARG D 78 -15.33 18.13 9.37
N PRO D 79 -16.08 17.69 8.37
CA PRO D 79 -16.30 16.26 8.19
C PRO D 79 -15.00 15.55 7.82
N GLN D 80 -14.89 14.30 8.22
CA GLN D 80 -13.75 13.48 7.84
C GLN D 80 -14.00 12.88 6.46
N MET D 81 -13.03 13.01 5.56
CA MET D 81 -13.13 12.50 4.21
C MET D 81 -11.83 11.82 3.85
N ALA D 82 -11.93 10.58 3.37
CA ALA D 82 -10.72 9.80 3.10
C ALA D 82 -9.75 10.59 2.24
N THR D 83 -10.25 11.22 1.17
CA THR D 83 -9.36 11.95 0.27
C THR D 83 -8.67 13.11 1.00
N LEU D 84 -9.40 13.83 1.85
CA LEU D 84 -8.79 14.93 2.57
C LEU D 84 -7.76 14.45 3.58
N ASP D 85 -7.96 13.24 4.11
CA ASP D 85 -7.03 12.70 5.09
C ASP D 85 -5.64 12.50 4.48
N ILE D 86 -5.57 12.12 3.20
CA ILE D 86 -4.27 11.97 2.56
C ILE D 86 -3.60 13.33 2.41
N ALA D 87 -4.36 14.33 1.96
CA ALA D 87 -3.79 15.64 1.72
C ALA D 87 -3.39 16.33 3.01
N SER D 88 -4.20 16.22 4.06
CA SER D 88 -3.96 16.91 5.32
C SER D 88 -3.14 16.09 6.30
N ASN D 89 -2.59 14.96 5.88
CA ASN D 89 -1.85 14.08 6.76
C ASN D 89 -2.65 13.80 8.03
N ASN D 90 -3.81 13.18 7.83
CA ASN D 90 -4.71 12.81 8.92
C ASN D 90 -5.16 14.04 9.71
N ARG D 91 -5.77 14.98 8.99
CA ARG D 91 -6.53 16.07 9.57
C ARG D 91 -5.67 17.05 10.37
N LYS D 92 -4.41 17.21 10.00
CA LYS D 92 -3.58 18.27 10.55
C LYS D 92 -3.79 19.53 9.71
N GLY D 93 -2.95 20.54 9.92
CA GLY D 93 -3.11 21.78 9.18
C GLY D 93 -4.21 22.65 9.74
N ILE D 94 -4.85 23.40 8.87
CA ILE D 94 -5.92 24.31 9.27
C ILE D 94 -7.21 24.03 8.51
N ALA D 95 -7.13 24.06 7.17
CA ALA D 95 -8.35 24.10 6.37
C ALA D 95 -9.19 22.84 6.54
N PHE D 96 -8.55 21.68 6.66
CA PHE D 96 -9.26 20.41 6.77
C PHE D 96 -9.18 19.81 8.16
N ALA D 97 -8.58 20.53 9.12
CA ALA D 97 -8.58 20.09 10.51
C ALA D 97 -9.95 20.33 11.14
N ASP D 98 -10.41 19.34 11.88
CA ASP D 98 -11.65 19.51 12.63
C ASP D 98 -11.48 20.61 13.67
N SER D 99 -12.59 21.27 14.01
CA SER D 99 -12.57 22.21 15.12
C SER D 99 -12.00 21.52 16.35
N GLY D 100 -11.21 22.25 17.10
CA GLY D 100 -10.51 21.67 18.23
C GLY D 100 -9.22 22.42 18.49
N ALA D 101 -8.46 21.89 19.45
CA ALA D 101 -7.28 22.60 19.94
C ALA D 101 -6.22 22.72 18.85
N HIS D 102 -5.95 21.64 18.11
CA HIS D 102 -4.97 21.70 17.03
C HIS D 102 -5.33 22.83 16.07
N TRP D 103 -6.54 22.78 15.52
CA TRP D 103 -6.97 23.80 14.57
C TRP D 103 -6.85 25.19 15.19
N GLN D 104 -7.42 25.37 16.38
CA GLN D 104 -7.43 26.70 16.99
C GLN D 104 -6.04 27.25 17.16
N LEU D 105 -5.09 26.42 17.61
CA LEU D 105 -3.73 26.90 17.82
C LEU D 105 -3.10 27.34 16.50
N HIS D 106 -3.13 26.46 15.50
CA HIS D 106 -2.46 26.74 14.24
C HIS D 106 -3.13 27.87 13.48
N ARG D 107 -4.46 27.96 13.55
CA ARG D 107 -5.14 29.09 12.93
C ARG D 107 -4.66 30.40 13.54
N ARG D 108 -4.52 30.43 14.87
CA ARG D 108 -4.12 31.66 15.56
C ARG D 108 -2.69 32.04 15.21
N LEU D 109 -1.77 31.08 15.22
CA LEU D 109 -0.38 31.37 14.89
C LEU D 109 -0.24 31.84 13.44
N ALA D 110 -1.01 31.24 12.53
CA ALA D 110 -0.96 31.69 11.14
C ALA D 110 -1.50 33.11 11.00
N MET D 111 -2.57 33.42 11.73
CA MET D 111 -3.12 34.77 11.70
C MET D 111 -2.15 35.77 12.31
N ALA D 112 -1.47 35.36 13.40
CA ALA D 112 -0.49 36.23 14.04
C ALA D 112 0.66 36.54 13.09
N THR D 113 1.06 35.55 12.30
CA THR D 113 2.18 35.76 11.38
C THR D 113 1.93 36.95 10.46
N PHE D 114 0.68 37.17 10.06
CA PHE D 114 0.39 38.26 9.15
C PHE D 114 0.54 39.62 9.83
N ALA D 115 0.57 39.65 11.16
CA ALA D 115 0.90 40.90 11.84
C ALA D 115 2.37 41.27 11.65
N LEU D 116 3.24 40.28 11.50
CA LEU D 116 4.66 40.55 11.29
C LEU D 116 4.94 41.21 9.95
N PHE D 117 3.95 41.28 9.04
CA PHE D 117 4.15 41.84 7.71
C PHE D 117 3.27 43.04 7.44
N LYS D 118 2.78 43.71 8.47
CA LYS D 118 1.93 44.87 8.28
C LYS D 118 2.72 46.16 8.15
N ASP D 119 4.01 46.16 8.47
CA ASP D 119 4.81 47.38 8.46
C ASP D 119 6.27 47.00 8.24
N GLY D 120 7.12 48.02 8.13
CA GLY D 120 8.54 47.82 7.93
C GLY D 120 8.87 47.48 6.50
N ASP D 121 10.13 47.09 6.29
CA ASP D 121 10.57 46.61 4.99
C ASP D 121 9.90 45.30 4.62
N GLN D 122 9.35 44.58 5.59
CA GLN D 122 8.57 43.38 5.32
C GLN D 122 7.10 43.70 5.07
N LYS D 123 6.76 44.94 4.78
CA LYS D 123 5.40 45.23 4.46
C LYS D 123 4.96 44.44 3.24
N LEU D 124 3.80 43.82 3.33
CA LEU D 124 3.31 42.99 2.25
C LEU D 124 3.34 43.68 0.90
N GLU D 125 3.00 44.95 0.87
CA GLU D 125 2.94 45.67 -0.38
C GLU D 125 4.28 45.68 -1.05
N LYS D 126 5.32 45.78 -0.25
CA LYS D 126 6.64 45.83 -0.80
C LYS D 126 7.02 44.49 -1.39
N ILE D 127 6.85 43.44 -0.62
CA ILE D 127 7.18 42.11 -1.09
C ILE D 127 6.41 41.81 -2.36
N ILE D 128 5.16 42.19 -2.39
CA ILE D 128 4.34 41.88 -3.52
C ILE D 128 4.81 42.62 -4.74
N CYS D 129 5.07 43.90 -4.59
CA CYS D 129 5.47 44.72 -5.71
C CYS D 129 6.84 44.30 -6.25
N GLN D 130 7.73 43.84 -5.39
CA GLN D 130 9.01 43.34 -5.87
C GLN D 130 8.84 42.13 -6.77
N GLU D 131 7.92 41.22 -6.41
CA GLU D 131 7.67 40.05 -7.23
C GLU D 131 6.83 40.39 -8.46
N ILE D 132 5.91 41.36 -8.35
CA ILE D 132 5.18 41.80 -9.53
C ILE D 132 6.13 42.49 -10.50
N SER D 133 7.21 43.09 -9.99
CA SER D 133 8.21 43.68 -10.87
C SER D 133 8.88 42.62 -11.72
N THR D 134 9.44 41.59 -11.07
CA THR D 134 9.97 40.44 -11.79
C THR D 134 8.97 39.91 -12.80
N LEU D 135 7.72 39.74 -12.37
CA LEU D 135 6.69 39.18 -13.24
C LEU D 135 6.51 40.01 -14.51
N CYS D 136 6.43 41.34 -14.36
CA CYS D 136 6.17 42.19 -15.51
C CYS D 136 7.35 42.19 -16.47
N ASP D 137 8.58 42.19 -15.95
CA ASP D 137 9.74 42.11 -16.82
C ASP D 137 9.72 40.83 -17.64
N MET D 138 9.29 39.71 -17.04
CA MET D 138 9.20 38.46 -17.77
C MET D 138 8.21 38.56 -18.92
N LEU D 139 7.01 39.09 -18.65
CA LEU D 139 6.02 39.21 -19.70
C LEU D 139 6.49 40.12 -20.82
N ALA D 140 7.38 41.08 -20.49
CA ALA D 140 7.93 41.95 -21.53
C ALA D 140 8.70 41.15 -22.57
N THR D 141 9.51 40.19 -22.11
CA THR D 141 10.28 39.36 -23.03
C THR D 141 9.39 38.55 -23.97
N HIS D 142 8.08 38.48 -23.71
CA HIS D 142 7.15 37.81 -24.61
C HIS D 142 6.32 38.80 -25.42
N ASN D 143 6.82 40.02 -25.59
CA ASN D 143 6.12 41.06 -26.33
C ASN D 143 5.73 40.58 -27.72
N GLY D 144 4.43 40.64 -28.00
CA GLY D 144 3.92 40.27 -29.30
C GLY D 144 3.44 38.84 -29.43
N GLN D 145 3.84 37.96 -28.51
CA GLN D 145 3.49 36.56 -28.61
C GLN D 145 2.14 36.29 -27.93
N SER D 146 1.60 35.12 -28.20
CA SER D 146 0.45 34.57 -27.49
C SER D 146 0.95 33.50 -26.54
N ILE D 147 0.53 33.57 -25.27
CA ILE D 147 1.09 32.72 -24.23
C ILE D 147 0.03 32.40 -23.18
N ASP D 148 0.31 31.35 -22.40
CA ASP D 148 -0.46 31.00 -21.21
C ASP D 148 0.30 31.54 -20.01
N ILE D 149 -0.33 32.47 -19.28
CA ILE D 149 0.39 33.22 -18.25
C ILE D 149 0.25 32.56 -16.88
N SER D 150 -0.24 31.32 -16.86
CA SER D 150 -0.43 30.63 -15.60
C SER D 150 0.86 30.58 -14.80
N PHE D 151 1.97 30.20 -15.45
CA PHE D 151 3.18 29.89 -14.69
C PHE D 151 3.89 31.15 -14.19
N PRO D 152 4.10 32.19 -15.00
CA PRO D 152 4.72 33.41 -14.45
C PRO D 152 3.98 33.97 -13.25
N VAL D 153 2.64 33.92 -13.28
CA VAL D 153 1.86 34.35 -12.12
C VAL D 153 2.06 33.41 -10.95
N PHE D 154 2.07 32.11 -11.22
CA PHE D 154 2.34 31.13 -10.17
C PHE D 154 3.66 31.44 -9.46
N VAL D 155 4.66 31.87 -10.23
CA VAL D 155 5.99 32.11 -9.65
C VAL D 155 5.98 33.34 -8.77
N ALA D 156 5.27 34.40 -9.20
CA ALA D 156 5.23 35.63 -8.42
C ALA D 156 4.58 35.40 -7.06
N VAL D 157 3.41 34.75 -7.04
CA VAL D 157 2.69 34.55 -5.78
C VAL D 157 3.33 33.45 -4.95
N THR D 158 3.88 32.41 -5.59
CA THR D 158 4.67 31.44 -4.85
C THR D 158 5.80 32.13 -4.09
N ASN D 159 6.48 33.09 -4.75
CA ASN D 159 7.59 33.78 -4.10
C ASN D 159 7.11 34.62 -2.94
N VAL D 160 5.99 35.31 -3.09
CA VAL D 160 5.42 36.07 -1.98
C VAL D 160 5.19 35.16 -0.78
N ILE D 161 4.55 34.03 -1.01
CA ILE D 161 4.21 33.13 0.09
C ILE D 161 5.46 32.48 0.66
N SER D 162 6.42 32.14 -0.20
CA SER D 162 7.70 31.63 0.30
C SER D 162 8.39 32.65 1.19
N LEU D 163 8.25 33.93 0.86
CA LEU D 163 8.85 34.98 1.68
C LEU D 163 8.11 35.12 3.01
N ILE D 164 6.79 34.91 3.00
CA ILE D 164 6.03 35.00 4.25
C ILE D 164 6.30 33.77 5.13
N CYS D 165 6.60 32.63 4.51
CA CYS D 165 6.79 31.39 5.25
C CYS D 165 8.23 31.18 5.73
N PHE D 166 9.22 31.46 4.87
CA PHE D 166 10.60 31.16 5.20
C PHE D 166 11.58 32.30 4.89
N ASN D 167 11.09 33.47 4.46
CA ASN D 167 11.94 34.58 4.04
C ASN D 167 12.87 34.20 2.88
N THR D 168 12.50 33.17 2.12
CA THR D 168 13.22 32.75 0.93
C THR D 168 12.36 32.98 -0.31
N SER D 169 13.01 33.09 -1.46
CA SER D 169 12.33 33.25 -2.73
C SER D 169 13.07 32.43 -3.78
N TYR D 170 12.43 32.22 -4.92
CA TYR D 170 12.97 31.41 -5.99
C TYR D 170 13.36 32.28 -7.17
N LYS D 171 14.61 32.15 -7.63
CA LYS D 171 15.02 32.82 -8.85
C LYS D 171 14.31 32.18 -10.05
N ASN D 172 14.05 32.99 -11.07
CA ASN D 172 13.45 32.47 -12.29
C ASN D 172 14.28 31.30 -12.81
N GLY D 173 13.62 30.18 -13.08
CA GLY D 173 14.28 28.99 -13.54
C GLY D 173 14.65 27.99 -12.47
N ASP D 174 14.38 28.29 -11.20
CA ASP D 174 14.54 27.31 -10.14
C ASP D 174 13.62 26.14 -10.46
N PRO D 175 14.16 24.94 -10.76
CA PRO D 175 13.27 23.82 -11.12
C PRO D 175 12.33 23.42 -9.99
N GLU D 176 12.66 23.78 -8.74
CA GLU D 176 11.75 23.51 -7.62
C GLU D 176 10.39 24.16 -7.84
N LEU D 177 10.35 25.29 -8.53
CA LEU D 177 9.07 25.91 -8.85
C LEU D 177 8.20 24.98 -9.68
N ASN D 178 8.80 24.28 -10.64
CA ASN D 178 8.05 23.33 -11.45
C ASN D 178 7.63 22.12 -10.64
N VAL D 179 8.52 21.63 -9.78
CA VAL D 179 8.15 20.59 -8.82
C VAL D 179 6.91 21.02 -8.05
N ILE D 180 6.93 22.24 -7.50
CA ILE D 180 5.83 22.71 -6.67
C ILE D 180 4.56 22.83 -7.52
N GLN D 181 4.68 23.43 -8.70
CA GLN D 181 3.52 23.54 -9.58
C GLN D 181 2.93 22.17 -9.86
N ASN D 182 3.79 21.16 -10.03
CA ASN D 182 3.30 19.87 -10.50
C ASN D 182 2.55 19.12 -9.42
N TYR D 183 3.05 19.15 -8.18
CA TYR D 183 2.33 18.42 -7.13
C TYR D 183 1.13 19.22 -6.63
N ASN D 184 1.15 20.55 -6.74
CA ASN D 184 -0.07 21.32 -6.51
C ASN D 184 -1.14 20.96 -7.53
N GLU D 185 -0.78 20.95 -8.80
CA GLU D 185 -1.69 20.57 -9.86
C GLU D 185 -2.20 19.15 -9.66
N GLY D 186 -1.31 18.23 -9.28
CA GLY D 186 -1.71 16.84 -9.15
C GLY D 186 -2.61 16.60 -7.95
N ILE D 187 -2.35 17.28 -6.85
CA ILE D 187 -3.19 17.13 -5.67
C ILE D 187 -4.60 17.62 -5.97
N ILE D 188 -4.72 18.81 -6.53
CA ILE D 188 -6.04 19.35 -6.82
C ILE D 188 -6.78 18.45 -7.81
N ASP D 189 -6.05 17.89 -8.78
CA ASP D 189 -6.70 17.12 -9.83
C ASP D 189 -7.24 15.79 -9.31
N ASN D 190 -6.62 15.22 -8.28
CA ASN D 190 -7.00 13.91 -7.78
C ASN D 190 -7.71 13.95 -6.44
N LEU D 191 -7.77 15.11 -5.78
CA LEU D 191 -8.50 15.18 -4.52
C LEU D 191 -10.00 15.00 -4.74
N SER D 192 -10.53 15.46 -5.87
CA SER D 192 -11.95 15.38 -6.15
C SER D 192 -12.19 15.69 -7.61
N LYS D 193 -13.39 15.34 -8.09
CA LYS D 193 -13.83 15.61 -9.45
C LYS D 193 -14.86 16.72 -9.51
N ASP D 194 -15.26 17.23 -8.36
CA ASP D 194 -16.22 18.33 -8.22
C ASP D 194 -15.95 18.92 -6.84
N SER D 195 -16.79 19.87 -6.43
CA SER D 195 -16.63 20.46 -5.11
C SER D 195 -16.68 19.38 -4.04
N LEU D 196 -16.02 19.64 -2.91
CA LEU D 196 -15.92 18.66 -1.85
C LEU D 196 -17.29 18.43 -1.21
N VAL D 197 -17.64 17.16 -1.07
CA VAL D 197 -18.84 16.73 -0.34
C VAL D 197 -18.55 15.34 0.20
N ASP D 198 -18.98 15.06 1.44
CA ASP D 198 -18.60 13.79 2.03
C ASP D 198 -19.52 12.64 1.63
N LEU D 199 -20.70 12.94 1.10
CA LEU D 199 -21.55 11.86 0.58
C LEU D 199 -20.82 11.06 -0.49
N VAL D 200 -19.95 11.72 -1.25
CA VAL D 200 -19.27 11.09 -2.38
C VAL D 200 -17.97 10.45 -1.90
N PRO D 201 -17.75 9.15 -2.13
CA PRO D 201 -16.45 8.54 -1.81
C PRO D 201 -15.46 8.74 -2.95
N TRP D 202 -14.75 9.87 -2.94
CA TRP D 202 -14.06 10.32 -4.14
C TRP D 202 -12.99 9.34 -4.61
N LEU D 203 -12.36 8.62 -3.67
CA LEU D 203 -11.28 7.72 -4.05
C LEU D 203 -11.78 6.40 -4.61
N LYS D 204 -13.07 6.09 -4.48
CA LYS D 204 -13.58 4.77 -4.80
C LYS D 204 -14.68 4.75 -5.85
N ILE D 205 -15.04 5.91 -6.41
CA ILE D 205 -16.16 5.90 -7.34
C ILE D 205 -15.78 5.45 -8.75
N PHE D 206 -14.49 5.52 -9.10
CA PHE D 206 -14.06 5.15 -10.44
C PHE D 206 -12.83 4.26 -10.37
N PRO D 207 -12.63 3.40 -11.37
CA PRO D 207 -11.41 2.56 -11.43
C PRO D 207 -10.26 3.29 -12.12
N ASN D 208 -9.68 4.29 -11.43
CA ASN D 208 -8.76 5.20 -12.11
C ASN D 208 -7.54 5.59 -11.29
N LYS D 209 -7.21 4.87 -10.24
CA LYS D 209 -5.97 5.06 -9.51
C LYS D 209 -5.91 6.44 -8.85
N THR D 210 -7.08 6.99 -8.51
CA THR D 210 -7.10 8.30 -7.86
C THR D 210 -6.26 8.27 -6.58
N LEU D 211 -6.42 7.22 -5.78
CA LEU D 211 -5.72 7.16 -4.50
C LEU D 211 -4.22 7.10 -4.69
N GLU D 212 -3.75 6.19 -5.55
CA GLU D 212 -2.32 6.02 -5.75
C GLU D 212 -1.68 7.31 -6.25
N LYS D 213 -2.34 7.99 -7.19
CA LYS D 213 -1.78 9.22 -7.74
C LYS D 213 -1.79 10.33 -6.71
N LEU D 214 -2.88 10.47 -5.96
CA LEU D 214 -2.92 11.50 -4.92
C LEU D 214 -1.81 11.27 -3.90
N LYS D 215 -1.58 10.01 -3.53
CA LYS D 215 -0.55 9.72 -2.52
C LYS D 215 0.84 10.05 -3.05
N SER D 216 1.09 9.78 -4.34
CA SER D 216 2.42 10.04 -4.88
C SER D 216 2.73 11.53 -4.96
N HIS D 217 1.72 12.36 -5.23
CA HIS D 217 1.92 13.80 -5.22
C HIS D 217 2.07 14.32 -3.80
N VAL D 218 1.25 13.82 -2.87
CA VAL D 218 1.39 14.22 -1.48
C VAL D 218 2.77 13.84 -0.96
N LYS D 219 3.29 12.69 -1.39
CA LYS D 219 4.63 12.28 -0.98
C LYS D 219 5.66 13.31 -1.41
N ILE D 220 5.60 13.74 -2.68
CA ILE D 220 6.58 14.69 -3.17
C ILE D 220 6.52 15.99 -2.37
N ARG D 221 5.32 16.41 -1.98
CA ARG D 221 5.19 17.63 -1.19
C ARG D 221 5.80 17.43 0.20
N ASN D 222 5.39 16.35 0.88
CA ASN D 222 5.83 16.15 2.26
C ASN D 222 7.34 15.95 2.34
N ASP D 223 7.95 15.36 1.29
CA ASP D 223 9.40 15.23 1.28
C ASP D 223 10.07 16.58 1.10
N LEU D 224 9.56 17.40 0.17
CA LEU D 224 10.15 18.72 -0.06
C LEU D 224 10.01 19.60 1.17
N LEU D 225 8.83 19.63 1.78
CA LEU D 225 8.62 20.47 2.96
C LEU D 225 9.47 20.00 4.13
N ASN D 226 9.62 18.68 4.28
CA ASN D 226 10.48 18.17 5.34
C ASN D 226 11.91 18.63 5.14
N LYS D 227 12.43 18.49 3.91
CA LYS D 227 13.77 18.96 3.64
C LYS D 227 13.95 20.41 4.09
N ILE D 228 12.94 21.24 3.85
CA ILE D 228 13.04 22.65 4.22
C ILE D 228 13.01 22.81 5.74
N LEU D 229 12.06 22.13 6.40
CA LEU D 229 11.92 22.30 7.84
C LEU D 229 13.18 21.86 8.59
N GLU D 230 13.84 20.81 8.10
CA GLU D 230 15.00 20.28 8.80
C GLU D 230 16.27 21.09 8.49
N ASN D 231 16.33 21.70 7.30
CA ASN D 231 17.44 22.61 7.01
C ASN D 231 17.27 23.96 7.71
N TYR D 232 16.05 24.30 8.13
CA TYR D 232 15.79 25.58 8.76
C TYR D 232 16.00 25.56 10.27
N LYS D 233 15.92 24.38 10.90
CA LYS D 233 16.13 24.31 12.34
C LYS D 233 17.48 24.89 12.72
N GLU D 234 18.54 24.53 11.97
CA GLU D 234 19.87 25.06 12.26
C GLU D 234 19.94 26.57 12.07
N LYS D 235 18.98 27.16 11.37
CA LYS D 235 18.96 28.58 11.07
C LYS D 235 17.98 29.36 11.94
N PHE D 236 17.06 28.70 12.61
CA PHE D 236 16.09 29.39 13.44
C PHE D 236 16.79 30.14 14.57
N ARG D 237 16.31 31.36 14.84
CA ARG D 237 16.82 32.18 15.93
C ARG D 237 15.64 32.62 16.79
N SER D 238 15.65 32.22 18.05
CA SER D 238 14.55 32.57 18.94
C SER D 238 14.40 34.08 19.08
N ASP D 239 15.48 34.83 18.87
CA ASP D 239 15.48 36.27 19.03
C ASP D 239 15.13 37.01 17.74
N SER D 240 14.61 36.31 16.73
CA SER D 240 14.31 36.94 15.45
C SER D 240 13.17 36.18 14.79
N ILE D 241 11.95 36.68 14.97
CA ILE D 241 10.74 36.03 14.48
C ILE D 241 10.23 36.87 13.31
N THR D 242 10.44 36.36 12.09
CA THR D 242 10.18 37.14 10.89
C THR D 242 9.28 36.44 9.89
N ASN D 243 8.78 35.25 10.21
CA ASN D 243 7.99 34.50 9.25
C ASN D 243 7.19 33.44 10.01
N MET D 244 6.38 32.68 9.26
CA MET D 244 5.48 31.72 9.88
C MET D 244 6.23 30.59 10.55
N LEU D 245 7.26 30.06 9.88
CA LEU D 245 8.02 28.96 10.48
C LEU D 245 8.66 29.39 11.79
N ASP D 246 9.21 30.60 11.84
CA ASP D 246 9.69 31.14 13.11
C ASP D 246 8.58 31.18 14.15
N THR D 247 7.38 31.61 13.74
CA THR D 247 6.26 31.72 14.67
C THR D 247 5.88 30.35 15.23
N LEU D 248 5.81 29.33 14.36
CA LEU D 248 5.48 28.00 14.83
C LEU D 248 6.59 27.44 15.72
N MET D 249 7.84 27.60 15.29
CA MET D 249 8.95 27.03 16.04
C MET D 249 9.13 27.70 17.41
N GLN D 250 8.90 29.01 17.47
CA GLN D 250 8.93 29.68 18.75
C GLN D 250 7.82 29.16 19.67
N ALA D 251 6.62 28.95 19.12
CA ALA D 251 5.53 28.41 19.92
C ALA D 251 5.91 27.07 20.51
N LYS D 252 6.55 26.20 19.72
CA LYS D 252 6.97 24.90 20.24
C LYS D 252 7.99 25.07 21.37
N MET D 253 8.91 26.02 21.21
CA MET D 253 9.91 26.28 22.24
C MET D 253 9.25 26.74 23.54
N ASN D 254 8.33 27.70 23.44
CA ASN D 254 7.66 28.20 24.64
C ASN D 254 6.77 27.14 25.26
N SER D 255 6.21 26.24 24.44
CA SER D 255 5.54 25.08 24.99
C SER D 255 6.53 24.16 25.71
N ASP D 256 7.74 24.03 25.17
CA ASP D 256 8.80 23.24 25.78
C ASP D 256 9.61 24.05 26.78
N GLN D 264 1.51 20.82 27.25
CA GLN D 264 0.22 20.97 26.59
C GLN D 264 0.38 21.23 25.10
N ASP D 265 0.80 22.45 24.77
CA ASP D 265 0.80 22.89 23.38
C ASP D 265 1.84 22.18 22.51
N SER D 266 2.89 21.62 23.12
CA SER D 266 4.03 21.13 22.34
C SER D 266 3.63 19.96 21.45
N GLU D 267 2.74 19.08 21.92
CA GLU D 267 2.32 17.94 21.10
C GLU D 267 1.61 18.42 19.85
N LEU D 268 0.78 19.47 19.97
CA LEU D 268 0.08 20.03 18.81
C LEU D 268 1.01 20.77 17.87
N LEU D 269 2.29 20.92 18.21
CA LEU D 269 3.27 21.58 17.36
C LEU D 269 4.33 20.61 16.86
N SER D 270 3.99 19.33 16.76
CA SER D 270 4.88 18.32 16.19
C SER D 270 5.39 18.79 14.84
N ASP D 271 6.55 18.28 14.41
CA ASP D 271 7.09 18.67 13.11
C ASP D 271 6.10 18.37 12.00
N ASN D 272 5.23 17.37 12.18
CA ASN D 272 4.23 17.05 11.17
C ASN D 272 3.07 18.04 11.20
N HIS D 273 2.64 18.45 12.39
CA HIS D 273 1.63 19.49 12.47
C HIS D 273 2.14 20.79 11.85
N ILE D 274 3.44 21.06 12.02
CA ILE D 274 4.01 22.28 11.46
C ILE D 274 4.09 22.18 9.95
N LEU D 275 4.55 21.04 9.43
CA LEU D 275 4.67 20.87 7.99
C LEU D 275 3.32 21.05 7.31
N THR D 276 2.27 20.44 7.86
CA THR D 276 0.98 20.45 7.20
C THR D 276 0.35 21.84 7.23
N THR D 277 0.50 22.56 8.35
CA THR D 277 0.02 23.94 8.39
C THR D 277 0.71 24.79 7.33
N ILE D 278 2.03 24.63 7.20
CA ILE D 278 2.77 25.41 6.20
C ILE D 278 2.31 25.05 4.79
N GLY D 279 2.04 23.76 4.55
CA GLY D 279 1.62 23.35 3.22
C GLY D 279 0.21 23.82 2.88
N ASP D 280 -0.68 23.86 3.89
CA ASP D 280 -1.97 24.51 3.70
C ASP D 280 -1.80 25.96 3.27
N ILE D 281 -0.94 26.70 3.96
CA ILE D 281 -0.74 28.12 3.67
C ILE D 281 -0.09 28.30 2.30
N PHE D 282 0.92 27.48 2.00
CA PHE D 282 1.56 27.56 0.69
C PHE D 282 0.56 27.26 -0.42
N GLY D 283 -0.23 26.21 -0.25
CA GLY D 283 -1.16 25.82 -1.30
C GLY D 283 -2.29 26.81 -1.48
N ALA D 284 -2.88 27.25 -0.37
CA ALA D 284 -3.95 28.25 -0.44
C ALA D 284 -3.44 29.55 -1.06
N GLY D 285 -2.24 29.97 -0.66
CA GLY D 285 -1.73 31.25 -1.13
C GLY D 285 -1.44 31.28 -2.62
N VAL D 286 -1.10 30.14 -3.19
CA VAL D 286 -0.67 30.09 -4.58
C VAL D 286 -1.84 29.78 -5.51
N GLU D 287 -2.65 28.79 -5.17
CA GLU D 287 -3.64 28.28 -6.13
C GLU D 287 -4.90 29.13 -6.15
N THR D 288 -5.30 29.70 -5.02
CA THR D 288 -6.47 30.58 -5.02
C THR D 288 -6.18 31.86 -5.79
N THR D 289 -5.02 32.48 -5.53
CA THR D 289 -4.72 33.78 -6.14
C THR D 289 -4.41 33.64 -7.62
N THR D 290 -3.63 32.62 -7.99
CA THR D 290 -3.36 32.38 -9.41
C THR D 290 -4.65 32.14 -10.18
N SER D 291 -5.61 31.47 -9.56
CA SER D 291 -6.86 31.13 -10.26
C SER D 291 -7.70 32.38 -10.51
N VAL D 292 -7.77 33.27 -9.52
CA VAL D 292 -8.58 34.48 -9.67
C VAL D 292 -8.00 35.40 -10.75
N VAL D 293 -6.67 35.49 -10.81
CA VAL D 293 -6.04 36.32 -11.83
C VAL D 293 -6.45 35.85 -13.22
N LYS D 294 -6.36 34.53 -13.46
CA LYS D 294 -6.72 33.99 -14.76
C LYS D 294 -8.20 34.19 -15.06
N TRP D 295 -9.06 34.04 -14.05
CA TRP D 295 -10.49 34.25 -14.26
C TRP D 295 -10.76 35.70 -14.66
N THR D 296 -10.08 36.65 -14.02
CA THR D 296 -10.29 38.06 -14.34
C THR D 296 -9.82 38.38 -15.75
N LEU D 297 -8.61 37.93 -16.10
CA LEU D 297 -8.13 38.14 -17.46
C LEU D 297 -9.10 37.55 -18.48
N ALA D 298 -9.69 36.40 -18.17
CA ALA D 298 -10.62 35.77 -19.11
C ALA D 298 -11.86 36.63 -19.30
N PHE D 299 -12.46 37.09 -18.21
CA PHE D 299 -13.65 37.93 -18.32
C PHE D 299 -13.34 39.22 -19.09
N LEU D 300 -12.12 39.75 -18.94
CA LEU D 300 -11.76 40.97 -19.64
C LEU D 300 -11.63 40.73 -21.14
N LEU D 301 -11.10 39.56 -21.53
CA LEU D 301 -11.04 39.25 -22.96
C LEU D 301 -12.42 39.24 -23.58
N HIS D 302 -13.43 38.79 -22.83
CA HIS D 302 -14.80 38.74 -23.32
C HIS D 302 -15.52 40.09 -23.24
N ASN D 303 -15.09 40.97 -22.33
CA ASN D 303 -15.74 42.24 -22.06
C ASN D 303 -14.76 43.37 -22.35
N PRO D 304 -14.49 43.65 -23.63
CA PRO D 304 -13.51 44.70 -23.95
C PRO D 304 -13.97 46.11 -23.58
N GLN D 305 -15.28 46.35 -23.48
CA GLN D 305 -15.74 47.66 -23.02
C GLN D 305 -15.35 47.91 -21.57
N VAL D 306 -15.31 46.87 -20.74
CA VAL D 306 -14.81 47.02 -19.38
C VAL D 306 -13.31 47.23 -19.38
N LYS D 307 -12.60 46.54 -20.27
CA LYS D 307 -11.14 46.60 -20.28
C LYS D 307 -10.66 47.98 -20.71
N LYS D 308 -11.36 48.62 -21.64
CA LYS D 308 -10.99 49.98 -22.04
C LYS D 308 -11.18 50.95 -20.87
N LYS D 309 -12.34 50.90 -20.23
CA LYS D 309 -12.58 51.78 -19.09
C LYS D 309 -11.55 51.56 -17.99
N LEU D 310 -11.00 50.34 -17.88
CA LEU D 310 -9.99 50.11 -16.84
C LEU D 310 -8.67 50.76 -17.21
N TYR D 311 -8.28 50.67 -18.48
CA TYR D 311 -7.07 51.38 -18.92
C TYR D 311 -7.20 52.89 -18.68
N GLU D 312 -8.37 53.45 -18.99
CA GLU D 312 -8.57 54.88 -18.77
C GLU D 312 -8.45 55.23 -17.29
N GLU D 313 -9.05 54.43 -16.42
CA GLU D 313 -9.00 54.70 -15.00
C GLU D 313 -7.56 54.75 -14.50
N ILE D 314 -6.79 53.71 -14.78
CA ILE D 314 -5.40 53.67 -14.32
C ILE D 314 -4.60 54.80 -14.95
N ASP D 315 -4.95 55.19 -16.18
CA ASP D 315 -4.24 56.28 -16.84
C ASP D 315 -4.49 57.61 -16.13
N GLN D 316 -5.77 57.96 -15.94
CA GLN D 316 -6.09 59.26 -15.36
C GLN D 316 -5.67 59.36 -13.89
N ASN D 317 -5.76 58.26 -13.14
CA ASN D 317 -5.57 58.31 -11.70
C ASN D 317 -4.18 57.92 -11.25
N VAL D 318 -3.49 57.06 -12.00
CA VAL D 318 -2.11 56.72 -11.68
C VAL D 318 -1.12 57.28 -12.70
N GLY D 319 -1.53 57.45 -13.96
CA GLY D 319 -0.60 57.91 -14.95
C GLY D 319 0.59 56.97 -15.03
N PHE D 320 1.67 57.48 -15.60
CA PHE D 320 2.86 56.68 -15.82
C PHE D 320 4.10 57.23 -15.11
N SER D 321 3.93 58.21 -14.23
CA SER D 321 5.06 58.68 -13.45
C SER D 321 5.44 57.71 -12.33
N ARG D 322 4.60 56.71 -12.05
CA ARG D 322 4.87 55.79 -10.96
C ARG D 322 4.14 54.47 -11.23
N THR D 323 4.57 53.41 -10.48
CA THR D 323 3.87 52.14 -10.48
C THR D 323 2.77 52.14 -9.43
N PRO D 324 1.71 51.36 -9.64
CA PRO D 324 0.59 51.39 -8.67
C PRO D 324 1.01 50.97 -7.27
N THR D 325 0.27 51.49 -6.29
CA THR D 325 0.49 51.18 -4.88
C THR D 325 -0.84 50.75 -4.26
N ILE D 326 -0.79 50.25 -3.04
CA ILE D 326 -2.00 49.81 -2.38
C ILE D 326 -2.88 50.99 -2.03
N SER D 327 -2.29 52.17 -1.85
CA SER D 327 -3.12 53.34 -1.61
C SER D 327 -4.06 53.64 -2.77
N ASP D 328 -3.81 53.06 -3.94
CA ASP D 328 -4.61 53.35 -5.13
C ASP D 328 -5.91 52.56 -5.18
N ARG D 329 -6.20 51.73 -4.17
CA ARG D 329 -7.48 51.04 -4.12
C ARG D 329 -8.63 52.00 -3.80
N ASN D 330 -8.34 53.13 -3.16
CA ASN D 330 -9.34 54.14 -2.90
C ASN D 330 -9.65 54.99 -4.13
N ARG D 331 -8.97 54.75 -5.22
CA ARG D 331 -9.05 55.59 -6.40
C ARG D 331 -9.36 54.80 -7.65
N LEU D 332 -8.81 53.60 -7.79
CA LEU D 332 -9.12 52.71 -8.90
C LEU D 332 -10.37 51.90 -8.54
N LEU D 333 -11.49 52.61 -8.54
CA LEU D 333 -12.75 52.03 -8.07
C LEU D 333 -13.23 50.90 -8.98
N LEU D 334 -13.15 51.10 -10.29
CA LEU D 334 -13.65 50.07 -11.20
C LEU D 334 -12.80 48.82 -11.17
N LEU D 335 -11.51 48.95 -10.80
CA LEU D 335 -10.67 47.76 -10.67
C LEU D 335 -11.11 46.92 -9.48
N GLU D 336 -11.22 47.56 -8.30
CA GLU D 336 -11.72 46.83 -7.13
C GLU D 336 -13.10 46.27 -7.40
N ALA D 337 -13.93 47.01 -8.15
CA ALA D 337 -15.28 46.53 -8.46
C ALA D 337 -15.22 45.33 -9.42
N THR D 338 -14.26 45.35 -10.34
CA THR D 338 -14.09 44.19 -11.23
C THR D 338 -13.63 42.97 -10.45
N ILE D 339 -12.74 43.16 -9.47
CA ILE D 339 -12.28 42.05 -8.66
C ILE D 339 -13.43 41.49 -7.84
N ARG D 340 -14.27 42.36 -7.27
CA ARG D 340 -15.42 41.89 -6.51
C ARG D 340 -16.35 41.07 -7.40
N GLU D 341 -16.57 41.53 -8.64
CA GLU D 341 -17.52 40.86 -9.52
C GLU D 341 -17.00 39.51 -9.99
N VAL D 342 -15.68 39.33 -10.02
CA VAL D 342 -15.13 38.02 -10.36
C VAL D 342 -15.28 37.06 -9.19
N LEU D 343 -15.11 37.56 -7.96
CA LEU D 343 -15.31 36.73 -6.79
C LEU D 343 -16.77 36.36 -6.59
N ARG D 344 -17.69 37.15 -7.14
CA ARG D 344 -19.11 36.79 -7.08
C ARG D 344 -19.47 35.77 -8.15
N LEU D 345 -19.02 36.02 -9.38
CA LEU D 345 -19.45 35.21 -10.51
C LEU D 345 -18.75 33.86 -10.53
N ARG D 346 -17.47 33.82 -10.16
CA ARG D 346 -16.69 32.59 -10.14
C ARG D 346 -15.96 32.48 -8.80
N PRO D 347 -16.69 32.22 -7.73
CA PRO D 347 -16.04 32.10 -6.42
C PRO D 347 -15.00 30.99 -6.42
N VAL D 348 -13.85 31.27 -5.80
CA VAL D 348 -12.78 30.28 -5.76
C VAL D 348 -13.27 28.98 -5.14
N ALA D 349 -14.26 29.06 -4.25
CA ALA D 349 -14.81 27.90 -3.55
C ALA D 349 -16.33 27.99 -3.65
N PRO D 350 -16.90 27.51 -4.76
CA PRO D 350 -18.36 27.67 -4.94
C PRO D 350 -19.19 27.02 -3.87
N MET D 351 -18.64 26.09 -3.10
CA MET D 351 -19.36 25.43 -2.01
C MET D 351 -18.57 25.54 -0.71
N LEU D 352 -17.72 26.54 -0.62
CA LEU D 352 -16.83 26.74 0.53
C LEU D 352 -16.09 25.43 0.77
N ILE D 353 -15.78 25.16 2.04
CA ILE D 353 -15.29 23.88 2.50
C ILE D 353 -16.43 23.32 3.36
N PRO D 354 -16.72 22.02 3.27
CA PRO D 354 -17.83 21.48 4.06
C PRO D 354 -17.66 21.76 5.54
N HIS D 355 -18.77 22.07 6.21
CA HIS D 355 -18.80 22.26 7.64
C HIS D 355 -19.41 21.02 8.30
N LYS D 356 -19.44 21.02 9.63
CA LYS D 356 -20.00 19.90 10.38
C LYS D 356 -20.54 20.40 11.70
N ALA D 357 -21.67 19.84 12.12
CA ALA D 357 -22.30 20.23 13.38
C ALA D 357 -21.56 19.56 14.54
N ASN D 358 -21.00 20.38 15.43
CA ASN D 358 -20.34 19.84 16.61
C ASN D 358 -21.34 19.46 17.71
N VAL D 359 -22.58 19.93 17.59
CA VAL D 359 -23.60 19.72 18.61
C VAL D 359 -24.96 19.67 17.93
N ASP D 360 -25.93 19.07 18.61
CA ASP D 360 -27.31 19.19 18.17
C ASP D 360 -27.69 20.66 18.11
N SER D 361 -28.08 21.13 16.93
CA SER D 361 -28.35 22.55 16.73
C SER D 361 -29.51 22.71 15.77
N SER D 362 -29.55 23.83 15.05
CA SER D 362 -30.66 24.09 14.15
C SER D 362 -30.25 25.15 13.15
N ILE D 363 -30.89 25.10 11.98
CA ILE D 363 -30.72 26.10 10.93
C ILE D 363 -32.11 26.53 10.51
N GLY D 364 -32.42 27.81 10.67
CA GLY D 364 -33.80 28.23 10.43
C GLY D 364 -34.72 27.47 11.36
N GLU D 365 -35.80 26.93 10.79
CA GLU D 365 -36.82 26.20 11.55
C GLU D 365 -36.56 24.71 11.61
N PHE D 366 -35.39 24.24 11.19
CA PHE D 366 -35.12 22.82 11.02
C PHE D 366 -34.05 22.38 12.01
N ALA D 367 -34.28 21.23 12.65
CA ALA D 367 -33.28 20.65 13.54
C ALA D 367 -32.15 20.04 12.72
N VAL D 368 -30.95 20.06 13.29
CA VAL D 368 -29.77 19.47 12.66
C VAL D 368 -28.99 18.73 13.74
N ASP D 369 -28.83 17.43 13.58
CA ASP D 369 -28.23 16.62 14.62
C ASP D 369 -26.70 16.73 14.59
N LYS D 370 -26.09 16.46 15.74
CA LYS D 370 -24.65 16.42 15.84
C LYS D 370 -24.08 15.48 14.78
N GLY D 371 -22.99 15.90 14.14
CA GLY D 371 -22.31 15.11 13.14
C GLY D 371 -22.77 15.36 11.72
N THR D 372 -23.90 16.03 11.53
CA THR D 372 -24.39 16.32 10.19
C THR D 372 -23.41 17.22 9.44
N GLU D 373 -23.11 16.85 8.20
CA GLU D 373 -22.32 17.68 7.31
C GLU D 373 -23.20 18.78 6.74
N VAL D 374 -22.72 20.02 6.76
CA VAL D 374 -23.46 21.17 6.25
C VAL D 374 -22.61 21.83 5.17
N ILE D 375 -23.22 22.04 4.00
CA ILE D 375 -22.57 22.66 2.86
C ILE D 375 -23.29 23.96 2.55
N ILE D 376 -22.54 25.04 2.40
CA ILE D 376 -23.07 26.32 1.98
C ILE D 376 -22.88 26.44 0.48
N ASN D 377 -23.97 26.54 -0.28
CA ASN D 377 -23.91 26.73 -1.71
C ASN D 377 -23.69 28.23 -1.97
N LEU D 378 -22.41 28.63 -1.96
CA LEU D 378 -22.09 30.03 -2.21
C LEU D 378 -22.51 30.44 -3.62
N TRP D 379 -22.43 29.52 -4.58
CA TRP D 379 -22.93 29.82 -5.92
C TRP D 379 -24.39 30.28 -5.87
N ALA D 380 -25.20 29.62 -5.04
CA ALA D 380 -26.60 30.00 -4.91
C ALA D 380 -26.74 31.40 -4.34
N LEU D 381 -26.04 31.68 -3.24
CA LEU D 381 -26.06 33.02 -2.67
C LEU D 381 -25.72 34.06 -3.71
N HIS D 382 -24.70 33.79 -4.53
CA HIS D 382 -24.19 34.79 -5.46
C HIS D 382 -25.03 34.95 -6.71
N HIS D 383 -25.90 33.98 -7.00
CA HIS D 383 -26.76 34.05 -8.19
C HIS D 383 -28.24 34.09 -7.81
N ASN D 384 -28.55 34.45 -6.58
CA ASN D 384 -29.94 34.66 -6.18
C ASN D 384 -30.53 35.83 -6.94
N GLU D 385 -31.59 35.58 -7.70
CA GLU D 385 -32.17 36.63 -8.54
C GLU D 385 -32.87 37.70 -7.71
N LYS D 386 -33.38 37.33 -6.54
CA LYS D 386 -34.03 38.30 -5.68
C LYS D 386 -33.02 39.24 -5.01
N GLU D 387 -31.75 38.86 -4.96
CA GLU D 387 -30.71 39.66 -4.33
C GLU D 387 -29.77 40.30 -5.34
N TRP D 388 -29.80 39.87 -6.60
CA TRP D 388 -28.89 40.36 -7.63
C TRP D 388 -29.69 40.64 -8.89
N HIS D 389 -29.26 41.65 -9.64
CA HIS D 389 -29.83 41.95 -10.96
C HIS D 389 -28.96 41.31 -12.03
N GLN D 390 -29.58 40.56 -12.93
CA GLN D 390 -28.88 39.83 -13.98
C GLN D 390 -27.70 39.06 -13.39
N PRO D 391 -27.95 38.17 -12.44
CA PRO D 391 -26.85 37.49 -11.74
C PRO D 391 -25.89 36.77 -12.67
N ASP D 392 -26.40 36.25 -13.78
CA ASP D 392 -25.57 35.52 -14.72
C ASP D 392 -24.62 36.41 -15.50
N GLN D 393 -24.66 37.73 -15.29
CA GLN D 393 -23.94 38.67 -16.11
C GLN D 393 -22.74 39.25 -15.37
N PHE D 394 -21.67 39.50 -16.14
CA PHE D 394 -20.44 40.10 -15.61
C PHE D 394 -20.61 41.61 -15.68
N MET D 395 -21.06 42.19 -14.57
CA MET D 395 -21.31 43.63 -14.47
C MET D 395 -20.56 44.17 -13.26
N PRO D 396 -19.27 44.48 -13.41
CA PRO D 396 -18.55 45.10 -12.28
C PRO D 396 -19.25 46.33 -11.75
N GLU D 397 -19.94 47.06 -12.63
CA GLU D 397 -20.60 48.30 -12.25
C GLU D 397 -21.65 48.08 -11.17
N ARG D 398 -22.08 46.84 -10.93
CA ARG D 398 -23.04 46.60 -9.86
C ARG D 398 -22.45 46.96 -8.49
N PHE D 399 -21.12 47.01 -8.37
CA PHE D 399 -20.45 47.36 -7.12
C PHE D 399 -20.05 48.82 -7.09
N LEU D 400 -20.61 49.65 -7.97
CA LEU D 400 -20.38 51.09 -7.96
C LEU D 400 -21.73 51.80 -8.00
N ASN D 401 -21.76 53.02 -7.45
CA ASN D 401 -22.97 53.83 -7.50
C ASN D 401 -23.25 54.22 -8.95
N PRO D 402 -24.44 54.74 -9.23
CA PRO D 402 -24.77 55.10 -10.62
C PRO D 402 -23.80 56.08 -11.25
N ALA D 403 -23.26 57.02 -10.48
CA ALA D 403 -22.31 57.99 -11.02
C ALA D 403 -20.93 57.40 -11.26
N GLY D 404 -20.65 56.20 -10.76
CA GLY D 404 -19.32 55.65 -10.87
C GLY D 404 -18.31 56.32 -9.97
N THR D 405 -18.77 57.03 -8.95
CA THR D 405 -17.90 57.79 -8.06
C THR D 405 -17.71 57.12 -6.71
N GLN D 406 -18.39 56.00 -6.45
CA GLN D 406 -18.34 55.39 -5.13
C GLN D 406 -18.57 53.89 -5.25
N LEU D 407 -17.81 53.13 -4.47
CA LEU D 407 -18.09 51.70 -4.32
C LEU D 407 -19.29 51.50 -3.42
N ILE D 408 -19.99 50.39 -3.63
CA ILE D 408 -21.16 50.02 -2.85
C ILE D 408 -21.16 48.51 -2.62
N SER D 409 -22.13 48.05 -1.83
CA SER D 409 -22.38 46.63 -1.60
C SER D 409 -23.83 46.37 -2.01
N PRO D 410 -24.08 46.00 -3.27
CA PRO D 410 -25.47 45.91 -3.74
C PRO D 410 -26.27 44.79 -3.10
N SER D 411 -25.69 43.98 -2.23
CA SER D 411 -26.41 42.84 -1.70
C SER D 411 -25.68 42.28 -0.49
N VAL D 412 -26.46 41.68 0.41
CA VAL D 412 -25.88 40.95 1.54
C VAL D 412 -25.63 39.49 1.22
N SER D 413 -26.09 39.01 0.08
CA SER D 413 -25.86 37.63 -0.35
C SER D 413 -24.51 37.52 -1.05
N TYR D 414 -23.45 37.83 -0.30
CA TYR D 414 -22.11 37.94 -0.87
C TYR D 414 -21.11 37.55 0.22
N LEU D 415 -20.47 36.40 0.06
CA LEU D 415 -19.52 35.92 1.05
C LEU D 415 -18.38 35.16 0.37
N PRO D 416 -17.65 35.81 -0.54
CA PRO D 416 -16.58 35.08 -1.27
C PRO D 416 -15.50 34.52 -0.37
N PHE D 417 -15.28 35.13 0.80
CA PHE D 417 -14.24 34.71 1.74
C PHE D 417 -14.82 34.01 2.96
N GLY D 418 -16.05 33.50 2.86
CA GLY D 418 -16.68 32.87 4.00
C GLY D 418 -17.01 33.91 5.07
N ALA D 419 -17.17 33.42 6.29
CA ALA D 419 -17.45 34.28 7.43
C ALA D 419 -17.44 33.43 8.70
N GLY D 420 -17.12 34.07 9.82
CA GLY D 420 -17.15 33.41 11.10
C GLY D 420 -15.90 32.59 11.39
N PRO D 421 -16.05 31.57 12.25
CA PRO D 421 -14.86 30.91 12.80
C PRO D 421 -13.98 30.22 11.77
N ARG D 422 -14.54 29.74 10.66
CA ARG D 422 -13.75 29.08 9.62
C ARG D 422 -13.49 30.00 8.43
N SER D 423 -13.64 31.31 8.61
CA SER D 423 -13.47 32.24 7.50
C SER D 423 -12.01 32.24 7.02
N CYS D 424 -11.83 32.76 5.85
CA CYS D 424 -10.49 32.85 5.21
C CYS D 424 -9.54 33.72 6.02
N ILE D 425 -8.38 33.20 6.34
CA ILE D 425 -7.40 33.96 7.11
C ILE D 425 -6.39 34.67 6.21
N GLY D 426 -6.54 34.56 4.90
CA GLY D 426 -5.64 35.21 3.97
C GLY D 426 -6.32 36.22 3.07
N GLU D 427 -7.46 36.74 3.55
CA GLU D 427 -8.22 37.67 2.73
C GLU D 427 -7.43 38.94 2.46
N ILE D 428 -6.73 39.46 3.47
CA ILE D 428 -5.99 40.71 3.28
C ILE D 428 -4.89 40.52 2.25
N LEU D 429 -4.07 39.48 2.41
CA LEU D 429 -3.04 39.18 1.41
C LEU D 429 -3.66 39.05 0.03
N ALA D 430 -4.75 38.28 -0.07
CA ALA D 430 -5.34 37.98 -1.38
C ALA D 430 -5.90 39.23 -2.04
N ARG D 431 -6.54 40.10 -1.26
CA ARG D 431 -7.14 41.31 -1.82
C ARG D 431 -6.07 42.29 -2.30
N GLN D 432 -4.90 42.25 -1.70
CA GLN D 432 -3.81 43.12 -2.10
C GLN D 432 -3.06 42.54 -3.28
N GLU D 433 -2.81 41.24 -3.26
CA GLU D 433 -2.16 40.59 -4.40
C GLU D 433 -3.01 40.74 -5.66
N LEU D 434 -4.30 40.43 -5.58
CA LEU D 434 -5.15 40.51 -6.75
C LEU D 434 -5.21 41.93 -7.29
N PHE D 435 -5.24 42.93 -6.40
CA PHE D 435 -5.34 44.31 -6.84
C PHE D 435 -4.05 44.76 -7.52
N LEU D 436 -2.92 44.55 -6.88
CA LEU D 436 -1.67 45.02 -7.44
C LEU D 436 -1.32 44.35 -8.75
N ILE D 437 -1.52 43.04 -8.85
CA ILE D 437 -1.23 42.35 -10.11
C ILE D 437 -2.01 42.98 -11.25
N MET D 438 -3.34 43.06 -11.11
CA MET D 438 -4.15 43.61 -12.18
C MET D 438 -3.76 45.05 -12.48
N ALA D 439 -3.49 45.85 -11.45
CA ALA D 439 -3.09 47.24 -11.66
C ALA D 439 -1.83 47.31 -12.51
N TRP D 440 -0.76 46.64 -12.07
CA TRP D 440 0.51 46.72 -12.80
C TRP D 440 0.36 46.21 -14.23
N LEU D 441 -0.37 45.11 -14.43
CA LEU D 441 -0.50 44.53 -15.76
C LEU D 441 -1.28 45.46 -16.68
N LEU D 442 -2.39 46.02 -16.20
CA LEU D 442 -3.17 46.93 -17.03
C LEU D 442 -2.42 48.22 -17.31
N GLN D 443 -1.60 48.67 -16.35
CA GLN D 443 -0.80 49.87 -16.60
C GLN D 443 0.14 49.66 -17.78
N ARG D 444 0.66 48.44 -17.92
CA ARG D 444 1.82 48.20 -18.77
C ARG D 444 1.54 47.34 -19.99
N PHE D 445 0.45 46.58 -20.01
CA PHE D 445 0.25 45.58 -21.05
C PHE D 445 -1.13 45.66 -21.68
N ASP D 446 -1.15 45.66 -23.00
CA ASP D 446 -2.38 45.40 -23.76
C ASP D 446 -2.64 43.91 -23.76
N LEU D 447 -3.83 43.51 -23.32
CA LEU D 447 -4.19 42.12 -23.12
C LEU D 447 -5.31 41.78 -24.09
N GLU D 448 -4.99 41.03 -25.14
CA GLU D 448 -5.91 40.81 -26.24
C GLU D 448 -6.01 39.33 -26.60
N VAL D 449 -7.14 38.98 -27.19
CA VAL D 449 -7.39 37.64 -27.70
C VAL D 449 -6.24 37.24 -28.62
N PRO D 450 -5.74 35.99 -28.54
CA PRO D 450 -4.64 35.60 -29.42
C PRO D 450 -5.04 35.74 -30.88
N ASP D 451 -4.03 35.61 -31.75
CA ASP D 451 -4.26 35.83 -33.18
C ASP D 451 -5.22 34.81 -33.75
N ASP D 452 -5.13 33.56 -33.30
CA ASP D 452 -6.06 32.54 -33.76
C ASP D 452 -7.51 32.91 -33.44
N GLY D 453 -7.73 33.82 -32.49
CA GLY D 453 -9.06 34.26 -32.15
C GLY D 453 -9.78 33.42 -31.11
N GLN D 454 -9.06 32.61 -30.34
CA GLN D 454 -9.68 31.72 -29.38
C GLN D 454 -10.03 32.48 -28.11
N LEU D 455 -11.33 32.57 -27.80
CA LEU D 455 -11.75 33.14 -26.54
C LEU D 455 -11.70 32.08 -25.44
N PRO D 456 -11.25 32.43 -24.24
CA PRO D 456 -11.26 31.44 -23.15
C PRO D 456 -12.68 30.96 -22.86
N SER D 457 -12.79 29.74 -22.36
CA SER D 457 -14.06 29.22 -21.91
C SER D 457 -14.28 29.62 -20.46
N LEU D 458 -15.49 30.06 -20.15
CA LEU D 458 -15.82 30.51 -18.80
C LEU D 458 -16.71 29.51 -18.07
N GLU D 459 -16.88 28.31 -18.61
CA GLU D 459 -17.70 27.29 -17.95
C GLU D 459 -17.06 26.85 -16.64
N GLY D 460 -15.74 26.68 -16.64
CA GLY D 460 -15.02 26.35 -15.43
C GLY D 460 -14.95 24.85 -15.18
N ILE D 461 -13.96 24.48 -14.38
CA ILE D 461 -13.74 23.10 -13.97
C ILE D 461 -13.84 23.05 -12.45
N PRO D 462 -15.00 22.65 -11.91
CA PRO D 462 -15.15 22.62 -10.45
C PRO D 462 -14.26 21.56 -9.82
N LYS D 463 -13.30 22.02 -9.03
CA LYS D 463 -12.47 21.14 -8.21
C LYS D 463 -12.57 21.68 -6.78
N VAL D 464 -11.63 21.28 -5.93
CA VAL D 464 -11.53 21.92 -4.62
C VAL D 464 -11.33 23.42 -4.79
N VAL D 465 -10.76 23.83 -5.92
CA VAL D 465 -10.74 25.21 -6.40
C VAL D 465 -11.50 25.25 -7.72
N PHE D 466 -12.29 26.29 -7.94
CA PHE D 466 -13.02 26.43 -9.20
C PHE D 466 -12.07 26.98 -10.25
N LEU D 467 -11.58 26.09 -11.11
CA LEU D 467 -10.55 26.42 -12.09
C LEU D 467 -11.17 26.79 -13.43
N ILE D 468 -10.41 27.56 -14.20
CA ILE D 468 -10.76 27.85 -15.59
C ILE D 468 -9.85 27.02 -16.48
N ASP D 469 -10.38 26.57 -17.61
CA ASP D 469 -9.56 25.93 -18.62
C ASP D 469 -8.40 26.85 -19.00
N SER D 470 -7.25 26.26 -19.29
CA SER D 470 -6.09 27.04 -19.74
C SER D 470 -6.44 27.79 -21.01
N PHE D 471 -5.85 28.98 -21.17
CA PHE D 471 -6.06 29.79 -22.36
C PHE D 471 -4.81 30.62 -22.61
N LYS D 472 -4.73 31.17 -23.82
CA LYS D 472 -3.63 32.02 -24.24
C LYS D 472 -4.12 33.45 -24.39
N VAL D 473 -3.20 34.40 -24.25
CA VAL D 473 -3.51 35.83 -24.37
C VAL D 473 -2.38 36.52 -25.12
N LYS D 474 -2.74 37.31 -26.12
CA LYS D 474 -1.74 38.11 -26.83
C LYS D 474 -1.31 39.28 -25.96
N ILE D 475 -0.03 39.32 -25.59
CA ILE D 475 0.51 40.29 -24.67
C ILE D 475 1.44 41.24 -25.44
N LYS D 476 1.23 42.54 -25.26
CA LYS D 476 2.11 43.53 -25.86
C LYS D 476 2.22 44.73 -24.94
N VAL D 477 3.44 45.26 -24.82
CA VAL D 477 3.63 46.47 -24.05
C VAL D 477 2.80 47.60 -24.67
N ARG D 478 2.04 48.29 -23.83
CA ARG D 478 1.18 49.36 -24.33
C ARG D 478 2.01 50.46 -24.97
N GLN D 479 1.46 51.04 -26.04
CA GLN D 479 2.11 52.22 -26.62
C GLN D 479 2.10 53.37 -25.63
N ALA D 480 1.02 53.52 -24.86
CA ALA D 480 0.96 54.58 -23.85
C ALA D 480 2.09 54.44 -22.83
N TRP D 481 2.36 53.21 -22.39
CA TRP D 481 3.51 53.00 -21.52
C TRP D 481 4.82 53.30 -22.23
N ARG D 482 4.88 53.02 -23.53
CA ARG D 482 6.11 53.24 -24.29
C ARG D 482 6.48 54.71 -24.32
N GLU D 483 5.54 55.56 -24.75
CA GLU D 483 5.84 56.97 -24.91
C GLU D 483 6.27 57.62 -23.60
N ALA D 484 5.69 57.17 -22.49
CA ALA D 484 6.01 57.78 -21.19
C ALA D 484 7.37 57.37 -20.65
N GLN D 485 8.06 56.42 -21.30
CA GLN D 485 9.41 56.06 -20.90
C GLN D 485 10.46 56.95 -21.55
#